data_1WIG
#
_entry.id   1WIG
#
loop_
_entity.id
_entity.type
_entity.pdbx_description
1 polymer 'KIAA1808 protein'
2 non-polymer 'ZINC ION'
#
_entity_poly.entity_id   1
_entity_poly.type   'polypeptide(L)'
_entity_poly.pdbx_seq_one_letter_code
;GSSGSSGCDSCEKYITGRVLEAGEKHYHPSCALCVRCGQMFAEGEEMYLQGSSIWHPACRQAARTEDSGPSSG
;
_entity_poly.pdbx_strand_id   A
#
loop_
_chem_comp.id
_chem_comp.type
_chem_comp.name
_chem_comp.formula
ZN non-polymer 'ZINC ION' 'Zn 2'
#
# COMPACT_ATOMS: atom_id res chain seq x y z
N GLY A 1 -9.57 9.05 -25.07
CA GLY A 1 -10.16 10.10 -24.26
C GLY A 1 -11.34 9.61 -23.45
N SER A 2 -12.21 10.54 -23.06
CA SER A 2 -13.39 10.20 -22.28
C SER A 2 -12.99 9.66 -20.91
N SER A 3 -13.77 10.00 -19.89
CA SER A 3 -13.50 9.56 -18.53
C SER A 3 -14.15 8.22 -18.25
N GLY A 4 -13.56 7.45 -17.35
CA GLY A 4 -14.10 6.14 -17.02
C GLY A 4 -13.43 5.53 -15.80
N SER A 5 -12.26 4.91 -16.01
CA SER A 5 -11.53 4.28 -14.92
C SER A 5 -10.04 4.20 -15.25
N SER A 6 -9.23 4.90 -14.46
CA SER A 6 -7.78 4.91 -14.66
C SER A 6 -7.08 5.56 -13.48
N GLY A 7 -6.90 4.80 -12.41
CA GLY A 7 -6.24 5.31 -11.23
C GLY A 7 -5.87 4.22 -10.24
N CYS A 8 -6.80 3.92 -9.34
CA CYS A 8 -6.58 2.89 -8.33
C CYS A 8 -6.28 1.54 -8.99
N ASP A 9 -5.57 0.68 -8.27
CA ASP A 9 -5.22 -0.65 -8.77
C ASP A 9 -5.95 -1.74 -8.00
N SER A 10 -6.33 -1.43 -6.77
CA SER A 10 -7.03 -2.38 -5.92
C SER A 10 -8.50 -2.49 -6.33
N CYS A 11 -9.14 -1.35 -6.52
CA CYS A 11 -10.54 -1.31 -6.90
C CYS A 11 -10.69 -0.95 -8.38
N GLU A 12 -9.63 -0.39 -8.96
CA GLU A 12 -9.63 0.00 -10.35
C GLU A 12 -10.66 1.11 -10.61
N LYS A 13 -10.60 2.15 -9.78
CA LYS A 13 -11.52 3.28 -9.91
C LYS A 13 -10.76 4.60 -9.88
N TYR A 14 -10.96 5.42 -10.90
CA TYR A 14 -10.30 6.72 -11.00
C TYR A 14 -10.25 7.40 -9.64
N ILE A 15 -9.22 8.22 -9.43
CA ILE A 15 -9.06 8.94 -8.17
C ILE A 15 -9.01 10.44 -8.40
N THR A 16 -10.05 11.14 -7.94
CA THR A 16 -10.12 12.60 -8.10
C THR A 16 -9.13 13.29 -7.18
N GLY A 17 -9.05 12.82 -5.94
CA GLY A 17 -8.14 13.42 -4.97
C GLY A 17 -6.75 12.82 -5.04
N ARG A 18 -6.00 12.93 -3.95
CA ARG A 18 -4.64 12.39 -3.88
C ARG A 18 -4.66 10.87 -3.98
N VAL A 19 -3.54 10.30 -4.38
CA VAL A 19 -3.42 8.85 -4.52
C VAL A 19 -2.18 8.33 -3.79
N LEU A 20 -2.33 7.18 -3.14
CA LEU A 20 -1.21 6.57 -2.43
C LEU A 20 -0.29 5.79 -3.36
N GLU A 21 0.76 6.45 -3.83
CA GLU A 21 1.71 5.82 -4.74
C GLU A 21 2.86 5.18 -3.96
N ALA A 22 3.06 3.89 -4.15
CA ALA A 22 4.12 3.16 -3.48
C ALA A 22 4.94 2.34 -4.47
N GLY A 23 6.06 2.91 -4.90
CA GLY A 23 6.92 2.22 -5.85
C GLY A 23 6.59 2.56 -7.29
N GLU A 24 5.60 1.88 -7.86
CA GLU A 24 5.19 2.11 -9.23
C GLU A 24 3.70 1.84 -9.41
N LYS A 25 2.92 2.12 -8.37
CA LYS A 25 1.48 1.91 -8.41
C LYS A 25 0.74 3.06 -7.75
N HIS A 26 -0.59 3.01 -7.80
CA HIS A 26 -1.41 4.05 -7.22
C HIS A 26 -2.69 3.46 -6.61
N TYR A 27 -3.03 3.90 -5.40
CA TYR A 27 -4.23 3.41 -4.73
C TYR A 27 -4.96 4.56 -4.04
N HIS A 28 -6.19 4.28 -3.58
CA HIS A 28 -7.00 5.28 -2.91
C HIS A 28 -6.46 5.56 -1.50
N PRO A 29 -6.87 6.69 -0.91
CA PRO A 29 -6.44 7.09 0.43
C PRO A 29 -7.03 6.20 1.52
N SER A 30 -7.75 5.16 1.10
CA SER A 30 -8.37 4.23 2.04
C SER A 30 -8.17 2.79 1.59
N CYS A 31 -8.16 2.58 0.27
CA CYS A 31 -7.98 1.25 -0.29
C CYS A 31 -6.68 0.62 0.20
N ALA A 32 -5.59 1.40 0.12
CA ALA A 32 -4.28 0.92 0.56
C ALA A 32 -4.09 1.14 2.05
N LEU A 33 -4.12 0.06 2.81
CA LEU A 33 -3.94 0.15 4.26
C LEU A 33 -2.82 -0.79 4.73
N CYS A 34 -1.91 -0.25 5.53
CA CYS A 34 -0.79 -1.02 6.05
C CYS A 34 -1.25 -2.43 6.43
N VAL A 35 -0.71 -3.42 5.74
CA VAL A 35 -1.05 -4.81 6.00
C VAL A 35 -0.87 -5.16 7.47
N ARG A 36 0.16 -4.58 8.09
CA ARG A 36 0.44 -4.82 9.50
C ARG A 36 -0.72 -4.33 10.37
N CYS A 37 -0.86 -3.02 10.49
CA CYS A 37 -1.91 -2.43 11.29
C CYS A 37 -3.12 -2.06 10.42
N GLY A 38 -2.86 -1.40 9.31
CA GLY A 38 -3.94 -1.01 8.41
C GLY A 38 -4.38 0.42 8.65
N GLN A 39 -3.45 1.29 9.01
CA GLN A 39 -3.76 2.69 9.27
C GLN A 39 -3.51 3.54 8.03
N MET A 40 -4.53 4.24 7.57
CA MET A 40 -4.41 5.09 6.40
C MET A 40 -3.18 5.99 6.50
N PHE A 41 -2.73 6.50 5.35
CA PHE A 41 -1.56 7.37 5.31
C PHE A 41 -1.93 8.76 4.81
N ALA A 42 -0.92 9.56 4.49
CA ALA A 42 -1.14 10.91 3.99
C ALA A 42 -1.04 10.96 2.47
N GLU A 43 -0.86 12.15 1.92
CA GLU A 43 -0.75 12.34 0.48
C GLU A 43 0.71 12.46 0.06
N GLY A 44 1.59 11.74 0.75
CA GLY A 44 3.00 11.80 0.42
C GLY A 44 3.87 11.30 1.56
N GLU A 45 3.45 10.21 2.19
CA GLU A 45 4.20 9.63 3.30
C GLU A 45 5.35 8.77 2.80
N GLU A 46 6.32 8.51 3.68
CA GLU A 46 7.47 7.70 3.32
C GLU A 46 7.50 6.40 4.12
N MET A 47 7.47 5.27 3.42
CA MET A 47 7.49 3.97 4.06
C MET A 47 8.26 2.95 3.22
N TYR A 48 8.60 1.82 3.83
CA TYR A 48 9.33 0.77 3.13
C TYR A 48 8.41 -0.05 2.23
N LEU A 49 8.89 -0.38 1.04
CA LEU A 49 8.10 -1.16 0.09
C LEU A 49 8.72 -2.54 -0.11
N GLN A 50 7.86 -3.55 -0.24
CA GLN A 50 8.31 -4.92 -0.44
C GLN A 50 7.35 -5.69 -1.34
N GLY A 51 7.85 -6.13 -2.49
CA GLY A 51 7.03 -6.86 -3.43
C GLY A 51 5.89 -6.03 -3.99
N SER A 52 4.87 -5.79 -3.17
CA SER A 52 3.71 -5.01 -3.59
C SER A 52 2.82 -4.69 -2.40
N SER A 53 3.42 -4.63 -1.21
CA SER A 53 2.66 -4.34 0.01
C SER A 53 3.23 -3.10 0.70
N ILE A 54 2.35 -2.37 1.39
CA ILE A 54 2.76 -1.17 2.10
C ILE A 54 3.09 -1.48 3.55
N TRP A 55 4.35 -1.30 3.92
CA TRP A 55 4.80 -1.56 5.29
C TRP A 55 5.24 -0.27 5.96
N HIS A 56 4.61 0.04 7.09
CA HIS A 56 4.93 1.26 7.83
C HIS A 56 6.39 1.25 8.26
N PRO A 57 6.90 2.43 8.65
CA PRO A 57 8.29 2.59 9.09
C PRO A 57 8.55 1.92 10.43
N ALA A 58 7.56 1.93 11.30
CA ALA A 58 7.67 1.31 12.62
C ALA A 58 7.19 -0.13 12.61
N CYS A 59 6.09 -0.37 11.88
CA CYS A 59 5.53 -1.71 11.79
C CYS A 59 6.54 -2.69 11.20
N ARG A 60 6.95 -2.45 9.96
CA ARG A 60 7.91 -3.30 9.28
C ARG A 60 8.97 -3.80 10.25
N GLN A 61 9.62 -2.86 10.94
CA GLN A 61 10.66 -3.21 11.90
C GLN A 61 10.32 -4.51 12.62
N ALA A 62 9.07 -4.63 13.05
CA ALA A 62 8.62 -5.83 13.76
C ALA A 62 8.44 -7.00 12.80
N ALA A 63 7.75 -6.76 11.70
CA ALA A 63 7.51 -7.79 10.70
C ALA A 63 8.67 -7.87 9.70
N ARG A 64 9.89 -7.78 10.22
CA ARG A 64 11.07 -7.85 9.38
C ARG A 64 11.31 -9.26 8.86
N THR A 65 11.42 -10.21 9.79
CA THR A 65 11.64 -11.60 9.43
C THR A 65 10.93 -12.54 10.39
N GLU A 66 9.63 -12.73 10.19
CA GLU A 66 8.84 -13.60 11.05
C GLU A 66 8.16 -14.69 10.24
N ASP A 67 8.79 -15.86 10.17
CA ASP A 67 8.25 -16.99 9.42
C ASP A 67 7.75 -16.53 8.05
N SER A 68 8.54 -15.69 7.39
CA SER A 68 8.18 -15.18 6.06
C SER A 68 9.28 -15.48 5.06
N GLY A 69 8.95 -16.26 4.04
CA GLY A 69 9.92 -16.59 3.01
C GLY A 69 10.25 -18.07 3.00
N PRO A 70 9.54 -18.83 2.16
CA PRO A 70 9.74 -20.28 2.03
C PRO A 70 11.06 -20.62 1.36
N SER A 71 11.37 -19.92 0.27
CA SER A 71 12.61 -20.15 -0.46
C SER A 71 13.50 -18.91 -0.43
N SER A 72 14.68 -19.06 0.16
CA SER A 72 15.63 -17.95 0.26
C SER A 72 16.86 -18.21 -0.59
N GLY A 73 16.82 -17.75 -1.84
CA GLY A 73 17.93 -17.94 -2.74
C GLY A 73 18.68 -16.66 -3.02
ZN ZN B . -9.49 2.31 -4.69
ZN ZN C . 1.29 -0.08 10.13
N GLY A 1 -17.44 2.27 -21.04
CA GLY A 1 -18.20 3.37 -20.48
C GLY A 1 -17.93 3.59 -19.01
N SER A 2 -16.88 4.35 -18.71
CA SER A 2 -16.50 4.62 -17.33
C SER A 2 -15.42 5.71 -17.26
N SER A 3 -15.85 6.94 -17.05
CA SER A 3 -14.93 8.07 -16.97
C SER A 3 -13.98 7.90 -15.79
N GLY A 4 -12.90 7.15 -16.00
CA GLY A 4 -11.93 6.93 -14.94
C GLY A 4 -10.72 6.16 -15.41
N SER A 5 -10.06 6.66 -16.44
CA SER A 5 -8.88 6.01 -16.99
C SER A 5 -7.66 6.28 -16.12
N SER A 6 -6.83 5.25 -15.94
CA SER A 6 -5.62 5.37 -15.12
C SER A 6 -5.96 5.91 -13.73
N GLY A 7 -6.14 5.00 -12.78
CA GLY A 7 -6.46 5.40 -11.43
C GLY A 7 -6.02 4.38 -10.40
N CYS A 8 -6.95 3.95 -9.56
CA CYS A 8 -6.66 2.97 -8.52
C CYS A 8 -6.21 1.65 -9.14
N ASP A 9 -5.42 0.89 -8.39
CA ASP A 9 -4.92 -0.40 -8.88
C ASP A 9 -5.33 -1.52 -7.92
N SER A 10 -6.44 -1.31 -7.22
CA SER A 10 -6.94 -2.31 -6.28
C SER A 10 -8.43 -2.55 -6.48
N CYS A 11 -9.16 -1.47 -6.77
CA CYS A 11 -10.61 -1.56 -6.98
C CYS A 11 -10.96 -1.21 -8.42
N GLU A 12 -9.95 -0.84 -9.20
CA GLU A 12 -10.16 -0.48 -10.60
C GLU A 12 -11.12 0.70 -10.72
N LYS A 13 -10.87 1.74 -9.93
CA LYS A 13 -11.72 2.94 -9.94
C LYS A 13 -10.87 4.20 -9.89
N TYR A 14 -11.32 5.24 -10.59
CA TYR A 14 -10.60 6.51 -10.61
C TYR A 14 -10.44 7.07 -9.20
N ILE A 15 -9.43 7.91 -9.02
CA ILE A 15 -9.17 8.51 -7.72
C ILE A 15 -9.30 10.04 -7.79
N THR A 16 -10.30 10.56 -7.10
CA THR A 16 -10.54 12.00 -7.08
C THR A 16 -9.75 12.67 -5.95
N GLY A 17 -8.62 13.29 -6.30
CA GLY A 17 -7.81 13.96 -5.33
C GLY A 17 -6.45 13.30 -5.15
N ARG A 18 -5.91 13.37 -3.94
CA ARG A 18 -4.61 12.78 -3.66
C ARG A 18 -4.66 11.26 -3.80
N VAL A 19 -3.56 10.68 -4.28
CA VAL A 19 -3.47 9.24 -4.47
C VAL A 19 -2.22 8.68 -3.81
N LEU A 20 -2.34 7.49 -3.24
CA LEU A 20 -1.21 6.83 -2.58
C LEU A 20 -0.30 6.16 -3.61
N GLU A 21 0.89 6.73 -3.78
CA GLU A 21 1.86 6.19 -4.73
C GLU A 21 2.83 5.24 -4.03
N ALA A 22 2.92 4.01 -4.54
CA ALA A 22 3.81 3.01 -3.96
C ALA A 22 4.64 2.33 -5.05
N GLY A 23 5.83 2.85 -5.28
CA GLY A 23 6.71 2.29 -6.30
C GLY A 23 6.46 2.87 -7.68
N GLU A 24 5.37 2.42 -8.31
CA GLU A 24 5.02 2.90 -9.65
C GLU A 24 3.53 2.74 -9.90
N LYS A 25 2.74 2.71 -8.83
CA LYS A 25 1.30 2.56 -8.93
C LYS A 25 0.58 3.57 -8.04
N HIS A 26 -0.74 3.61 -8.15
CA HIS A 26 -1.54 4.52 -7.34
C HIS A 26 -2.72 3.79 -6.70
N TYR A 27 -3.08 4.20 -5.49
CA TYR A 27 -4.19 3.58 -4.77
C TYR A 27 -4.98 4.63 -4.00
N HIS A 28 -6.27 4.34 -3.79
CA HIS A 28 -7.15 5.26 -3.08
C HIS A 28 -6.63 5.51 -1.66
N PRO A 29 -7.09 6.60 -1.04
CA PRO A 29 -6.69 6.98 0.31
C PRO A 29 -7.26 6.04 1.37
N SER A 30 -7.95 4.99 0.92
CA SER A 30 -8.55 4.02 1.81
C SER A 30 -8.24 2.59 1.35
N CYS A 31 -8.14 2.41 0.05
CA CYS A 31 -7.84 1.10 -0.52
C CYS A 31 -6.48 0.61 -0.06
N ALA A 32 -5.52 1.52 0.05
CA ALA A 32 -4.17 1.18 0.49
C ALA A 32 -4.04 1.31 2.01
N LEU A 33 -3.95 0.17 2.69
CA LEU A 33 -3.80 0.17 4.14
C LEU A 33 -2.63 -0.71 4.57
N CYS A 34 -1.85 -0.21 5.53
CA CYS A 34 -0.70 -0.94 6.03
C CYS A 34 -1.08 -2.38 6.42
N VAL A 35 -0.75 -3.33 5.55
CA VAL A 35 -1.07 -4.73 5.80
C VAL A 35 -0.90 -5.07 7.28
N ARG A 36 0.17 -4.58 7.88
CA ARG A 36 0.44 -4.83 9.29
C ARG A 36 -0.73 -4.37 10.16
N CYS A 37 -0.86 -3.05 10.31
CA CYS A 37 -1.93 -2.48 11.11
C CYS A 37 -3.11 -2.09 10.24
N GLY A 38 -2.83 -1.39 9.15
CA GLY A 38 -3.89 -0.97 8.25
C GLY A 38 -4.34 0.46 8.51
N GLN A 39 -3.40 1.31 8.91
CA GLN A 39 -3.72 2.71 9.20
C GLN A 39 -3.41 3.59 7.99
N MET A 40 -4.38 4.44 7.64
CA MET A 40 -4.21 5.34 6.51
C MET A 40 -2.93 6.16 6.64
N PHE A 41 -2.47 6.72 5.52
CA PHE A 41 -1.26 7.53 5.52
C PHE A 41 -1.56 8.96 5.06
N ALA A 42 -0.50 9.73 4.84
CA ALA A 42 -0.65 11.11 4.39
C ALA A 42 -0.49 11.22 2.88
N GLU A 43 -0.27 12.45 2.41
CA GLU A 43 -0.10 12.69 0.98
C GLU A 43 1.38 12.88 0.64
N GLY A 44 2.23 12.09 1.29
CA GLY A 44 3.66 12.19 1.03
C GLY A 44 4.48 11.54 2.14
N GLU A 45 4.05 10.37 2.59
CA GLU A 45 4.76 9.66 3.65
C GLU A 45 5.78 8.68 3.07
N GLU A 46 6.90 8.51 3.77
CA GLU A 46 7.94 7.61 3.31
C GLU A 46 7.95 6.33 4.13
N MET A 47 7.74 5.20 3.46
CA MET A 47 7.73 3.90 4.12
C MET A 47 8.31 2.82 3.22
N TYR A 48 8.65 1.68 3.82
CA TYR A 48 9.23 0.57 3.07
C TYR A 48 8.16 -0.14 2.24
N LEU A 49 8.50 -0.45 0.99
CA LEU A 49 7.58 -1.14 0.10
C LEU A 49 8.11 -2.50 -0.31
N GLN A 50 7.22 -3.47 -0.46
CA GLN A 50 7.60 -4.82 -0.85
C GLN A 50 6.56 -5.44 -1.77
N GLY A 51 6.99 -5.80 -2.97
CA GLY A 51 6.07 -6.41 -3.93
C GLY A 51 4.90 -5.51 -4.25
N SER A 52 3.89 -5.54 -3.38
CA SER A 52 2.69 -4.72 -3.58
C SER A 52 1.98 -4.46 -2.26
N SER A 53 2.75 -4.42 -1.18
CA SER A 53 2.20 -4.18 0.15
C SER A 53 2.88 -2.98 0.81
N ILE A 54 2.09 -2.19 1.53
CA ILE A 54 2.61 -1.02 2.22
C ILE A 54 2.97 -1.34 3.66
N TRP A 55 4.27 -1.27 3.97
CA TRP A 55 4.74 -1.55 5.33
C TRP A 55 5.23 -0.28 6.01
N HIS A 56 4.61 0.06 7.13
CA HIS A 56 4.98 1.26 7.88
C HIS A 56 6.44 1.19 8.32
N PRO A 57 7.00 2.35 8.70
CA PRO A 57 8.39 2.44 9.15
C PRO A 57 8.61 1.78 10.50
N ALA A 58 7.59 1.83 11.35
CA ALA A 58 7.68 1.24 12.69
C ALA A 58 7.14 -0.19 12.68
N CYS A 59 6.10 -0.43 11.88
CA CYS A 59 5.49 -1.75 11.78
C CYS A 59 6.47 -2.75 11.17
N ARG A 60 6.86 -2.50 9.92
CA ARG A 60 7.79 -3.39 9.22
C ARG A 60 8.89 -3.87 10.16
N GLN A 61 9.51 -2.94 10.87
CA GLN A 61 10.57 -3.27 11.80
C GLN A 61 10.23 -4.52 12.60
N ALA A 62 9.00 -4.59 13.09
CA ALA A 62 8.54 -5.74 13.87
C ALA A 62 8.40 -6.98 12.98
N ALA A 63 7.79 -6.80 11.81
CA ALA A 63 7.61 -7.90 10.88
C ALA A 63 8.94 -8.52 10.48
N ARG A 64 9.96 -7.68 10.33
CA ARG A 64 11.29 -8.15 9.95
C ARG A 64 11.67 -9.40 10.74
N THR A 65 11.56 -9.31 12.06
CA THR A 65 11.90 -10.43 12.93
C THR A 65 10.65 -11.15 13.41
N GLU A 66 10.64 -12.48 13.25
CA GLU A 66 9.49 -13.28 13.66
C GLU A 66 9.74 -14.76 13.38
N ASP A 67 10.46 -15.42 14.29
CA ASP A 67 10.77 -16.84 14.14
C ASP A 67 11.21 -17.15 12.70
N SER A 68 12.04 -16.27 12.15
CA SER A 68 12.54 -16.44 10.79
C SER A 68 13.33 -17.75 10.67
N GLY A 69 12.86 -18.62 9.76
CA GLY A 69 13.53 -19.89 9.57
C GLY A 69 12.72 -20.84 8.70
N PRO A 70 11.63 -21.37 9.28
CA PRO A 70 10.75 -22.31 8.58
C PRO A 70 9.96 -21.64 7.47
N SER A 71 10.17 -20.34 7.30
CA SER A 71 9.46 -19.58 6.28
C SER A 71 10.19 -19.67 4.94
N SER A 72 9.42 -19.67 3.86
CA SER A 72 9.98 -19.76 2.51
C SER A 72 10.70 -18.47 2.14
N GLY A 73 11.50 -18.53 1.08
CA GLY A 73 12.23 -17.37 0.64
C GLY A 73 11.88 -16.96 -0.78
ZN ZN B . -9.49 2.07 -4.88
ZN ZN C . 1.30 0.01 10.15
N GLY A 1 -2.91 -0.57 -26.73
CA GLY A 1 -2.10 -0.70 -25.54
C GLY A 1 -2.76 -0.09 -24.32
N SER A 2 -1.96 0.19 -23.30
CA SER A 2 -2.46 0.78 -22.06
C SER A 2 -2.06 2.25 -21.95
N SER A 3 -2.87 3.03 -21.25
CA SER A 3 -2.59 4.45 -21.07
C SER A 3 -2.23 4.75 -19.61
N GLY A 4 -1.19 5.56 -19.42
CA GLY A 4 -0.75 5.91 -18.08
C GLY A 4 -1.92 6.15 -17.15
N SER A 5 -2.25 5.15 -16.34
CA SER A 5 -3.35 5.26 -15.39
C SER A 5 -2.88 5.90 -14.09
N SER A 6 -3.65 6.87 -13.60
CA SER A 6 -3.32 7.56 -12.36
C SER A 6 -4.46 7.46 -11.35
N GLY A 7 -5.02 6.26 -11.21
CA GLY A 7 -6.11 6.04 -10.29
C GLY A 7 -5.77 5.02 -9.22
N CYS A 8 -6.71 4.13 -8.93
CA CYS A 8 -6.51 3.10 -7.92
C CYS A 8 -6.33 1.73 -8.56
N ASP A 9 -5.33 0.99 -8.09
CA ASP A 9 -5.04 -0.34 -8.62
C ASP A 9 -5.77 -1.41 -7.82
N SER A 10 -6.08 -1.10 -6.56
CA SER A 10 -6.75 -2.04 -5.67
C SER A 10 -8.14 -2.38 -6.21
N CYS A 11 -8.95 -1.35 -6.44
CA CYS A 11 -10.30 -1.53 -6.96
C CYS A 11 -10.40 -1.07 -8.42
N GLU A 12 -9.26 -0.98 -9.08
CA GLU A 12 -9.21 -0.54 -10.47
C GLU A 12 -10.22 0.56 -10.73
N LYS A 13 -10.14 1.62 -9.94
CA LYS A 13 -11.05 2.76 -10.07
C LYS A 13 -10.30 4.08 -10.00
N TYR A 14 -10.71 5.04 -10.81
CA TYR A 14 -10.07 6.36 -10.83
C TYR A 14 -10.09 6.99 -9.45
N ILE A 15 -9.15 7.88 -9.20
CA ILE A 15 -9.05 8.57 -7.91
C ILE A 15 -9.22 10.07 -8.08
N THR A 16 -10.44 10.55 -7.87
CA THR A 16 -10.74 11.98 -8.00
C THR A 16 -9.90 12.80 -7.03
N GLY A 17 -9.76 12.31 -5.80
CA GLY A 17 -8.98 13.01 -4.81
C GLY A 17 -7.50 12.69 -4.89
N ARG A 18 -6.84 12.61 -3.74
CA ARG A 18 -5.42 12.32 -3.69
C ARG A 18 -5.17 10.82 -3.85
N VAL A 19 -3.98 10.47 -4.34
CA VAL A 19 -3.62 9.07 -4.54
C VAL A 19 -2.38 8.70 -3.73
N LEU A 20 -2.40 7.52 -3.14
CA LEU A 20 -1.27 7.04 -2.33
C LEU A 20 -0.20 6.42 -3.22
N GLU A 21 0.86 7.17 -3.47
CA GLU A 21 1.96 6.69 -4.30
C GLU A 21 2.88 5.77 -3.50
N ALA A 22 2.92 4.50 -3.89
CA ALA A 22 3.77 3.52 -3.22
C ALA A 22 4.66 2.78 -4.21
N GLY A 23 5.87 3.29 -4.39
CA GLY A 23 6.80 2.67 -5.31
C GLY A 23 6.62 3.15 -6.73
N GLU A 24 5.59 2.65 -7.40
CA GLU A 24 5.31 3.03 -8.78
C GLU A 24 3.84 2.81 -9.12
N LYS A 25 3.01 2.67 -8.09
CA LYS A 25 1.59 2.46 -8.27
C LYS A 25 0.77 3.48 -7.50
N HIS A 26 -0.55 3.43 -7.65
CA HIS A 26 -1.44 4.36 -6.97
C HIS A 26 -2.63 3.63 -6.37
N TYR A 27 -3.11 4.12 -5.23
CA TYR A 27 -4.26 3.51 -4.56
C TYR A 27 -5.11 4.56 -3.86
N HIS A 28 -6.31 4.17 -3.46
CA HIS A 28 -7.23 5.08 -2.78
C HIS A 28 -6.79 5.32 -1.35
N PRO A 29 -7.30 6.42 -0.75
CA PRO A 29 -6.97 6.79 0.63
C PRO A 29 -7.58 5.83 1.65
N SER A 30 -8.28 4.81 1.16
CA SER A 30 -8.92 3.83 2.03
C SER A 30 -8.56 2.41 1.58
N CYS A 31 -8.34 2.23 0.29
CA CYS A 31 -7.99 0.92 -0.25
C CYS A 31 -6.59 0.51 0.18
N ALA A 32 -5.64 1.44 0.09
CA ALA A 32 -4.26 1.16 0.46
C ALA A 32 -4.07 1.36 1.97
N LEU A 33 -4.11 0.26 2.72
CA LEU A 33 -3.95 0.31 4.16
C LEU A 33 -2.82 -0.63 4.61
N CYS A 34 -1.94 -0.11 5.44
CA CYS A 34 -0.81 -0.91 5.95
C CYS A 34 -1.27 -2.31 6.33
N VAL A 35 -0.78 -3.30 5.59
CA VAL A 35 -1.13 -4.69 5.85
C VAL A 35 -0.95 -5.04 7.32
N ARG A 36 0.12 -4.52 7.92
CA ARG A 36 0.41 -4.78 9.32
C ARG A 36 -0.74 -4.29 10.22
N CYS A 37 -0.86 -2.98 10.35
CA CYS A 37 -1.91 -2.39 11.17
C CYS A 37 -3.10 -1.98 10.31
N GLY A 38 -2.83 -1.29 9.20
CA GLY A 38 -3.89 -0.85 8.32
C GLY A 38 -4.34 0.57 8.60
N GLN A 39 -3.38 1.41 8.95
CA GLN A 39 -3.67 2.81 9.24
C GLN A 39 -3.40 3.70 8.03
N MET A 40 -4.41 4.43 7.59
CA MET A 40 -4.27 5.32 6.44
C MET A 40 -2.98 6.14 6.55
N PHE A 41 -2.60 6.77 5.44
CA PHE A 41 -1.40 7.59 5.40
C PHE A 41 -1.71 9.00 4.88
N ALA A 42 -0.65 9.78 4.65
CA ALA A 42 -0.81 11.14 4.15
C ALA A 42 -0.72 11.17 2.62
N GLU A 43 -0.52 12.37 2.07
CA GLU A 43 -0.42 12.54 0.63
C GLU A 43 1.03 12.66 0.20
N GLY A 44 1.92 11.93 0.88
CA GLY A 44 3.33 11.98 0.55
C GLY A 44 4.20 11.42 1.67
N GLU A 45 3.80 10.28 2.21
CA GLU A 45 4.54 9.64 3.29
C GLU A 45 5.60 8.69 2.73
N GLU A 46 6.62 8.42 3.54
CA GLU A 46 7.70 7.52 3.12
C GLU A 46 7.67 6.22 3.92
N MET A 47 7.62 5.10 3.21
CA MET A 47 7.58 3.79 3.86
C MET A 47 8.24 2.74 2.98
N TYR A 48 8.57 1.60 3.58
CA TYR A 48 9.21 0.51 2.84
C TYR A 48 8.18 -0.26 2.02
N LEU A 49 8.58 -0.65 0.81
CA LEU A 49 7.70 -1.39 -0.08
C LEU A 49 8.21 -2.81 -0.29
N GLN A 50 7.28 -3.77 -0.33
CA GLN A 50 7.64 -5.17 -0.53
C GLN A 50 6.68 -5.84 -1.51
N GLY A 51 7.19 -6.18 -2.68
CA GLY A 51 6.36 -6.83 -3.69
C GLY A 51 5.26 -5.92 -4.20
N SER A 52 4.24 -5.70 -3.37
CA SER A 52 3.13 -4.85 -3.75
C SER A 52 2.26 -4.50 -2.53
N SER A 53 2.91 -4.40 -1.38
CA SER A 53 2.21 -4.08 -0.14
C SER A 53 2.86 -2.90 0.56
N ILE A 54 2.06 -2.15 1.31
CA ILE A 54 2.56 -0.98 2.04
C ILE A 54 2.93 -1.35 3.47
N TRP A 55 4.21 -1.18 3.82
CA TRP A 55 4.69 -1.48 5.16
C TRP A 55 5.19 -0.23 5.86
N HIS A 56 4.50 0.16 6.93
CA HIS A 56 4.88 1.35 7.69
C HIS A 56 6.36 1.30 8.07
N PRO A 57 6.91 2.46 8.45
CA PRO A 57 8.32 2.57 8.85
C PRO A 57 8.60 1.88 10.18
N ALA A 58 7.62 1.89 11.07
CA ALA A 58 7.76 1.27 12.38
C ALA A 58 7.26 -0.17 12.35
N CYS A 59 6.13 -0.38 11.68
CA CYS A 59 5.54 -1.72 11.58
C CYS A 59 6.52 -2.70 10.97
N ARG A 60 6.90 -2.46 9.72
CA ARG A 60 7.83 -3.33 9.02
C ARG A 60 8.91 -3.85 9.96
N GLN A 61 9.59 -2.94 10.63
CA GLN A 61 10.65 -3.32 11.57
C GLN A 61 10.25 -4.54 12.37
N ALA A 62 9.04 -4.54 12.92
CA ALA A 62 8.54 -5.66 13.71
C ALA A 62 8.23 -6.86 12.80
N ALA A 63 7.70 -6.57 11.62
CA ALA A 63 7.35 -7.63 10.67
C ALA A 63 8.57 -8.11 9.91
N ARG A 64 9.69 -8.24 10.61
CA ARG A 64 10.93 -8.69 9.99
C ARG A 64 11.27 -10.12 10.43
N THR A 65 11.41 -10.31 11.73
CA THR A 65 11.73 -11.63 12.28
C THR A 65 10.53 -12.55 12.24
N GLU A 66 9.43 -12.11 12.85
CA GLU A 66 8.21 -12.90 12.90
C GLU A 66 8.46 -14.27 13.54
N ASP A 67 7.37 -14.95 13.91
CA ASP A 67 7.49 -16.26 14.53
C ASP A 67 6.10 -16.88 14.71
N SER A 68 5.19 -16.12 15.32
CA SER A 68 3.84 -16.60 15.56
C SER A 68 2.90 -16.19 14.43
N GLY A 69 2.55 -17.16 13.58
CA GLY A 69 1.66 -16.88 12.47
C GLY A 69 0.73 -18.04 12.17
N PRO A 70 -0.50 -17.71 11.73
CA PRO A 70 -1.52 -18.70 11.41
C PRO A 70 -1.17 -19.49 10.15
N SER A 71 -0.68 -18.79 9.13
CA SER A 71 -0.32 -19.42 7.86
C SER A 71 0.92 -18.78 7.28
N SER A 72 2.08 -19.39 7.52
CA SER A 72 3.34 -18.87 7.02
C SER A 72 3.33 -18.79 5.50
N GLY A 73 3.70 -17.63 4.96
CA GLY A 73 3.73 -17.44 3.52
C GLY A 73 4.89 -18.16 2.87
ZN ZN B . -9.65 1.89 -4.62
ZN ZN C . 1.30 -0.01 10.03
N GLY A 1 -13.25 -2.44 -18.29
CA GLY A 1 -14.06 -1.99 -19.40
C GLY A 1 -15.34 -1.33 -18.94
N SER A 2 -15.22 -0.27 -18.14
CA SER A 2 -16.39 0.45 -17.63
C SER A 2 -16.09 1.94 -17.50
N SER A 3 -15.11 2.28 -16.68
CA SER A 3 -14.73 3.67 -16.47
C SER A 3 -13.43 3.77 -15.68
N GLY A 4 -12.75 4.89 -15.82
CA GLY A 4 -11.49 5.09 -15.11
C GLY A 4 -10.31 5.25 -16.06
N SER A 5 -9.65 6.40 -16.01
CA SER A 5 -8.52 6.66 -16.88
C SER A 5 -7.20 6.50 -16.11
N SER A 6 -6.82 5.24 -15.88
CA SER A 6 -5.59 4.94 -15.16
C SER A 6 -5.65 5.49 -13.74
N GLY A 7 -6.22 4.70 -12.83
CA GLY A 7 -6.33 5.12 -11.44
C GLY A 7 -5.96 4.02 -10.47
N CYS A 8 -6.78 3.87 -9.43
CA CYS A 8 -6.53 2.84 -8.42
C CYS A 8 -6.17 1.51 -9.07
N ASP A 9 -5.41 0.69 -8.35
CA ASP A 9 -5.00 -0.61 -8.85
C ASP A 9 -5.69 -1.74 -8.09
N SER A 10 -6.13 -1.44 -6.88
CA SER A 10 -6.80 -2.43 -6.04
C SER A 10 -8.26 -2.61 -6.47
N CYS A 11 -8.93 -1.50 -6.70
CA CYS A 11 -10.33 -1.53 -7.13
C CYS A 11 -10.47 -1.16 -8.60
N GLU A 12 -9.42 -0.55 -9.15
CA GLU A 12 -9.42 -0.15 -10.55
C GLU A 12 -10.46 0.95 -10.81
N LYS A 13 -10.54 1.90 -9.87
CA LYS A 13 -11.49 3.00 -9.99
C LYS A 13 -10.78 4.34 -9.95
N TYR A 14 -11.11 5.23 -10.89
CA TYR A 14 -10.49 6.54 -10.95
C TYR A 14 -10.35 7.15 -9.56
N ILE A 15 -9.22 7.80 -9.32
CA ILE A 15 -8.96 8.43 -8.03
C ILE A 15 -9.10 9.95 -8.11
N THR A 16 -9.81 10.52 -7.15
CA THR A 16 -10.02 11.96 -7.11
C THR A 16 -9.23 12.60 -5.98
N GLY A 17 -8.40 13.58 -6.34
CA GLY A 17 -7.59 14.26 -5.34
C GLY A 17 -6.24 13.61 -5.15
N ARG A 18 -5.78 13.58 -3.90
CA ARG A 18 -4.48 12.98 -3.58
C ARG A 18 -4.55 11.46 -3.67
N VAL A 19 -3.46 10.85 -4.14
CA VAL A 19 -3.40 9.41 -4.28
C VAL A 19 -2.20 8.83 -3.54
N LEU A 20 -2.32 7.59 -3.08
CA LEU A 20 -1.24 6.93 -2.36
C LEU A 20 -0.24 6.31 -3.32
N GLU A 21 0.97 6.85 -3.33
CA GLU A 21 2.03 6.36 -4.21
C GLU A 21 3.03 5.52 -3.43
N ALA A 22 3.16 4.25 -3.79
CA ALA A 22 4.09 3.35 -3.13
C ALA A 22 4.90 2.56 -4.15
N GLY A 23 6.10 3.06 -4.46
CA GLY A 23 6.96 2.39 -5.42
C GLY A 23 6.74 2.88 -6.84
N GLU A 24 5.58 2.57 -7.39
CA GLU A 24 5.25 2.99 -8.75
C GLU A 24 3.79 2.70 -9.07
N LYS A 25 2.94 2.77 -8.05
CA LYS A 25 1.51 2.54 -8.21
C LYS A 25 0.69 3.61 -7.51
N HIS A 26 -0.63 3.50 -7.62
CA HIS A 26 -1.53 4.47 -6.99
C HIS A 26 -2.80 3.79 -6.50
N TYR A 27 -3.23 4.13 -5.29
CA TYR A 27 -4.43 3.56 -4.70
C TYR A 27 -5.24 4.61 -3.97
N HIS A 28 -6.48 4.26 -3.60
CA HIS A 28 -7.35 5.17 -2.90
C HIS A 28 -6.84 5.44 -1.49
N PRO A 29 -7.34 6.53 -0.87
CA PRO A 29 -6.95 6.92 0.49
C PRO A 29 -7.47 5.95 1.55
N SER A 30 -8.13 4.88 1.10
CA SER A 30 -8.68 3.88 2.00
C SER A 30 -8.36 2.47 1.52
N CYS A 31 -8.35 2.30 0.20
CA CYS A 31 -8.06 1.00 -0.40
C CYS A 31 -6.74 0.44 0.14
N ALA A 32 -5.71 1.28 0.15
CA ALA A 32 -4.39 0.88 0.63
C ALA A 32 -4.27 1.10 2.14
N LEU A 33 -4.05 0.01 2.87
CA LEU A 33 -3.91 0.09 4.32
C LEU A 33 -2.76 -0.79 4.80
N CYS A 34 -1.88 -0.21 5.60
CA CYS A 34 -0.73 -0.93 6.14
C CYS A 34 -1.13 -2.34 6.55
N VAL A 35 -0.83 -3.31 5.69
CA VAL A 35 -1.15 -4.70 5.97
C VAL A 35 -0.91 -5.05 7.44
N ARG A 36 0.16 -4.52 8.00
CA ARG A 36 0.51 -4.77 9.40
C ARG A 36 -0.62 -4.30 10.31
N CYS A 37 -0.75 -2.99 10.46
CA CYS A 37 -1.79 -2.42 11.32
C CYS A 37 -3.04 -2.08 10.50
N GLY A 38 -2.83 -1.41 9.39
CA GLY A 38 -3.95 -1.03 8.53
C GLY A 38 -4.39 0.40 8.75
N GLN A 39 -3.44 1.27 9.06
CA GLN A 39 -3.74 2.68 9.29
C GLN A 39 -3.43 3.52 8.06
N MET A 40 -4.39 4.34 7.65
CA MET A 40 -4.22 5.19 6.47
C MET A 40 -2.92 5.99 6.57
N PHE A 41 -2.53 6.61 5.46
CA PHE A 41 -1.31 7.41 5.42
C PHE A 41 -1.61 8.83 4.94
N ALA A 42 -0.55 9.61 4.74
CA ALA A 42 -0.69 10.99 4.28
C ALA A 42 -0.60 11.07 2.76
N GLU A 43 -0.50 12.29 2.25
CA GLU A 43 -0.41 12.51 0.80
C GLU A 43 1.04 12.71 0.37
N GLY A 44 1.94 11.93 0.97
CA GLY A 44 3.35 12.03 0.64
C GLY A 44 4.24 11.46 1.72
N GLU A 45 3.86 10.30 2.25
CA GLU A 45 4.64 9.66 3.30
C GLU A 45 5.69 8.74 2.70
N GLU A 46 6.79 8.54 3.43
CA GLU A 46 7.87 7.68 2.97
C GLU A 46 7.99 6.44 3.85
N MET A 47 7.79 5.28 3.24
CA MET A 47 7.87 4.01 3.97
C MET A 47 8.48 2.92 3.09
N TYR A 48 8.75 1.78 3.70
CA TYR A 48 9.34 0.66 2.97
C TYR A 48 8.29 -0.06 2.13
N LEU A 49 8.67 -0.46 0.93
CA LEU A 49 7.76 -1.15 0.02
C LEU A 49 8.30 -2.54 -0.34
N GLN A 50 7.41 -3.52 -0.36
CA GLN A 50 7.80 -4.89 -0.70
C GLN A 50 6.80 -5.52 -1.66
N GLY A 51 7.32 -6.05 -2.77
CA GLY A 51 6.46 -6.68 -3.76
C GLY A 51 5.33 -5.77 -4.20
N SER A 52 4.20 -5.84 -3.49
CA SER A 52 3.05 -5.03 -3.83
C SER A 52 2.24 -4.69 -2.57
N SER A 53 2.94 -4.57 -1.45
CA SER A 53 2.29 -4.26 -0.18
C SER A 53 2.95 -3.07 0.50
N ILE A 54 2.17 -2.32 1.27
CA ILE A 54 2.69 -1.16 1.98
C ILE A 54 3.03 -1.49 3.43
N TRP A 55 4.25 -1.18 3.84
CA TRP A 55 4.69 -1.45 5.21
C TRP A 55 5.18 -0.17 5.87
N HIS A 56 4.60 0.15 7.03
CA HIS A 56 4.98 1.35 7.77
C HIS A 56 6.46 1.31 8.16
N PRO A 57 6.99 2.47 8.55
CA PRO A 57 8.40 2.59 8.95
C PRO A 57 8.69 1.89 10.27
N ALA A 58 7.72 1.92 11.17
CA ALA A 58 7.87 1.30 12.48
C ALA A 58 7.34 -0.14 12.47
N CYS A 59 6.21 -0.34 11.79
CA CYS A 59 5.61 -1.66 11.69
C CYS A 59 6.56 -2.66 11.05
N ARG A 60 6.90 -2.43 9.79
CA ARG A 60 7.81 -3.31 9.06
C ARG A 60 8.92 -3.81 9.97
N GLN A 61 9.64 -2.88 10.60
CA GLN A 61 10.73 -3.23 11.51
C GLN A 61 10.37 -4.45 12.34
N ALA A 62 9.14 -4.47 12.84
CA ALA A 62 8.68 -5.59 13.67
C ALA A 62 8.26 -6.78 12.80
N ALA A 63 7.47 -6.50 11.76
CA ALA A 63 7.01 -7.54 10.85
C ALA A 63 8.17 -8.42 10.40
N ARG A 64 9.30 -7.80 10.12
CA ARG A 64 10.48 -8.53 9.67
C ARG A 64 10.56 -9.91 10.33
N THR A 65 10.57 -9.91 11.66
CA THR A 65 10.64 -11.16 12.42
C THR A 65 9.27 -11.54 12.98
N GLU A 66 8.73 -12.65 12.48
CA GLU A 66 7.43 -13.12 12.94
C GLU A 66 7.05 -14.44 12.25
N ASP A 67 6.97 -15.50 13.04
CA ASP A 67 6.63 -16.82 12.51
C ASP A 67 5.13 -16.95 12.30
N SER A 68 4.36 -16.57 13.31
CA SER A 68 2.90 -16.65 13.24
C SER A 68 2.30 -15.27 12.94
N GLY A 69 1.59 -15.18 11.83
CA GLY A 69 0.98 -13.92 11.45
C GLY A 69 0.13 -14.04 10.19
N PRO A 70 -1.13 -13.57 10.26
CA PRO A 70 -2.05 -13.62 9.14
C PRO A 70 -1.66 -12.66 8.02
N SER A 71 -1.04 -13.19 6.97
CA SER A 71 -0.61 -12.38 5.84
C SER A 71 -1.70 -12.32 4.77
N SER A 72 -1.73 -11.20 4.04
CA SER A 72 -2.72 -11.01 2.99
C SER A 72 -2.51 -12.01 1.86
N GLY A 73 -1.25 -12.23 1.49
CA GLY A 73 -0.94 -13.16 0.42
C GLY A 73 0.34 -12.80 -0.31
ZN ZN B . -9.50 2.10 -4.83
ZN ZN C . 1.37 0.13 10.18
N GLY A 1 -12.09 5.05 -27.61
CA GLY A 1 -12.69 4.51 -26.41
C GLY A 1 -11.70 3.79 -25.52
N SER A 2 -11.99 3.74 -24.22
CA SER A 2 -11.10 3.09 -23.26
C SER A 2 -11.83 2.81 -21.95
N SER A 3 -12.36 1.60 -21.82
CA SER A 3 -13.08 1.21 -20.62
C SER A 3 -12.13 0.64 -19.58
N GLY A 4 -11.46 1.51 -18.83
CA GLY A 4 -10.53 1.08 -17.81
C GLY A 4 -9.66 2.21 -17.29
N SER A 5 -10.29 3.17 -16.62
CA SER A 5 -9.57 4.31 -16.07
C SER A 5 -8.33 3.85 -15.32
N SER A 6 -7.23 4.59 -15.49
CA SER A 6 -5.97 4.27 -14.82
C SER A 6 -5.79 5.11 -13.57
N GLY A 7 -6.24 4.58 -12.42
CA GLY A 7 -6.12 5.31 -11.18
C GLY A 7 -5.79 4.39 -10.02
N CYS A 8 -6.82 3.90 -9.33
CA CYS A 8 -6.63 3.02 -8.19
C CYS A 8 -6.35 1.59 -8.65
N ASP A 9 -5.13 1.13 -8.45
CA ASP A 9 -4.73 -0.21 -8.85
C ASP A 9 -5.19 -1.24 -7.81
N SER A 10 -6.41 -1.07 -7.33
CA SER A 10 -6.97 -1.98 -6.33
C SER A 10 -8.44 -2.25 -6.62
N CYS A 11 -9.20 -1.19 -6.88
CA CYS A 11 -10.63 -1.31 -7.15
C CYS A 11 -10.95 -0.76 -8.54
N GLU A 12 -9.97 -0.81 -9.44
CA GLU A 12 -10.16 -0.33 -10.80
C GLU A 12 -11.05 0.91 -10.81
N LYS A 13 -10.65 1.93 -10.06
CA LYS A 13 -11.42 3.17 -9.99
C LYS A 13 -10.48 4.38 -9.98
N TYR A 14 -10.82 5.37 -10.80
CA TYR A 14 -10.01 6.59 -10.89
C TYR A 14 -9.99 7.34 -9.56
N ILE A 15 -9.06 8.27 -9.43
CA ILE A 15 -8.94 9.06 -8.20
C ILE A 15 -8.88 10.55 -8.51
N THR A 16 -9.93 11.27 -8.11
CA THR A 16 -10.00 12.71 -8.35
C THR A 16 -9.03 13.46 -7.44
N GLY A 17 -8.90 12.99 -6.20
CA GLY A 17 -8.02 13.63 -5.25
C GLY A 17 -6.60 13.08 -5.32
N ARG A 18 -5.95 13.01 -4.16
CA ARG A 18 -4.59 12.49 -4.09
C ARG A 18 -4.58 10.97 -4.18
N VAL A 19 -3.44 10.41 -4.59
CA VAL A 19 -3.29 8.97 -4.70
C VAL A 19 -2.06 8.47 -3.95
N LEU A 20 -2.21 7.34 -3.28
CA LEU A 20 -1.11 6.75 -2.51
C LEU A 20 -0.11 6.06 -3.43
N GLU A 21 0.98 6.75 -3.75
CA GLU A 21 2.01 6.21 -4.61
C GLU A 21 2.91 5.25 -3.85
N ALA A 22 2.77 3.96 -4.12
CA ALA A 22 3.58 2.95 -3.46
C ALA A 22 4.45 2.19 -4.47
N GLY A 23 5.70 2.62 -4.60
CA GLY A 23 6.61 1.97 -5.52
C GLY A 23 6.40 2.43 -6.96
N GLU A 24 5.43 1.83 -7.64
CA GLU A 24 5.13 2.19 -9.02
C GLU A 24 3.64 1.99 -9.32
N LYS A 25 2.80 2.30 -8.34
CA LYS A 25 1.36 2.16 -8.51
C LYS A 25 0.61 3.17 -7.64
N HIS A 26 -0.68 3.32 -7.88
CA HIS A 26 -1.50 4.25 -7.13
C HIS A 26 -2.69 3.53 -6.49
N TYR A 27 -3.10 4.00 -5.32
CA TYR A 27 -4.23 3.40 -4.61
C TYR A 27 -5.01 4.46 -3.84
N HIS A 28 -6.26 4.13 -3.50
CA HIS A 28 -7.12 5.04 -2.77
C HIS A 28 -6.60 5.25 -1.35
N PRO A 29 -7.07 6.33 -0.70
CA PRO A 29 -6.67 6.67 0.67
C PRO A 29 -7.23 5.69 1.70
N SER A 30 -8.11 4.80 1.24
CA SER A 30 -8.72 3.81 2.12
C SER A 30 -8.41 2.40 1.64
N CYS A 31 -8.26 2.24 0.34
CA CYS A 31 -7.96 0.93 -0.25
C CYS A 31 -6.59 0.43 0.21
N ALA A 32 -5.60 1.32 0.18
CA ALA A 32 -4.25 0.98 0.60
C ALA A 32 -4.06 1.21 2.09
N LEU A 33 -4.06 0.14 2.87
CA LEU A 33 -3.88 0.23 4.31
C LEU A 33 -2.77 -0.69 4.78
N CYS A 34 -1.86 -0.16 5.59
CA CYS A 34 -0.74 -0.93 6.11
C CYS A 34 -1.19 -2.34 6.50
N VAL A 35 -0.71 -3.33 5.75
CA VAL A 35 -1.06 -4.72 6.01
C VAL A 35 -0.85 -5.08 7.47
N ARG A 36 0.17 -4.49 8.08
CA ARG A 36 0.48 -4.74 9.48
C ARG A 36 -0.64 -4.25 10.39
N CYS A 37 -0.74 -2.93 10.53
CA CYS A 37 -1.77 -2.34 11.37
C CYS A 37 -3.01 -1.99 10.55
N GLY A 38 -2.81 -1.37 9.40
CA GLY A 38 -3.92 -0.99 8.55
C GLY A 38 -4.34 0.45 8.74
N GLN A 39 -3.39 1.31 9.10
CA GLN A 39 -3.68 2.72 9.33
C GLN A 39 -3.39 3.54 8.07
N MET A 40 -4.38 4.29 7.62
CA MET A 40 -4.24 5.12 6.43
C MET A 40 -2.98 5.97 6.52
N PHE A 41 -2.63 6.62 5.41
CA PHE A 41 -1.44 7.46 5.35
C PHE A 41 -1.79 8.85 4.83
N ALA A 42 -0.76 9.61 4.45
CA ALA A 42 -0.96 10.95 3.93
C ALA A 42 -0.62 11.02 2.44
N GLU A 43 -0.35 12.23 1.95
CA GLU A 43 -0.01 12.42 0.55
C GLU A 43 1.49 12.58 0.37
N GLY A 44 2.26 11.86 1.19
CA GLY A 44 3.70 11.93 1.10
C GLY A 44 4.38 11.35 2.33
N GLU A 45 3.88 10.22 2.80
CA GLU A 45 4.44 9.57 3.97
C GLU A 45 5.53 8.57 3.57
N GLU A 46 6.37 8.21 4.52
CA GLU A 46 7.46 7.27 4.28
C GLU A 46 7.06 5.85 4.68
N MET A 47 7.08 4.94 3.72
CA MET A 47 6.72 3.55 3.98
C MET A 47 7.50 2.61 3.07
N TYR A 48 7.97 1.50 3.64
CA TYR A 48 8.74 0.52 2.88
C TYR A 48 7.82 -0.30 1.97
N LEU A 49 8.32 -0.63 0.79
CA LEU A 49 7.55 -1.42 -0.17
C LEU A 49 8.10 -2.84 -0.28
N GLN A 50 7.20 -3.81 -0.20
CA GLN A 50 7.59 -5.22 -0.28
C GLN A 50 6.44 -6.07 -0.82
N GLY A 51 6.77 -6.99 -1.72
CA GLY A 51 5.75 -7.86 -2.29
C GLY A 51 4.50 -7.10 -2.69
N SER A 52 4.68 -5.92 -3.26
CA SER A 52 3.56 -5.09 -3.68
C SER A 52 2.65 -4.77 -2.50
N SER A 53 3.25 -4.61 -1.33
CA SER A 53 2.50 -4.30 -0.11
C SER A 53 3.06 -3.05 0.57
N ILE A 54 2.18 -2.33 1.27
CA ILE A 54 2.59 -1.12 1.97
C ILE A 54 2.95 -1.42 3.42
N TRP A 55 4.20 -1.15 3.78
CA TRP A 55 4.67 -1.38 5.14
C TRP A 55 5.12 -0.08 5.80
N HIS A 56 4.64 0.16 7.02
CA HIS A 56 4.98 1.37 7.75
C HIS A 56 6.47 1.37 8.11
N PRO A 57 6.98 2.55 8.51
CA PRO A 57 8.38 2.72 8.89
C PRO A 57 8.71 2.02 10.21
N ALA A 58 7.75 2.02 11.13
CA ALA A 58 7.93 1.39 12.43
C ALA A 58 7.43 -0.05 12.41
N CYS A 59 6.28 -0.27 11.81
CA CYS A 59 5.69 -1.61 11.72
C CYS A 59 6.67 -2.60 11.11
N ARG A 60 7.05 -2.36 9.86
CA ARG A 60 7.98 -3.24 9.16
C ARG A 60 9.08 -3.72 10.11
N GLN A 61 9.74 -2.78 10.78
CA GLN A 61 10.80 -3.12 11.72
C GLN A 61 10.45 -4.37 12.52
N ALA A 62 9.23 -4.41 13.03
CA ALA A 62 8.78 -5.56 13.81
C ALA A 62 8.49 -6.75 12.91
N ALA A 63 7.90 -6.50 11.76
CA ALA A 63 7.58 -7.55 10.80
C ALA A 63 8.77 -7.89 9.93
N ARG A 64 9.94 -8.02 10.55
CA ARG A 64 11.16 -8.34 9.83
C ARG A 64 11.58 -9.79 10.07
N THR A 65 11.53 -10.21 11.34
CA THR A 65 11.89 -11.57 11.70
C THR A 65 10.66 -12.44 11.89
N GLU A 66 9.58 -11.84 12.37
CA GLU A 66 8.33 -12.57 12.58
C GLU A 66 8.61 -14.01 13.01
N ASP A 67 8.70 -14.21 14.32
CA ASP A 67 8.96 -15.55 14.87
C ASP A 67 7.66 -16.25 15.25
N SER A 68 6.82 -15.54 16.01
CA SER A 68 5.54 -16.09 16.44
C SER A 68 4.38 -15.25 15.93
N GLY A 69 3.18 -15.83 15.95
CA GLY A 69 2.00 -15.12 15.48
C GLY A 69 1.69 -15.42 14.02
N PRO A 70 1.85 -14.41 13.16
CA PRO A 70 1.59 -14.55 11.72
C PRO A 70 2.61 -15.44 11.03
N SER A 71 2.31 -15.83 9.79
CA SER A 71 3.20 -16.69 9.02
C SER A 71 3.99 -15.88 8.00
N SER A 72 5.30 -15.84 8.16
CA SER A 72 6.17 -15.10 7.25
C SER A 72 5.82 -15.40 5.80
N GLY A 73 5.79 -14.35 4.98
CA GLY A 73 5.46 -14.52 3.57
C GLY A 73 5.17 -13.21 2.88
ZN ZN B . -9.71 2.05 -4.60
ZN ZN C . 1.43 0.05 10.15
N GLY A 1 -19.36 -1.86 -21.42
CA GLY A 1 -19.25 -1.35 -20.06
C GLY A 1 -18.12 -0.36 -19.90
N SER A 2 -17.09 -0.76 -19.17
CA SER A 2 -15.94 0.10 -18.94
C SER A 2 -15.30 0.53 -20.26
N SER A 3 -14.70 1.72 -20.26
CA SER A 3 -14.04 2.24 -21.45
C SER A 3 -12.86 3.13 -21.08
N GLY A 4 -11.66 2.58 -21.21
CA GLY A 4 -10.46 3.33 -20.89
C GLY A 4 -10.57 4.05 -19.56
N SER A 5 -10.09 3.41 -18.50
CA SER A 5 -10.15 4.00 -17.16
C SER A 5 -8.94 3.58 -16.34
N SER A 6 -8.47 4.49 -15.48
CA SER A 6 -7.31 4.22 -14.64
C SER A 6 -7.47 4.87 -13.27
N GLY A 7 -6.36 5.02 -12.56
CA GLY A 7 -6.40 5.63 -11.24
C GLY A 7 -6.03 4.66 -10.14
N CYS A 8 -7.03 4.09 -9.49
CA CYS A 8 -6.80 3.14 -8.41
C CYS A 8 -6.58 1.74 -8.95
N ASP A 9 -5.36 1.24 -8.82
CA ASP A 9 -5.02 -0.10 -9.29
C ASP A 9 -5.41 -1.16 -8.26
N SER A 10 -6.53 -0.94 -7.59
CA SER A 10 -7.00 -1.87 -6.57
C SER A 10 -8.47 -2.20 -6.80
N CYS A 11 -9.30 -1.18 -6.98
CA CYS A 11 -10.73 -1.35 -7.19
C CYS A 11 -11.13 -0.85 -8.58
N GLU A 12 -10.18 -0.84 -9.50
CA GLU A 12 -10.43 -0.38 -10.86
C GLU A 12 -11.36 0.83 -10.85
N LYS A 13 -10.98 1.86 -10.10
CA LYS A 13 -11.78 3.08 -10.02
C LYS A 13 -10.88 4.32 -9.99
N TYR A 14 -11.41 5.43 -10.47
CA TYR A 14 -10.65 6.68 -10.51
C TYR A 14 -10.57 7.30 -9.12
N ILE A 15 -9.40 7.86 -8.80
CA ILE A 15 -9.19 8.49 -7.50
C ILE A 15 -9.40 10.00 -7.57
N THR A 16 -10.44 10.47 -6.89
CA THR A 16 -10.76 11.90 -6.89
C THR A 16 -10.09 12.60 -5.71
N GLY A 17 -8.81 12.94 -5.90
CA GLY A 17 -8.07 13.61 -4.85
C GLY A 17 -6.61 13.19 -4.81
N ARG A 18 -6.19 12.62 -3.68
CA ARG A 18 -4.81 12.18 -3.52
C ARG A 18 -4.70 10.67 -3.72
N VAL A 19 -3.64 10.24 -4.40
CA VAL A 19 -3.41 8.83 -4.66
C VAL A 19 -2.12 8.35 -3.99
N LEU A 20 -2.18 7.17 -3.38
CA LEU A 20 -1.02 6.60 -2.71
C LEU A 20 -0.09 5.92 -3.71
N GLU A 21 0.90 6.67 -4.18
CA GLU A 21 1.87 6.14 -5.14
C GLU A 21 2.90 5.25 -4.45
N ALA A 22 2.77 3.94 -4.64
CA ALA A 22 3.69 2.99 -4.05
C ALA A 22 4.60 2.36 -5.10
N GLY A 23 5.80 2.92 -5.25
CA GLY A 23 6.74 2.41 -6.21
C GLY A 23 6.40 2.83 -7.63
N GLU A 24 5.58 2.02 -8.30
CA GLU A 24 5.18 2.31 -9.67
C GLU A 24 3.69 2.05 -9.87
N LYS A 25 2.92 2.19 -8.80
CA LYS A 25 1.48 1.98 -8.85
C LYS A 25 0.74 3.05 -8.07
N HIS A 26 -0.58 3.08 -8.23
CA HIS A 26 -1.41 4.06 -7.53
C HIS A 26 -2.67 3.41 -6.96
N TYR A 27 -3.14 3.92 -5.84
CA TYR A 27 -4.34 3.39 -5.20
C TYR A 27 -5.07 4.47 -4.41
N HIS A 28 -6.29 4.16 -3.98
CA HIS A 28 -7.09 5.10 -3.21
C HIS A 28 -6.46 5.38 -1.84
N PRO A 29 -6.86 6.49 -1.22
CA PRO A 29 -6.35 6.90 0.09
C PRO A 29 -6.83 5.98 1.21
N SER A 30 -7.67 5.02 0.85
CA SER A 30 -8.22 4.08 1.84
C SER A 30 -7.96 2.64 1.40
N CYS A 31 -7.95 2.41 0.09
CA CYS A 31 -7.71 1.08 -0.46
C CYS A 31 -6.35 0.56 -0.05
N ALA A 32 -5.37 1.46 0.02
CA ALA A 32 -4.01 1.09 0.40
C ALA A 32 -3.78 1.32 1.89
N LEU A 33 -3.83 0.25 2.67
CA LEU A 33 -3.63 0.35 4.11
C LEU A 33 -2.51 -0.58 4.56
N CYS A 34 -1.80 -0.18 5.60
CA CYS A 34 -0.70 -0.99 6.14
C CYS A 34 -1.19 -2.38 6.53
N VAL A 35 -0.70 -3.39 5.81
CA VAL A 35 -1.08 -4.77 6.08
C VAL A 35 -0.89 -5.12 7.56
N ARG A 36 0.15 -4.55 8.16
CA ARG A 36 0.46 -4.81 9.56
C ARG A 36 -0.67 -4.30 10.45
N CYS A 37 -0.77 -2.98 10.58
CA CYS A 37 -1.81 -2.37 11.40
C CYS A 37 -3.02 -1.96 10.56
N GLY A 38 -2.75 -1.33 9.43
CA GLY A 38 -3.82 -0.91 8.54
C GLY A 38 -4.27 0.52 8.82
N GLN A 39 -3.31 1.38 9.17
CA GLN A 39 -3.61 2.78 9.46
C GLN A 39 -3.38 3.66 8.23
N MET A 40 -4.41 4.38 7.83
CA MET A 40 -4.31 5.26 6.67
C MET A 40 -3.07 6.14 6.76
N PHE A 41 -2.61 6.63 5.61
CA PHE A 41 -1.43 7.49 5.56
C PHE A 41 -1.80 8.91 5.13
N ALA A 42 -0.80 9.69 4.76
CA ALA A 42 -1.01 11.06 4.31
C ALA A 42 -0.74 11.21 2.82
N GLU A 43 -0.55 12.45 2.38
CA GLU A 43 -0.28 12.73 0.98
C GLU A 43 1.22 12.96 0.75
N GLY A 44 2.04 12.21 1.48
CA GLY A 44 3.48 12.35 1.34
C GLY A 44 4.23 11.75 2.52
N GLU A 45 3.80 10.58 2.97
CA GLU A 45 4.44 9.91 4.09
C GLU A 45 5.56 9.00 3.61
N GLU A 46 6.36 8.51 4.56
CA GLU A 46 7.48 7.63 4.23
C GLU A 46 7.22 6.21 4.73
N MET A 47 7.27 5.25 3.83
CA MET A 47 7.03 3.85 4.18
C MET A 47 7.79 2.92 3.24
N TYR A 48 8.21 1.77 3.77
CA TYR A 48 8.95 0.80 2.97
C TYR A 48 8.00 -0.07 2.14
N LEU A 49 8.45 -0.45 0.95
CA LEU A 49 7.64 -1.27 0.06
C LEU A 49 8.32 -2.62 -0.21
N GLN A 50 7.54 -3.69 -0.20
CA GLN A 50 8.06 -5.03 -0.44
C GLN A 50 7.13 -5.82 -1.35
N GLY A 51 7.59 -6.10 -2.56
CA GLY A 51 6.78 -6.86 -3.51
C GLY A 51 5.61 -6.06 -4.04
N SER A 52 4.63 -5.81 -3.19
CA SER A 52 3.44 -5.05 -3.59
C SER A 52 2.57 -4.74 -2.37
N SER A 53 3.21 -4.61 -1.21
CA SER A 53 2.48 -4.32 0.03
C SER A 53 3.09 -3.11 0.74
N ILE A 54 2.25 -2.38 1.46
CA ILE A 54 2.71 -1.20 2.19
C ILE A 54 3.09 -1.56 3.63
N TRP A 55 4.33 -1.27 3.99
CA TRP A 55 4.81 -1.55 5.35
C TRP A 55 5.30 -0.28 6.03
N HIS A 56 4.64 0.09 7.12
CA HIS A 56 5.01 1.29 7.86
C HIS A 56 6.49 1.26 8.25
N PRO A 57 7.01 2.43 8.62
CA PRO A 57 8.42 2.56 9.02
C PRO A 57 8.72 1.89 10.35
N ALA A 58 7.74 1.89 11.25
CA ALA A 58 7.90 1.27 12.55
C ALA A 58 7.40 -0.17 12.55
N CYS A 59 6.25 -0.39 11.90
CA CYS A 59 5.66 -1.72 11.82
C CYS A 59 6.65 -2.71 11.23
N ARG A 60 7.04 -2.48 9.97
CA ARG A 60 7.98 -3.36 9.30
C ARG A 60 9.05 -3.87 10.26
N GLN A 61 9.66 -2.95 11.00
CA GLN A 61 10.70 -3.31 11.95
C GLN A 61 10.33 -4.59 12.71
N ALA A 62 9.11 -4.61 13.24
CA ALA A 62 8.64 -5.77 13.99
C ALA A 62 8.42 -6.96 13.07
N ALA A 63 7.87 -6.70 11.89
CA ALA A 63 7.62 -7.77 10.91
C ALA A 63 8.88 -8.08 10.12
N ARG A 64 10.02 -8.07 10.78
CA ARG A 64 11.30 -8.35 10.13
C ARG A 64 11.62 -9.84 10.21
N THR A 65 11.47 -10.42 11.40
CA THR A 65 11.74 -11.83 11.59
C THR A 65 10.46 -12.64 11.71
N GLU A 66 10.21 -13.49 10.73
CA GLU A 66 9.02 -14.32 10.71
C GLU A 66 9.28 -15.65 10.00
N ASP A 67 9.96 -15.58 8.86
CA ASP A 67 10.28 -16.77 8.08
C ASP A 67 9.00 -17.45 7.58
N SER A 68 8.04 -16.63 7.15
CA SER A 68 6.77 -17.15 6.64
C SER A 68 6.79 -17.25 5.12
N GLY A 69 6.30 -18.37 4.60
CA GLY A 69 6.27 -18.58 3.17
C GLY A 69 7.39 -19.48 2.68
N PRO A 70 7.38 -19.80 1.38
CA PRO A 70 8.40 -20.67 0.77
C PRO A 70 9.76 -19.99 0.70
N SER A 71 9.79 -18.77 0.18
CA SER A 71 11.02 -18.01 0.05
C SER A 71 11.18 -17.00 1.18
N SER A 72 10.23 -16.08 1.26
CA SER A 72 10.25 -15.05 2.30
C SER A 72 9.01 -14.16 2.20
N GLY A 73 8.90 -13.22 3.13
CA GLY A 73 7.76 -12.31 3.14
C GLY A 73 6.62 -12.83 3.99
ZN ZN B . -9.73 2.00 -4.74
ZN ZN C . 1.42 -0.05 10.21
N GLY A 1 -15.29 -0.22 -25.55
CA GLY A 1 -15.36 1.00 -24.77
C GLY A 1 -15.73 0.74 -23.32
N SER A 2 -15.57 1.76 -22.48
CA SER A 2 -15.89 1.63 -21.07
C SER A 2 -15.81 2.98 -20.37
N SER A 3 -16.39 3.06 -19.17
CA SER A 3 -16.38 4.30 -18.40
C SER A 3 -15.61 4.13 -17.10
N GLY A 4 -14.43 4.73 -17.02
CA GLY A 4 -13.62 4.64 -15.83
C GLY A 4 -12.91 3.30 -15.72
N SER A 5 -11.59 3.32 -15.84
CA SER A 5 -10.80 2.09 -15.76
C SER A 5 -9.31 2.41 -15.59
N SER A 6 -9.02 3.42 -14.78
CA SER A 6 -7.64 3.83 -14.53
C SER A 6 -7.55 4.75 -13.32
N GLY A 7 -6.62 4.44 -12.42
CA GLY A 7 -6.45 5.24 -11.22
C GLY A 7 -6.05 4.40 -10.02
N CYS A 8 -7.03 3.82 -9.35
CA CYS A 8 -6.78 2.99 -8.18
C CYS A 8 -6.45 1.56 -8.58
N ASP A 9 -5.21 1.16 -8.34
CA ASP A 9 -4.75 -0.19 -8.67
C ASP A 9 -5.19 -1.19 -7.62
N SER A 10 -6.43 -1.04 -7.15
CA SER A 10 -6.97 -1.94 -6.12
C SER A 10 -8.43 -2.28 -6.42
N CYS A 11 -9.20 -1.28 -6.81
CA CYS A 11 -10.61 -1.48 -7.12
C CYS A 11 -10.93 -0.99 -8.54
N GLU A 12 -9.90 -0.92 -9.37
CA GLU A 12 -10.07 -0.46 -10.75
C GLU A 12 -11.04 0.72 -10.82
N LYS A 13 -10.73 1.76 -10.05
CA LYS A 13 -11.58 2.96 -10.02
C LYS A 13 -10.72 4.21 -9.96
N TYR A 14 -11.13 5.25 -10.68
CA TYR A 14 -10.40 6.50 -10.70
C TYR A 14 -10.40 7.16 -9.32
N ILE A 15 -9.27 7.73 -8.93
CA ILE A 15 -9.14 8.39 -7.64
C ILE A 15 -9.38 9.89 -7.76
N THR A 16 -10.46 10.37 -7.14
CA THR A 16 -10.79 11.79 -7.18
C THR A 16 -10.11 12.54 -6.04
N GLY A 17 -8.85 12.93 -6.27
CA GLY A 17 -8.12 13.66 -5.26
C GLY A 17 -6.70 13.16 -5.11
N ARG A 18 -6.21 13.12 -3.87
CA ARG A 18 -4.86 12.66 -3.60
C ARG A 18 -4.77 11.14 -3.70
N VAL A 19 -3.71 10.65 -4.34
CA VAL A 19 -3.50 9.22 -4.50
C VAL A 19 -2.27 8.75 -3.75
N LEU A 20 -2.35 7.56 -3.17
CA LEU A 20 -1.24 6.99 -2.42
C LEU A 20 -0.19 6.40 -3.36
N GLU A 21 0.95 7.07 -3.48
CA GLU A 21 2.03 6.61 -4.35
C GLU A 21 3.03 5.76 -3.57
N ALA A 22 3.12 4.49 -3.93
CA ALA A 22 4.04 3.57 -3.26
C ALA A 22 4.89 2.82 -4.28
N GLY A 23 6.10 3.33 -4.52
CA GLY A 23 6.99 2.70 -5.48
C GLY A 23 6.75 3.16 -6.90
N GLU A 24 5.62 2.76 -7.47
CA GLU A 24 5.28 3.14 -8.84
C GLU A 24 3.82 2.82 -9.15
N LYS A 25 3.00 2.78 -8.10
CA LYS A 25 1.58 2.49 -8.25
C LYS A 25 0.73 3.55 -7.56
N HIS A 26 -0.59 3.41 -7.68
CA HIS A 26 -1.52 4.35 -7.05
C HIS A 26 -2.73 3.64 -6.48
N TYR A 27 -3.18 4.08 -5.32
CA TYR A 27 -4.33 3.47 -4.66
C TYR A 27 -5.17 4.52 -3.93
N HIS A 28 -6.42 4.19 -3.65
CA HIS A 28 -7.32 5.10 -2.96
C HIS A 28 -6.80 5.43 -1.56
N PRO A 29 -7.31 6.52 -0.98
CA PRO A 29 -6.91 6.96 0.36
C PRO A 29 -7.42 6.02 1.46
N SER A 30 -8.06 4.93 1.05
CA SER A 30 -8.60 3.96 1.99
C SER A 30 -8.28 2.54 1.55
N CYS A 31 -8.29 2.32 0.24
CA CYS A 31 -7.99 0.99 -0.31
C CYS A 31 -6.63 0.51 0.15
N ALA A 32 -5.62 1.37 0.01
CA ALA A 32 -4.26 1.03 0.42
C ALA A 32 -4.06 1.23 1.92
N LEU A 33 -4.07 0.13 2.67
CA LEU A 33 -3.89 0.19 4.11
C LEU A 33 -2.73 -0.70 4.56
N CYS A 34 -1.94 -0.21 5.50
CA CYS A 34 -0.81 -0.98 6.01
C CYS A 34 -1.23 -2.39 6.40
N VAL A 35 -0.70 -3.37 5.68
CA VAL A 35 -1.03 -4.77 5.95
C VAL A 35 -0.87 -5.10 7.42
N ARG A 36 0.17 -4.55 8.04
CA ARG A 36 0.42 -4.78 9.46
C ARG A 36 -0.75 -4.28 10.31
N CYS A 37 -0.87 -2.97 10.44
CA CYS A 37 -1.94 -2.37 11.22
C CYS A 37 -3.13 -2.02 10.33
N GLY A 38 -2.86 -1.36 9.22
CA GLY A 38 -3.93 -0.98 8.31
C GLY A 38 -4.37 0.46 8.51
N GLN A 39 -3.43 1.34 8.83
CA GLN A 39 -3.73 2.74 9.06
C GLN A 39 -3.38 3.57 7.82
N MET A 40 -4.36 4.31 7.32
CA MET A 40 -4.15 5.15 6.15
C MET A 40 -2.88 5.98 6.29
N PHE A 41 -2.45 6.61 5.19
CA PHE A 41 -1.26 7.43 5.19
C PHE A 41 -1.56 8.83 4.65
N ALA A 42 -0.50 9.62 4.47
CA ALA A 42 -0.65 10.98 3.97
C ALA A 42 -0.50 11.01 2.45
N GLU A 43 -0.40 12.22 1.89
CA GLU A 43 -0.25 12.38 0.45
C GLU A 43 1.21 12.56 0.07
N GLY A 44 2.09 11.82 0.74
CA GLY A 44 3.51 11.91 0.47
C GLY A 44 4.36 11.33 1.58
N GLU A 45 3.95 10.18 2.11
CA GLU A 45 4.68 9.52 3.19
C GLU A 45 5.75 8.59 2.63
N GLU A 46 6.81 8.39 3.41
CA GLU A 46 7.89 7.50 2.99
C GLU A 46 7.99 6.29 3.91
N MET A 47 7.83 5.11 3.33
CA MET A 47 7.89 3.86 4.09
C MET A 47 8.50 2.74 3.26
N TYR A 48 8.76 1.61 3.90
CA TYR A 48 9.34 0.45 3.21
C TYR A 48 8.31 -0.24 2.34
N LEU A 49 8.78 -0.89 1.28
CA LEU A 49 7.89 -1.59 0.35
C LEU A 49 8.48 -2.95 -0.02
N GLN A 50 7.76 -4.01 0.33
CA GLN A 50 8.21 -5.37 0.03
C GLN A 50 7.32 -6.01 -1.03
N GLY A 51 7.92 -6.37 -2.17
CA GLY A 51 7.18 -6.98 -3.25
C GLY A 51 6.14 -6.05 -3.84
N SER A 52 5.05 -5.84 -3.12
CA SER A 52 3.98 -4.96 -3.59
C SER A 52 3.02 -4.63 -2.45
N SER A 53 3.56 -4.53 -1.24
CA SER A 53 2.75 -4.21 -0.07
C SER A 53 3.30 -2.98 0.65
N ILE A 54 2.42 -2.27 1.35
CA ILE A 54 2.82 -1.08 2.09
C ILE A 54 3.13 -1.41 3.54
N TRP A 55 4.40 -1.25 3.92
CA TRP A 55 4.83 -1.54 5.27
C TRP A 55 5.30 -0.27 5.97
N HIS A 56 4.64 0.08 7.07
CA HIS A 56 4.98 1.28 7.83
C HIS A 56 6.43 1.24 8.27
N PRO A 57 6.96 2.40 8.67
CA PRO A 57 8.35 2.53 9.13
C PRO A 57 8.59 1.85 10.47
N ALA A 58 7.57 1.86 11.32
CA ALA A 58 7.67 1.25 12.64
C ALA A 58 7.17 -0.19 12.62
N CYS A 59 6.06 -0.41 11.90
CA CYS A 59 5.47 -1.74 11.79
C CYS A 59 6.48 -2.73 11.20
N ARG A 60 6.92 -2.46 9.98
CA ARG A 60 7.88 -3.33 9.31
C ARG A 60 8.89 -3.88 10.30
N GLN A 61 9.60 -2.99 10.98
CA GLN A 61 10.61 -3.38 11.95
C GLN A 61 10.15 -4.61 12.73
N ALA A 62 8.88 -4.62 13.12
CA ALA A 62 8.32 -5.74 13.86
C ALA A 62 8.14 -6.97 12.98
N ALA A 63 7.67 -6.75 11.76
CA ALA A 63 7.46 -7.84 10.82
C ALA A 63 8.58 -7.90 9.78
N ARG A 64 9.80 -7.60 10.23
CA ARG A 64 10.96 -7.63 9.35
C ARG A 64 11.78 -8.90 9.54
N THR A 65 11.38 -9.70 10.52
CA THR A 65 12.07 -10.96 10.81
C THR A 65 11.08 -12.10 11.01
N GLU A 66 10.05 -11.85 11.80
CA GLU A 66 9.03 -12.86 12.07
C GLU A 66 8.57 -13.52 10.77
N ASP A 67 8.36 -14.84 10.83
CA ASP A 67 7.91 -15.59 9.66
C ASP A 67 7.40 -16.97 10.06
N SER A 68 8.28 -17.76 10.68
CA SER A 68 7.92 -19.11 11.10
C SER A 68 9.14 -19.86 11.61
N GLY A 69 10.27 -19.67 10.93
CA GLY A 69 11.49 -20.34 11.33
C GLY A 69 11.97 -21.36 10.30
N PRO A 70 12.37 -20.86 9.12
CA PRO A 70 12.86 -21.71 8.03
C PRO A 70 14.19 -22.36 8.35
N SER A 71 14.46 -23.51 7.73
CA SER A 71 15.71 -24.23 7.94
C SER A 71 16.26 -24.76 6.63
N SER A 72 17.46 -24.30 6.28
CA SER A 72 18.10 -24.72 5.04
C SER A 72 19.57 -24.31 5.02
N GLY A 73 20.46 -25.27 5.25
CA GLY A 73 21.88 -24.98 5.25
C GLY A 73 22.55 -25.36 6.56
ZN ZN B . -9.85 1.94 -4.65
ZN ZN C . 1.29 -0.01 10.10
N GLY A 1 -8.11 -4.00 -22.15
CA GLY A 1 -8.97 -3.91 -23.32
C GLY A 1 -9.19 -2.47 -23.76
N SER A 2 -10.45 -2.06 -23.82
CA SER A 2 -10.79 -0.70 -24.24
C SER A 2 -10.78 0.26 -23.05
N SER A 3 -11.63 -0.03 -22.06
CA SER A 3 -11.72 0.81 -20.88
C SER A 3 -10.65 0.41 -19.86
N GLY A 4 -9.48 1.03 -19.97
CA GLY A 4 -8.40 0.74 -19.06
C GLY A 4 -8.18 1.84 -18.04
N SER A 5 -9.10 1.95 -17.09
CA SER A 5 -9.01 2.98 -16.05
C SER A 5 -7.71 2.85 -15.28
N SER A 6 -6.79 3.78 -15.51
CA SER A 6 -5.50 3.78 -14.83
C SER A 6 -5.54 4.64 -13.57
N GLY A 7 -6.00 4.06 -12.47
CA GLY A 7 -6.08 4.80 -11.22
C GLY A 7 -5.75 3.94 -10.03
N CYS A 8 -6.77 3.66 -9.21
CA CYS A 8 -6.59 2.85 -8.01
C CYS A 8 -6.27 1.40 -8.39
N ASP A 9 -5.06 0.96 -8.05
CA ASP A 9 -4.64 -0.40 -8.35
C ASP A 9 -5.11 -1.37 -7.27
N SER A 10 -6.30 -1.12 -6.75
CA SER A 10 -6.87 -1.97 -5.70
C SER A 10 -8.34 -2.30 -6.01
N CYS A 11 -9.10 -1.28 -6.37
CA CYS A 11 -10.51 -1.46 -6.70
C CYS A 11 -10.81 -1.00 -8.12
N GLU A 12 -9.81 -1.11 -8.99
CA GLU A 12 -9.96 -0.72 -10.39
C GLU A 12 -10.88 0.49 -10.51
N LYS A 13 -10.53 1.58 -9.82
CA LYS A 13 -11.32 2.80 -9.86
C LYS A 13 -10.43 4.03 -9.90
N TYR A 14 -10.77 4.98 -10.75
CA TYR A 14 -9.99 6.22 -10.89
C TYR A 14 -9.97 6.99 -9.56
N ILE A 15 -9.08 7.97 -9.49
CA ILE A 15 -8.95 8.78 -8.29
C ILE A 15 -8.93 10.28 -8.62
N THR A 16 -10.05 10.94 -8.38
CA THR A 16 -10.16 12.36 -8.66
C THR A 16 -9.23 13.18 -7.77
N GLY A 17 -9.05 12.72 -6.53
CA GLY A 17 -8.18 13.42 -5.61
C GLY A 17 -6.75 12.92 -5.67
N ARG A 18 -6.08 12.92 -4.52
CA ARG A 18 -4.70 12.46 -4.45
C ARG A 18 -4.63 10.93 -4.43
N VAL A 19 -3.45 10.40 -4.74
CA VAL A 19 -3.24 8.95 -4.75
C VAL A 19 -2.02 8.55 -3.94
N LEU A 20 -2.04 7.34 -3.41
CA LEU A 20 -0.93 6.84 -2.59
C LEU A 20 0.13 6.19 -3.47
N GLU A 21 1.11 6.98 -3.89
CA GLU A 21 2.18 6.48 -4.73
C GLU A 21 3.18 5.64 -3.92
N ALA A 22 3.17 4.33 -4.17
CA ALA A 22 4.07 3.43 -3.47
C ALA A 22 4.86 2.57 -4.44
N GLY A 23 6.18 2.80 -4.50
CA GLY A 23 7.03 2.04 -5.40
C GLY A 23 6.81 2.41 -6.85
N GLU A 24 5.77 1.84 -7.46
CA GLU A 24 5.46 2.11 -8.86
C GLU A 24 3.97 1.94 -9.13
N LYS A 25 3.18 1.91 -8.05
CA LYS A 25 1.73 1.75 -8.18
C LYS A 25 1.00 2.87 -7.44
N HIS A 26 -0.33 2.82 -7.49
CA HIS A 26 -1.15 3.83 -6.82
C HIS A 26 -2.46 3.23 -6.33
N TYR A 27 -3.03 3.83 -5.29
CA TYR A 27 -4.28 3.35 -4.73
C TYR A 27 -5.04 4.49 -4.03
N HIS A 28 -6.25 4.19 -3.58
CA HIS A 28 -7.08 5.18 -2.90
C HIS A 28 -6.50 5.52 -1.52
N PRO A 29 -6.92 6.66 -0.97
CA PRO A 29 -6.47 7.11 0.35
C PRO A 29 -7.00 6.25 1.48
N SER A 30 -7.86 5.30 1.15
CA SER A 30 -8.45 4.40 2.13
C SER A 30 -8.18 2.94 1.78
N CYS A 31 -8.14 2.66 0.49
CA CYS A 31 -7.89 1.30 0.00
C CYS A 31 -6.54 0.80 0.49
N ALA A 32 -5.48 1.53 0.14
CA ALA A 32 -4.13 1.16 0.54
C ALA A 32 -3.93 1.32 2.04
N LEU A 33 -4.16 0.23 2.78
CA LEU A 33 -4.01 0.26 4.23
C LEU A 33 -2.89 -0.68 4.68
N CYS A 34 -1.99 -0.16 5.49
CA CYS A 34 -0.87 -0.94 6.00
C CYS A 34 -1.31 -2.36 6.34
N VAL A 35 -0.81 -3.33 5.58
CA VAL A 35 -1.16 -4.74 5.80
C VAL A 35 -0.97 -5.12 7.27
N ARG A 36 0.07 -4.58 7.89
CA ARG A 36 0.35 -4.86 9.29
C ARG A 36 -0.79 -4.41 10.19
N CYS A 37 -0.92 -3.10 10.35
CA CYS A 37 -1.97 -2.53 11.18
C CYS A 37 -3.19 -2.16 10.35
N GLY A 38 -2.95 -1.46 9.24
CA GLY A 38 -4.04 -1.05 8.37
C GLY A 38 -4.49 0.37 8.62
N GLN A 39 -3.55 1.22 9.01
CA GLN A 39 -3.86 2.62 9.29
C GLN A 39 -3.58 3.49 8.06
N MET A 40 -4.54 4.31 7.69
CA MET A 40 -4.41 5.19 6.54
C MET A 40 -3.14 6.05 6.67
N PHE A 41 -2.81 6.77 5.60
CA PHE A 41 -1.64 7.63 5.59
C PHE A 41 -1.98 9.02 5.08
N ALA A 42 -0.97 9.88 5.00
CA ALA A 42 -1.17 11.25 4.54
C ALA A 42 -1.05 11.33 3.02
N GLU A 43 -0.90 12.54 2.50
CA GLU A 43 -0.79 12.75 1.07
C GLU A 43 0.67 12.97 0.67
N GLY A 44 1.56 12.20 1.28
CA GLY A 44 2.97 12.32 0.98
C GLY A 44 3.85 11.71 2.06
N GLU A 45 3.49 10.50 2.51
CA GLU A 45 4.25 9.82 3.54
C GLU A 45 5.29 8.88 2.93
N GLU A 46 6.38 8.65 3.65
CA GLU A 46 7.44 7.78 3.18
C GLU A 46 7.49 6.49 3.99
N MET A 47 7.29 5.37 3.31
CA MET A 47 7.31 4.07 3.97
C MET A 47 7.99 3.03 3.09
N TYR A 48 8.39 1.91 3.70
CA TYR A 48 9.06 0.84 2.97
C TYR A 48 8.06 0.06 2.12
N LEU A 49 8.53 -0.46 0.98
CA LEU A 49 7.68 -1.23 0.09
C LEU A 49 8.28 -2.59 -0.22
N GLN A 50 7.43 -3.57 -0.46
CA GLN A 50 7.88 -4.93 -0.75
C GLN A 50 6.89 -5.65 -1.65
N GLY A 51 7.30 -5.91 -2.89
CA GLY A 51 6.44 -6.59 -3.83
C GLY A 51 5.30 -5.72 -4.31
N SER A 52 4.34 -5.47 -3.43
CA SER A 52 3.18 -4.65 -3.77
C SER A 52 2.35 -4.34 -2.53
N SER A 53 2.99 -4.35 -1.38
CA SER A 53 2.32 -4.08 -0.11
C SER A 53 2.94 -2.88 0.60
N ILE A 54 2.11 -2.14 1.34
CA ILE A 54 2.58 -0.98 2.07
C ILE A 54 2.96 -1.33 3.51
N TRP A 55 4.24 -1.20 3.82
CA TRP A 55 4.73 -1.51 5.17
C TRP A 55 5.18 -0.24 5.88
N HIS A 56 4.52 0.07 7.00
CA HIS A 56 4.86 1.25 7.78
C HIS A 56 6.33 1.24 8.18
N PRO A 57 6.84 2.40 8.61
CA PRO A 57 8.23 2.54 9.03
C PRO A 57 8.52 1.83 10.36
N ALA A 58 7.52 1.82 11.23
CA ALA A 58 7.66 1.17 12.53
C ALA A 58 7.16 -0.27 12.48
N CYS A 59 6.07 -0.50 11.75
CA CYS A 59 5.51 -1.83 11.62
C CYS A 59 6.50 -2.78 10.97
N ARG A 60 6.86 -2.50 9.73
CA ARG A 60 7.80 -3.34 8.99
C ARG A 60 8.90 -3.87 9.92
N GLN A 61 9.54 -2.95 10.64
CA GLN A 61 10.61 -3.31 11.56
C GLN A 61 10.27 -4.59 12.32
N ALA A 62 9.04 -4.64 12.84
CA ALA A 62 8.59 -5.81 13.58
C ALA A 62 8.37 -7.01 12.66
N ALA A 63 7.73 -6.76 11.53
CA ALA A 63 7.47 -7.83 10.56
C ALA A 63 8.66 -8.02 9.62
N ARG A 64 9.86 -7.97 10.18
CA ARG A 64 11.07 -8.13 9.39
C ARG A 64 11.35 -9.61 9.12
N THR A 65 11.38 -10.40 10.19
CA THR A 65 11.63 -11.83 10.07
C THR A 65 11.10 -12.59 11.28
N GLU A 66 9.79 -12.85 11.28
CA GLU A 66 9.15 -13.57 12.37
C GLU A 66 8.71 -14.97 11.93
N ASP A 67 8.48 -15.84 12.90
CA ASP A 67 8.05 -17.20 12.61
C ASP A 67 7.01 -17.67 13.61
N SER A 68 6.07 -16.79 13.95
CA SER A 68 5.01 -17.11 14.91
C SER A 68 3.65 -16.77 14.33
N GLY A 69 3.46 -15.51 13.96
CA GLY A 69 2.19 -15.09 13.40
C GLY A 69 2.12 -15.29 11.89
N PRO A 70 1.29 -16.25 11.46
CA PRO A 70 1.12 -16.56 10.03
C PRO A 70 0.39 -15.46 9.29
N SER A 71 0.93 -15.06 8.14
CA SER A 71 0.33 -14.01 7.33
C SER A 71 0.72 -14.15 5.87
N SER A 72 0.01 -15.01 5.14
CA SER A 72 0.30 -15.25 3.73
C SER A 72 -1.00 -15.32 2.92
N GLY A 73 -1.21 -14.32 2.07
CA GLY A 73 -2.40 -14.30 1.24
C GLY A 73 -2.74 -12.90 0.75
ZN ZN B . -9.67 2.04 -4.40
ZN ZN C . 1.25 -0.12 10.10
N GLY A 1 -11.82 -2.59 -19.34
CA GLY A 1 -11.79 -2.37 -20.77
C GLY A 1 -10.77 -1.32 -21.17
N SER A 2 -9.60 -1.77 -21.60
CA SER A 2 -8.54 -0.86 -22.02
C SER A 2 -8.04 -0.03 -20.84
N SER A 3 -6.80 0.45 -20.94
CA SER A 3 -6.20 1.24 -19.87
C SER A 3 -6.57 2.71 -20.04
N GLY A 4 -7.82 2.98 -20.36
CA GLY A 4 -8.27 4.35 -20.55
C GLY A 4 -7.80 5.27 -19.44
N SER A 5 -7.97 4.83 -18.19
CA SER A 5 -7.55 5.63 -17.04
C SER A 5 -6.97 4.74 -15.95
N SER A 6 -5.87 5.20 -15.34
CA SER A 6 -5.22 4.44 -14.29
C SER A 6 -5.25 5.21 -12.97
N GLY A 7 -6.33 5.03 -12.21
CA GLY A 7 -6.47 5.71 -10.94
C GLY A 7 -6.10 4.83 -9.76
N CYS A 8 -7.04 4.01 -9.31
CA CYS A 8 -6.81 3.11 -8.19
C CYS A 8 -6.52 1.70 -8.68
N ASP A 9 -5.29 1.24 -8.46
CA ASP A 9 -4.89 -0.10 -8.88
C ASP A 9 -5.34 -1.14 -7.86
N SER A 10 -6.58 -0.99 -7.39
CA SER A 10 -7.13 -1.92 -6.41
C SER A 10 -8.60 -2.21 -6.71
N CYS A 11 -9.34 -1.16 -7.03
CA CYS A 11 -10.76 -1.30 -7.33
C CYS A 11 -11.08 -0.73 -8.72
N GLU A 12 -10.10 -0.76 -9.60
CA GLU A 12 -10.27 -0.25 -10.96
C GLU A 12 -11.20 0.98 -10.96
N LYS A 13 -10.85 1.98 -10.16
CA LYS A 13 -11.64 3.20 -10.08
C LYS A 13 -10.75 4.43 -10.00
N TYR A 14 -11.17 5.49 -10.68
CA TYR A 14 -10.40 6.74 -10.69
C TYR A 14 -10.28 7.33 -9.28
N ILE A 15 -9.18 8.01 -9.03
CA ILE A 15 -8.94 8.62 -7.72
C ILE A 15 -8.90 10.14 -7.83
N THR A 16 -10.08 10.75 -7.79
CA THR A 16 -10.19 12.20 -7.89
C THR A 16 -9.33 12.88 -6.83
N GLY A 17 -8.25 13.52 -7.29
CA GLY A 17 -7.36 14.21 -6.38
C GLY A 17 -5.99 13.55 -6.31
N ARG A 18 -5.48 13.38 -5.09
CA ARG A 18 -4.17 12.76 -4.89
C ARG A 18 -4.31 11.26 -4.69
N VAL A 19 -3.21 10.54 -4.90
CA VAL A 19 -3.21 9.09 -4.75
C VAL A 19 -2.01 8.63 -3.91
N LEU A 20 -2.17 7.49 -3.25
CA LEU A 20 -1.11 6.94 -2.42
C LEU A 20 -0.05 6.24 -3.27
N GLU A 21 1.02 6.94 -3.58
CA GLU A 21 2.10 6.38 -4.39
C GLU A 21 3.03 5.53 -3.53
N ALA A 22 3.02 4.23 -3.79
CA ALA A 22 3.86 3.29 -3.04
C ALA A 22 4.77 2.50 -3.99
N GLY A 23 5.98 3.00 -4.18
CA GLY A 23 6.93 2.33 -5.06
C GLY A 23 6.77 2.74 -6.50
N GLU A 24 5.63 2.37 -7.10
CA GLU A 24 5.36 2.71 -8.49
C GLU A 24 3.90 2.42 -8.84
N LYS A 25 3.04 2.46 -7.84
CA LYS A 25 1.62 2.21 -8.04
C LYS A 25 0.78 3.28 -7.35
N HIS A 26 -0.55 3.18 -7.50
CA HIS A 26 -1.46 4.14 -6.90
C HIS A 26 -2.71 3.43 -6.36
N TYR A 27 -3.21 3.91 -5.23
CA TYR A 27 -4.40 3.33 -4.62
C TYR A 27 -5.19 4.39 -3.85
N HIS A 28 -6.49 4.13 -3.67
CA HIS A 28 -7.35 5.07 -2.96
C HIS A 28 -6.82 5.34 -1.56
N PRO A 29 -7.31 6.43 -0.95
CA PRO A 29 -6.90 6.82 0.40
C PRO A 29 -7.39 5.86 1.47
N SER A 30 -8.06 4.80 1.05
CA SER A 30 -8.61 3.80 1.97
C SER A 30 -8.31 2.40 1.48
N CYS A 31 -8.31 2.23 0.16
CA CYS A 31 -8.03 0.92 -0.44
C CYS A 31 -6.65 0.41 -0.04
N ALA A 32 -5.69 1.32 0.03
CA ALA A 32 -4.32 0.97 0.40
C ALA A 32 -4.08 1.22 1.89
N LEU A 33 -4.00 0.14 2.66
CA LEU A 33 -3.77 0.24 4.10
C LEU A 33 -2.66 -0.70 4.54
N CYS A 34 -1.81 -0.23 5.44
CA CYS A 34 -0.70 -1.03 5.96
C CYS A 34 -1.18 -2.43 6.33
N VAL A 35 -0.60 -3.43 5.67
CA VAL A 35 -0.97 -4.83 5.92
C VAL A 35 -0.79 -5.17 7.40
N ARG A 36 0.23 -4.59 8.02
CA ARG A 36 0.50 -4.84 9.44
C ARG A 36 -0.65 -4.35 10.31
N CYS A 37 -0.75 -3.03 10.44
CA CYS A 37 -1.80 -2.43 11.25
C CYS A 37 -2.98 -2.01 10.38
N GLY A 38 -2.69 -1.32 9.27
CA GLY A 38 -3.74 -0.89 8.37
C GLY A 38 -4.19 0.54 8.65
N GLN A 39 -3.24 1.38 9.02
CA GLN A 39 -3.53 2.78 9.33
C GLN A 39 -3.35 3.65 8.08
N MET A 40 -4.41 4.34 7.69
CA MET A 40 -4.36 5.22 6.52
C MET A 40 -3.11 6.09 6.55
N PHE A 41 -2.71 6.57 5.38
CA PHE A 41 -1.53 7.42 5.27
C PHE A 41 -1.91 8.82 4.76
N ALA A 42 -0.89 9.60 4.39
CA ALA A 42 -1.11 10.95 3.88
C ALA A 42 -1.02 10.98 2.36
N GLU A 43 -0.90 12.18 1.81
CA GLU A 43 -0.81 12.35 0.36
C GLU A 43 0.65 12.53 -0.06
N GLY A 44 1.55 11.83 0.64
CA GLY A 44 2.97 11.92 0.32
C GLY A 44 3.84 11.41 1.45
N GLU A 45 3.45 10.28 2.04
CA GLU A 45 4.21 9.69 3.13
C GLU A 45 5.34 8.81 2.59
N GLU A 46 6.31 8.53 3.45
CA GLU A 46 7.45 7.70 3.07
C GLU A 46 7.51 6.43 3.92
N MET A 47 7.44 5.28 3.25
CA MET A 47 7.49 4.00 3.95
C MET A 47 8.13 2.93 3.07
N TYR A 48 8.57 1.85 3.70
CA TYR A 48 9.21 0.75 2.97
C TYR A 48 8.17 -0.09 2.22
N LEU A 49 8.59 -0.71 1.14
CA LEU A 49 7.70 -1.54 0.34
C LEU A 49 8.38 -2.83 -0.07
N GLN A 50 7.66 -3.95 0.04
CA GLN A 50 8.20 -5.26 -0.32
C GLN A 50 7.25 -5.99 -1.26
N GLY A 51 7.70 -6.24 -2.48
CA GLY A 51 6.88 -6.94 -3.45
C GLY A 51 5.77 -6.08 -4.00
N SER A 52 4.78 -5.78 -3.16
CA SER A 52 3.64 -4.96 -3.56
C SER A 52 2.74 -4.65 -2.38
N SER A 53 3.35 -4.51 -1.20
CA SER A 53 2.60 -4.21 0.02
C SER A 53 3.17 -2.99 0.73
N ILE A 54 2.31 -2.28 1.46
CA ILE A 54 2.73 -1.09 2.19
C ILE A 54 3.12 -1.43 3.62
N TRP A 55 4.41 -1.30 3.93
CA TRP A 55 4.91 -1.60 5.26
C TRP A 55 5.38 -0.33 5.95
N HIS A 56 4.68 0.07 7.01
CA HIS A 56 5.03 1.27 7.76
C HIS A 56 6.49 1.23 8.19
N PRO A 57 7.03 2.40 8.56
CA PRO A 57 8.42 2.53 9.00
C PRO A 57 8.67 1.87 10.35
N ALA A 58 7.64 1.90 11.22
CA ALA A 58 7.75 1.30 12.54
C ALA A 58 7.27 -0.15 12.54
N CYS A 59 6.19 -0.40 11.78
CA CYS A 59 5.62 -1.74 11.70
C CYS A 59 6.63 -2.72 11.12
N ARG A 60 7.06 -2.47 9.89
CA ARG A 60 8.02 -3.34 9.22
C ARG A 60 9.08 -3.83 10.20
N GLN A 61 9.76 -2.88 10.85
CA GLN A 61 10.80 -3.23 11.81
C GLN A 61 10.41 -4.47 12.62
N ALA A 62 9.18 -4.49 13.11
CA ALA A 62 8.69 -5.61 13.90
C ALA A 62 8.51 -6.84 13.03
N ALA A 63 7.88 -6.68 11.87
CA ALA A 63 7.64 -7.77 10.95
C ALA A 63 8.90 -8.63 10.79
N ARG A 64 10.04 -7.97 10.62
CA ARG A 64 11.31 -8.66 10.46
C ARG A 64 11.34 -9.95 11.28
N THR A 65 10.99 -9.82 12.55
CA THR A 65 10.98 -10.97 13.45
C THR A 65 9.55 -11.45 13.72
N GLU A 66 9.25 -12.67 13.31
CA GLU A 66 7.92 -13.24 13.50
C GLU A 66 7.95 -14.77 13.35
N ASP A 67 8.66 -15.24 12.34
CA ASP A 67 8.78 -16.67 12.09
C ASP A 67 7.42 -17.27 11.75
N SER A 68 6.63 -16.53 10.96
CA SER A 68 5.30 -16.99 10.56
C SER A 68 4.74 -16.11 9.46
N GLY A 69 3.54 -16.46 8.99
CA GLY A 69 2.90 -15.68 7.94
C GLY A 69 1.73 -16.41 7.31
N PRO A 70 0.52 -16.14 7.85
CA PRO A 70 -0.70 -16.77 7.35
C PRO A 70 -1.10 -16.27 5.97
N SER A 71 -2.20 -16.79 5.45
CA SER A 71 -2.69 -16.40 4.13
C SER A 71 -4.21 -16.54 4.04
N SER A 72 -4.69 -17.77 4.23
CA SER A 72 -6.12 -18.04 4.17
C SER A 72 -6.66 -17.78 2.77
N GLY A 73 -7.25 -18.81 2.17
CA GLY A 73 -7.81 -18.68 0.83
C GLY A 73 -6.74 -18.42 -0.21
ZN ZN B . -9.91 2.00 -4.72
ZN ZN C . 1.39 -0.11 10.03
N GLY A 1 -13.00 -1.77 -21.72
CA GLY A 1 -12.36 -1.34 -22.95
C GLY A 1 -10.85 -1.33 -22.83
N SER A 2 -10.22 -2.34 -23.41
CA SER A 2 -8.76 -2.45 -23.37
C SER A 2 -8.27 -2.73 -21.96
N SER A 3 -7.11 -3.37 -21.85
CA SER A 3 -6.54 -3.71 -20.54
C SER A 3 -5.67 -2.57 -20.03
N GLY A 4 -5.58 -2.45 -18.70
CA GLY A 4 -4.77 -1.40 -18.10
C GLY A 4 -5.55 -0.12 -17.91
N SER A 5 -4.91 1.02 -18.20
CA SER A 5 -5.56 2.31 -18.04
C SER A 5 -6.51 2.31 -16.85
N SER A 6 -5.96 2.48 -15.66
CA SER A 6 -6.76 2.50 -14.44
C SER A 6 -6.02 3.20 -13.31
N GLY A 7 -6.71 4.11 -12.63
CA GLY A 7 -6.10 4.85 -11.54
C GLY A 7 -5.80 3.95 -10.35
N CYS A 8 -6.77 3.83 -9.44
CA CYS A 8 -6.60 3.01 -8.25
C CYS A 8 -6.39 1.54 -8.62
N ASP A 9 -5.17 1.06 -8.43
CA ASP A 9 -4.84 -0.32 -8.74
C ASP A 9 -5.32 -1.26 -7.64
N SER A 10 -6.56 -1.07 -7.20
CA SER A 10 -7.13 -1.89 -6.14
C SER A 10 -8.62 -2.12 -6.38
N CYS A 11 -9.34 -1.04 -6.64
CA CYS A 11 -10.77 -1.12 -6.88
C CYS A 11 -11.12 -0.65 -8.29
N GLU A 12 -10.14 -0.74 -9.19
CA GLU A 12 -10.34 -0.33 -10.57
C GLU A 12 -11.19 0.94 -10.64
N LYS A 13 -10.75 1.98 -9.94
CA LYS A 13 -11.47 3.25 -9.93
C LYS A 13 -10.51 4.43 -9.97
N TYR A 14 -10.93 5.51 -10.62
CA TYR A 14 -10.10 6.71 -10.73
C TYR A 14 -10.04 7.45 -9.41
N ILE A 15 -8.94 8.18 -9.20
CA ILE A 15 -8.76 8.94 -7.98
C ILE A 15 -9.04 10.43 -8.20
N THR A 16 -10.09 10.93 -7.55
CA THR A 16 -10.46 12.33 -7.69
C THR A 16 -9.74 13.19 -6.65
N GLY A 17 -8.45 12.94 -6.47
CA GLY A 17 -7.67 13.71 -5.52
C GLY A 17 -6.26 13.15 -5.35
N ARG A 18 -5.87 12.93 -4.11
CA ARG A 18 -4.54 12.40 -3.82
C ARG A 18 -4.52 10.88 -3.89
N VAL A 19 -3.41 10.33 -4.37
CA VAL A 19 -3.26 8.89 -4.49
C VAL A 19 -2.02 8.39 -3.76
N LEU A 20 -2.12 7.20 -3.19
CA LEU A 20 -1.00 6.60 -2.45
C LEU A 20 -0.01 5.93 -3.40
N GLU A 21 1.04 6.66 -3.76
CA GLU A 21 2.07 6.14 -4.66
C GLU A 21 3.02 5.20 -3.92
N ALA A 22 2.79 3.90 -4.06
CA ALA A 22 3.62 2.90 -3.41
C ALA A 22 4.49 2.17 -4.43
N GLY A 23 5.72 2.66 -4.60
CA GLY A 23 6.64 2.04 -5.55
C GLY A 23 6.40 2.51 -6.97
N GLU A 24 5.46 1.86 -7.66
CA GLU A 24 5.15 2.22 -9.04
C GLU A 24 3.66 2.02 -9.33
N LYS A 25 2.85 2.09 -8.27
CA LYS A 25 1.41 1.92 -8.42
C LYS A 25 0.66 3.03 -7.66
N HIS A 26 -0.66 3.05 -7.83
CA HIS A 26 -1.49 4.06 -7.17
C HIS A 26 -2.71 3.40 -6.52
N TYR A 27 -3.18 3.99 -5.43
CA TYR A 27 -4.34 3.46 -4.72
C TYR A 27 -5.05 4.58 -3.95
N HIS A 28 -6.29 4.30 -3.53
CA HIS A 28 -7.08 5.28 -2.79
C HIS A 28 -6.53 5.45 -1.39
N PRO A 29 -6.90 6.58 -0.75
CA PRO A 29 -6.46 6.90 0.62
C PRO A 29 -7.08 5.98 1.66
N SER A 30 -7.90 5.04 1.20
CA SER A 30 -8.56 4.10 2.10
C SER A 30 -8.39 2.66 1.61
N CYS A 31 -8.30 2.49 0.30
CA CYS A 31 -8.12 1.17 -0.30
C CYS A 31 -6.81 0.54 0.16
N ALA A 32 -5.73 1.33 0.12
CA ALA A 32 -4.42 0.84 0.53
C ALA A 32 -4.19 1.08 2.02
N LEU A 33 -4.25 0.00 2.80
CA LEU A 33 -4.04 0.08 4.24
C LEU A 33 -2.91 -0.84 4.69
N CYS A 34 -1.98 -0.29 5.45
CA CYS A 34 -0.84 -1.07 5.95
C CYS A 34 -1.27 -2.49 6.29
N VAL A 35 -0.65 -3.45 5.63
CA VAL A 35 -0.96 -4.86 5.85
C VAL A 35 -0.76 -5.23 7.32
N ARG A 36 0.18 -4.56 7.98
CA ARG A 36 0.47 -4.82 9.39
C ARG A 36 -0.69 -4.37 10.26
N CYS A 37 -0.83 -3.06 10.43
CA CYS A 37 -1.90 -2.50 11.25
C CYS A 37 -3.12 -2.16 10.39
N GLY A 38 -2.89 -1.47 9.28
CA GLY A 38 -3.98 -1.10 8.40
C GLY A 38 -4.43 0.34 8.61
N GLN A 39 -3.49 1.21 8.95
CA GLN A 39 -3.80 2.61 9.18
C GLN A 39 -3.51 3.45 7.95
N MET A 40 -4.53 4.15 7.46
CA MET A 40 -4.37 4.99 6.28
C MET A 40 -3.13 5.87 6.39
N PHE A 41 -2.71 6.44 5.26
CA PHE A 41 -1.54 7.29 5.22
C PHE A 41 -1.88 8.68 4.68
N ALA A 42 -0.85 9.49 4.45
CA ALA A 42 -1.05 10.84 3.92
C ALA A 42 -0.90 10.87 2.40
N GLU A 43 -0.74 12.06 1.85
CA GLU A 43 -0.59 12.22 0.41
C GLU A 43 0.88 12.41 0.04
N GLY A 44 1.76 11.70 0.74
CA GLY A 44 3.18 11.81 0.47
C GLY A 44 4.03 11.27 1.60
N GLU A 45 3.63 10.12 2.14
CA GLU A 45 4.37 9.50 3.25
C GLU A 45 5.45 8.57 2.72
N GLU A 46 6.52 8.42 3.49
CA GLU A 46 7.64 7.56 3.11
C GLU A 46 7.66 6.29 3.94
N MET A 47 7.56 5.15 3.27
CA MET A 47 7.56 3.86 3.96
C MET A 47 8.25 2.79 3.11
N TYR A 48 8.66 1.70 3.75
CA TYR A 48 9.33 0.62 3.04
C TYR A 48 8.34 -0.20 2.21
N LEU A 49 8.81 -0.67 1.06
CA LEU A 49 7.96 -1.46 0.16
C LEU A 49 8.57 -2.83 -0.10
N GLN A 50 7.74 -3.85 -0.13
CA GLN A 50 8.21 -5.21 -0.37
C GLN A 50 7.26 -5.95 -1.31
N GLY A 51 7.74 -6.29 -2.51
CA GLY A 51 6.93 -6.99 -3.48
C GLY A 51 5.80 -6.15 -4.00
N SER A 52 4.77 -5.95 -3.19
CA SER A 52 3.62 -5.15 -3.58
C SER A 52 2.74 -4.83 -2.37
N SER A 53 3.37 -4.67 -1.22
CA SER A 53 2.64 -4.37 0.01
C SER A 53 3.22 -3.13 0.69
N ILE A 54 2.37 -2.37 1.36
CA ILE A 54 2.79 -1.17 2.06
C ILE A 54 3.11 -1.45 3.52
N TRP A 55 4.39 -1.35 3.88
CA TRP A 55 4.81 -1.60 5.25
C TRP A 55 5.25 -0.30 5.93
N HIS A 56 4.56 0.04 7.02
CA HIS A 56 4.87 1.26 7.77
C HIS A 56 6.32 1.26 8.20
N PRO A 57 6.83 2.45 8.60
CA PRO A 57 8.21 2.62 9.04
C PRO A 57 8.47 1.96 10.39
N ALA A 58 7.46 1.95 11.25
CA ALA A 58 7.59 1.33 12.57
C ALA A 58 7.11 -0.11 12.55
N CYS A 59 6.03 -0.36 11.84
CA CYS A 59 5.47 -1.71 11.74
C CYS A 59 6.50 -2.68 11.17
N ARG A 60 6.94 -2.43 9.95
CA ARG A 60 7.92 -3.28 9.29
C ARG A 60 8.99 -3.74 10.28
N GLN A 61 9.55 -2.79 11.01
CA GLN A 61 10.59 -3.09 12.00
C GLN A 61 10.22 -4.34 12.80
N ALA A 62 8.95 -4.45 13.16
CA ALA A 62 8.46 -5.60 13.93
C ALA A 62 8.35 -6.84 13.05
N ALA A 63 7.89 -6.64 11.81
CA ALA A 63 7.74 -7.75 10.87
C ALA A 63 8.88 -7.77 9.87
N ARG A 64 10.09 -7.55 10.35
CA ARG A 64 11.27 -7.55 9.48
C ARG A 64 12.16 -8.76 9.77
N THR A 65 11.79 -9.54 10.79
CA THR A 65 12.55 -10.71 11.16
C THR A 65 11.62 -11.89 11.47
N GLU A 66 11.28 -12.65 10.43
CA GLU A 66 10.40 -13.80 10.59
C GLU A 66 10.79 -14.93 9.65
N ASP A 67 11.60 -15.86 10.15
CA ASP A 67 12.05 -16.99 9.35
C ASP A 67 11.03 -18.11 9.36
N SER A 68 9.95 -17.94 8.60
CA SER A 68 8.89 -18.93 8.52
C SER A 68 9.11 -19.87 7.34
N GLY A 69 9.14 -19.30 6.14
CA GLY A 69 9.35 -20.11 4.95
C GLY A 69 8.39 -19.74 3.82
N PRO A 70 8.73 -20.16 2.60
CA PRO A 70 7.91 -19.87 1.42
C PRO A 70 6.59 -20.64 1.43
N SER A 71 5.49 -19.90 1.52
CA SER A 71 4.16 -20.50 1.54
C SER A 71 3.71 -20.89 0.14
N SER A 72 3.77 -19.93 -0.78
CA SER A 72 3.37 -20.16 -2.16
C SER A 72 3.91 -19.07 -3.08
N GLY A 73 4.12 -19.41 -4.34
CA GLY A 73 4.64 -18.45 -5.30
C GLY A 73 3.63 -18.12 -6.38
ZN ZN B . -9.65 2.35 -4.61
ZN ZN C . 1.23 -0.14 10.03
N GLY A 1 -15.64 1.37 -19.94
CA GLY A 1 -14.96 2.52 -19.36
C GLY A 1 -14.18 3.31 -20.39
N SER A 2 -13.72 4.50 -19.99
CA SER A 2 -12.96 5.36 -20.88
C SER A 2 -11.75 4.62 -21.45
N SER A 3 -11.42 4.90 -22.70
CA SER A 3 -10.29 4.26 -23.36
C SER A 3 -8.98 4.98 -23.04
N GLY A 4 -8.83 5.36 -21.78
CA GLY A 4 -7.63 6.06 -21.35
C GLY A 4 -7.78 6.70 -19.98
N SER A 5 -7.50 5.93 -18.94
CA SER A 5 -7.62 6.42 -17.57
C SER A 5 -6.77 5.57 -16.62
N SER A 6 -6.25 6.21 -15.57
CA SER A 6 -5.43 5.54 -14.59
C SER A 6 -5.61 6.14 -13.21
N GLY A 7 -6.28 5.41 -12.32
CA GLY A 7 -6.51 5.90 -10.98
C GLY A 7 -6.09 4.91 -9.93
N CYS A 8 -6.99 3.99 -9.57
CA CYS A 8 -6.70 2.98 -8.56
C CYS A 8 -6.38 1.64 -9.21
N ASP A 9 -5.67 0.79 -8.48
CA ASP A 9 -5.28 -0.52 -8.99
C ASP A 9 -6.00 -1.63 -8.22
N SER A 10 -6.41 -1.32 -6.99
CA SER A 10 -7.11 -2.28 -6.15
C SER A 10 -8.59 -2.37 -6.53
N CYS A 11 -9.22 -1.21 -6.70
CA CYS A 11 -10.63 -1.15 -7.06
C CYS A 11 -10.81 -0.71 -8.51
N GLU A 12 -9.77 -0.08 -9.05
CA GLU A 12 -9.81 0.40 -10.43
C GLU A 12 -10.87 1.49 -10.60
N LYS A 13 -10.82 2.49 -9.73
CA LYS A 13 -11.78 3.59 -9.77
C LYS A 13 -11.06 4.93 -9.67
N TYR A 14 -11.37 5.84 -10.60
CA TYR A 14 -10.76 7.16 -10.62
C TYR A 14 -10.49 7.65 -9.20
N ILE A 15 -9.31 8.24 -8.99
CA ILE A 15 -8.94 8.75 -7.68
C ILE A 15 -8.90 10.28 -7.69
N THR A 16 -10.03 10.90 -7.33
CA THR A 16 -10.12 12.35 -7.30
C THR A 16 -9.11 12.95 -6.32
N GLY A 17 -8.06 13.56 -6.86
CA GLY A 17 -7.04 14.16 -6.03
C GLY A 17 -5.71 13.43 -6.13
N ARG A 18 -5.10 13.16 -4.99
CA ARG A 18 -3.82 12.47 -4.95
C ARG A 18 -4.00 10.97 -4.75
N VAL A 19 -2.98 10.20 -5.09
CA VAL A 19 -3.02 8.75 -4.94
C VAL A 19 -1.81 8.24 -4.18
N LEU A 20 -1.99 7.10 -3.50
CA LEU A 20 -0.91 6.50 -2.73
C LEU A 20 0.09 5.77 -3.65
N GLU A 21 1.18 6.44 -3.97
CA GLU A 21 2.20 5.86 -4.84
C GLU A 21 3.15 4.98 -4.04
N ALA A 22 3.10 3.68 -4.29
CA ALA A 22 3.96 2.72 -3.60
C ALA A 22 4.73 1.86 -4.59
N GLY A 23 5.94 2.28 -4.94
CA GLY A 23 6.75 1.53 -5.87
C GLY A 23 6.51 1.93 -7.31
N GLU A 24 5.36 1.53 -7.85
CA GLU A 24 5.01 1.85 -9.22
C GLU A 24 3.53 1.61 -9.49
N LYS A 25 2.70 1.91 -8.49
CA LYS A 25 1.26 1.72 -8.60
C LYS A 25 0.51 2.81 -7.84
N HIS A 26 -0.78 2.94 -8.13
CA HIS A 26 -1.61 3.94 -7.46
C HIS A 26 -2.75 3.28 -6.69
N TYR A 27 -3.10 3.87 -5.55
CA TYR A 27 -4.18 3.32 -4.71
C TYR A 27 -4.89 4.45 -3.97
N HIS A 28 -6.16 4.20 -3.64
CA HIS A 28 -6.96 5.19 -2.93
C HIS A 28 -6.43 5.42 -1.52
N PRO A 29 -6.86 6.52 -0.89
CA PRO A 29 -6.43 6.88 0.47
C PRO A 29 -7.00 5.94 1.52
N SER A 30 -7.72 4.91 1.07
CA SER A 30 -8.32 3.95 1.97
C SER A 30 -8.12 2.53 1.46
N CYS A 31 -8.05 2.38 0.14
CA CYS A 31 -7.86 1.07 -0.47
C CYS A 31 -6.54 0.45 -0.01
N ALA A 32 -5.51 1.28 0.08
CA ALA A 32 -4.19 0.81 0.50
C ALA A 32 -3.99 1.04 2.00
N LEU A 33 -4.03 -0.04 2.77
CA LEU A 33 -3.85 0.04 4.21
C LEU A 33 -2.71 -0.85 4.67
N CYS A 34 -1.83 -0.31 5.51
CA CYS A 34 -0.69 -1.08 6.02
C CYS A 34 -1.10 -2.49 6.38
N VAL A 35 -0.50 -3.47 5.71
CA VAL A 35 -0.80 -4.87 5.96
C VAL A 35 -0.66 -5.21 7.44
N ARG A 36 0.35 -4.62 8.08
CA ARG A 36 0.59 -4.87 9.49
C ARG A 36 -0.59 -4.41 10.34
N CYS A 37 -0.76 -3.10 10.46
CA CYS A 37 -1.86 -2.54 11.25
C CYS A 37 -3.04 -2.18 10.35
N GLY A 38 -2.74 -1.48 9.26
CA GLY A 38 -3.78 -1.08 8.33
C GLY A 38 -4.29 0.33 8.60
N GLN A 39 -3.39 1.21 9.01
CA GLN A 39 -3.74 2.59 9.30
C GLN A 39 -3.52 3.48 8.08
N MET A 40 -4.59 4.14 7.64
CA MET A 40 -4.52 5.02 6.48
C MET A 40 -3.25 5.88 6.54
N PHE A 41 -2.92 6.52 5.41
CA PHE A 41 -1.75 7.37 5.33
C PHE A 41 -2.13 8.76 4.84
N ALA A 42 -1.10 9.58 4.58
CA ALA A 42 -1.32 10.94 4.11
C ALA A 42 -1.23 11.01 2.59
N GLU A 43 -1.05 12.22 2.06
CA GLU A 43 -0.93 12.42 0.62
C GLU A 43 0.52 12.59 0.20
N GLY A 44 1.42 11.86 0.87
CA GLY A 44 2.83 11.95 0.55
C GLY A 44 3.71 11.41 1.67
N GLU A 45 3.33 10.26 2.21
CA GLU A 45 4.09 9.65 3.30
C GLU A 45 5.19 8.74 2.74
N GLU A 46 6.25 8.58 3.51
CA GLU A 46 7.37 7.74 3.11
C GLU A 46 7.42 6.45 3.92
N MET A 47 7.31 5.33 3.24
CA MET A 47 7.34 4.02 3.89
C MET A 47 8.04 2.99 3.02
N TYR A 48 8.47 1.90 3.64
CA TYR A 48 9.15 0.82 2.92
C TYR A 48 8.17 -0.01 2.11
N LEU A 49 8.61 -0.44 0.93
CA LEU A 49 7.76 -1.24 0.05
C LEU A 49 8.32 -2.64 -0.11
N GLN A 50 7.47 -3.65 0.07
CA GLN A 50 7.89 -5.04 -0.06
C GLN A 50 6.77 -5.89 -0.65
N GLY A 51 7.13 -6.79 -1.56
CA GLY A 51 6.15 -7.64 -2.19
C GLY A 51 4.87 -6.91 -2.53
N SER A 52 5.00 -5.74 -3.13
CA SER A 52 3.85 -4.93 -3.51
C SER A 52 2.94 -4.69 -2.31
N SER A 53 3.54 -4.53 -1.14
CA SER A 53 2.78 -4.30 0.08
C SER A 53 3.28 -3.05 0.82
N ILE A 54 2.39 -2.40 1.55
CA ILE A 54 2.74 -1.20 2.29
C ILE A 54 3.13 -1.53 3.73
N TRP A 55 4.39 -1.31 4.06
CA TRP A 55 4.89 -1.59 5.40
C TRP A 55 5.32 -0.30 6.10
N HIS A 56 4.59 0.08 7.14
CA HIS A 56 4.91 1.29 7.89
C HIS A 56 6.37 1.30 8.33
N PRO A 57 6.87 2.49 8.70
CA PRO A 57 8.26 2.65 9.16
C PRO A 57 8.51 1.99 10.51
N ALA A 58 7.50 1.99 11.36
CA ALA A 58 7.61 1.39 12.68
C ALA A 58 7.15 -0.06 12.67
N CYS A 59 6.09 -0.33 11.92
CA CYS A 59 5.54 -1.67 11.82
C CYS A 59 6.56 -2.64 11.24
N ARG A 60 6.99 -2.37 10.01
CA ARG A 60 7.97 -3.21 9.33
C ARG A 60 9.04 -3.70 10.30
N GLN A 61 9.66 -2.76 11.01
CA GLN A 61 10.70 -3.10 11.99
C GLN A 61 10.34 -4.38 12.73
N ALA A 62 9.11 -4.45 13.22
CA ALA A 62 8.64 -5.62 13.96
C ALA A 62 8.42 -6.81 13.01
N ALA A 63 7.80 -6.53 11.88
CA ALA A 63 7.52 -7.58 10.89
C ALA A 63 8.76 -7.89 10.05
N ARG A 64 9.91 -7.96 10.71
CA ARG A 64 11.17 -8.25 10.02
C ARG A 64 11.48 -9.73 10.07
N THR A 65 11.46 -10.30 11.27
CA THR A 65 11.75 -11.72 11.47
C THR A 65 10.52 -12.47 11.95
N GLU A 66 9.36 -12.12 11.40
CA GLU A 66 8.11 -12.77 11.79
C GLU A 66 7.39 -13.33 10.57
N ASP A 67 7.15 -14.64 10.58
CA ASP A 67 6.47 -15.30 9.48
C ASP A 67 5.17 -15.95 9.95
N SER A 68 5.28 -16.78 10.99
CA SER A 68 4.11 -17.46 11.53
C SER A 68 3.44 -18.33 10.47
N GLY A 69 3.94 -19.56 10.32
CA GLY A 69 3.38 -20.47 9.34
C GLY A 69 4.40 -21.46 8.82
N PRO A 70 4.77 -22.43 9.68
CA PRO A 70 5.75 -23.46 9.32
C PRO A 70 5.22 -24.44 8.28
N SER A 71 5.76 -24.38 7.07
CA SER A 71 5.33 -25.25 6.00
C SER A 71 3.85 -25.05 5.69
N SER A 72 3.37 -25.73 4.65
CA SER A 72 1.97 -25.63 4.24
C SER A 72 1.65 -24.20 3.80
N GLY A 73 2.57 -23.60 3.04
CA GLY A 73 2.36 -22.24 2.56
C GLY A 73 1.85 -22.20 1.14
ZN ZN B . -9.48 2.30 -4.83
ZN ZN C . 1.29 -0.12 10.15
N GLY A 1 -18.56 2.40 -17.17
CA GLY A 1 -18.60 1.70 -18.44
C GLY A 1 -17.71 0.47 -18.45
N SER A 2 -17.68 -0.21 -19.60
CA SER A 2 -16.85 -1.41 -19.73
C SER A 2 -15.71 -1.18 -20.71
N SER A 3 -15.07 -0.01 -20.61
CA SER A 3 -13.96 0.33 -21.48
C SER A 3 -13.16 1.51 -20.91
N GLY A 4 -12.10 1.19 -20.19
CA GLY A 4 -11.27 2.22 -19.60
C GLY A 4 -10.38 1.68 -18.48
N SER A 5 -10.77 1.94 -17.24
CA SER A 5 -10.00 1.49 -16.10
C SER A 5 -8.65 2.20 -16.03
N SER A 6 -8.50 3.09 -15.06
CA SER A 6 -7.26 3.85 -14.90
C SER A 6 -7.26 4.60 -13.57
N GLY A 7 -6.34 4.21 -12.69
CA GLY A 7 -6.24 4.85 -11.38
C GLY A 7 -5.87 3.89 -10.28
N CYS A 8 -6.75 3.73 -9.31
CA CYS A 8 -6.50 2.83 -8.19
C CYS A 8 -6.22 1.41 -8.68
N ASP A 9 -5.00 0.95 -8.48
CA ASP A 9 -4.60 -0.38 -8.90
C ASP A 9 -5.02 -1.43 -7.87
N SER A 10 -6.22 -1.26 -7.33
CA SER A 10 -6.74 -2.19 -6.32
C SER A 10 -8.21 -2.49 -6.58
N CYS A 11 -9.00 -1.44 -6.78
CA CYS A 11 -10.43 -1.59 -7.04
C CYS A 11 -10.78 -1.21 -8.47
N GLU A 12 -9.75 -0.80 -9.23
CA GLU A 12 -9.95 -0.41 -10.62
C GLU A 12 -10.91 0.78 -10.72
N LYS A 13 -10.69 1.77 -9.86
CA LYS A 13 -11.53 2.96 -9.84
C LYS A 13 -10.68 4.22 -9.67
N TYR A 14 -11.03 5.27 -10.42
CA TYR A 14 -10.31 6.53 -10.35
C TYR A 14 -10.19 7.01 -8.91
N ILE A 15 -9.15 7.79 -8.64
CA ILE A 15 -8.91 8.32 -7.30
C ILE A 15 -9.22 9.82 -7.24
N THR A 16 -10.48 10.15 -6.95
CA THR A 16 -10.90 11.54 -6.87
C THR A 16 -10.25 12.23 -5.68
N GLY A 17 -9.05 12.78 -5.89
CA GLY A 17 -8.35 13.47 -4.84
C GLY A 17 -6.88 13.10 -4.78
N ARG A 18 -6.41 12.71 -3.59
CA ARG A 18 -5.02 12.34 -3.41
C ARG A 18 -4.83 10.84 -3.63
N VAL A 19 -3.72 10.47 -4.27
CA VAL A 19 -3.43 9.07 -4.53
C VAL A 19 -2.20 8.61 -3.75
N LEU A 20 -2.29 7.42 -3.15
CA LEU A 20 -1.19 6.87 -2.37
C LEU A 20 -0.11 6.30 -3.29
N GLU A 21 0.98 7.06 -3.46
CA GLU A 21 2.08 6.62 -4.30
C GLU A 21 3.10 5.83 -3.49
N ALA A 22 3.08 4.51 -3.65
CA ALA A 22 4.01 3.64 -2.94
C ALA A 22 4.97 2.95 -3.91
N GLY A 23 6.14 3.55 -4.08
CA GLY A 23 7.13 2.98 -4.99
C GLY A 23 6.91 3.40 -6.42
N GLU A 24 6.01 2.71 -7.11
CA GLU A 24 5.71 3.02 -8.50
C GLU A 24 4.27 2.68 -8.84
N LYS A 25 3.40 2.76 -7.83
CA LYS A 25 1.98 2.46 -8.02
C LYS A 25 1.12 3.53 -7.35
N HIS A 26 -0.19 3.40 -7.51
CA HIS A 26 -1.13 4.35 -6.92
C HIS A 26 -2.41 3.64 -6.45
N TYR A 27 -2.98 4.11 -5.35
CA TYR A 27 -4.19 3.52 -4.80
C TYR A 27 -5.01 4.56 -4.03
N HIS A 28 -6.22 4.19 -3.66
CA HIS A 28 -7.10 5.08 -2.92
C HIS A 28 -6.57 5.32 -1.50
N PRO A 29 -7.04 6.40 -0.86
CA PRO A 29 -6.63 6.76 0.50
C PRO A 29 -7.17 5.79 1.55
N SER A 30 -8.03 4.87 1.11
CA SER A 30 -8.62 3.90 2.01
C SER A 30 -8.29 2.47 1.56
N CYS A 31 -8.19 2.28 0.24
CA CYS A 31 -7.87 0.98 -0.32
C CYS A 31 -6.48 0.52 0.13
N ALA A 32 -5.50 1.41 0.03
CA ALA A 32 -4.13 1.10 0.42
C ALA A 32 -3.93 1.32 1.92
N LEU A 33 -3.99 0.23 2.68
CA LEU A 33 -3.81 0.30 4.13
C LEU A 33 -2.70 -0.64 4.58
N CYS A 34 -1.85 -0.16 5.49
CA CYS A 34 -0.76 -0.96 6.01
C CYS A 34 -1.24 -2.35 6.42
N VAL A 35 -0.76 -3.37 5.70
CA VAL A 35 -1.14 -4.75 5.99
C VAL A 35 -0.99 -5.06 7.47
N ARG A 36 0.08 -4.56 8.06
CA ARG A 36 0.35 -4.79 9.48
C ARG A 36 -0.80 -4.26 10.34
N CYS A 37 -0.85 -2.94 10.47
CA CYS A 37 -1.90 -2.29 11.27
C CYS A 37 -3.07 -1.88 10.39
N GLY A 38 -2.77 -1.24 9.27
CA GLY A 38 -3.81 -0.79 8.36
C GLY A 38 -4.24 0.64 8.62
N GLN A 39 -3.30 1.48 9.01
CA GLN A 39 -3.58 2.88 9.28
C GLN A 39 -3.37 3.74 8.05
N MET A 40 -4.39 4.50 7.68
CA MET A 40 -4.32 5.37 6.51
C MET A 40 -3.09 6.27 6.59
N PHE A 41 -2.66 6.76 5.43
CA PHE A 41 -1.49 7.64 5.36
C PHE A 41 -1.87 9.00 4.79
N ALA A 42 -0.85 9.78 4.42
CA ALA A 42 -1.08 11.11 3.86
C ALA A 42 -0.70 11.15 2.38
N GLU A 43 -0.59 12.36 1.84
CA GLU A 43 -0.23 12.54 0.44
C GLU A 43 1.24 12.88 0.29
N GLY A 44 2.09 12.11 0.97
CA GLY A 44 3.52 12.35 0.90
C GLY A 44 4.31 11.37 1.75
N GLU A 45 3.73 10.96 2.87
CA GLU A 45 4.38 10.04 3.78
C GLU A 45 5.22 9.02 3.00
N GLU A 46 6.40 8.70 3.54
CA GLU A 46 7.29 7.74 2.90
C GLU A 46 7.45 6.49 3.76
N MET A 47 7.25 5.33 3.14
CA MET A 47 7.37 4.05 3.85
C MET A 47 8.05 3.02 2.97
N TYR A 48 8.49 1.93 3.59
CA TYR A 48 9.17 0.85 2.86
C TYR A 48 8.16 0.03 2.05
N LEU A 49 8.60 -0.45 0.90
CA LEU A 49 7.75 -1.25 0.03
C LEU A 49 8.31 -2.66 -0.13
N GLN A 50 7.41 -3.64 -0.26
CA GLN A 50 7.82 -5.02 -0.42
C GLN A 50 6.92 -5.74 -1.42
N GLY A 51 7.48 -6.09 -2.58
CA GLY A 51 6.70 -6.76 -3.60
C GLY A 51 5.57 -5.92 -4.14
N SER A 52 4.53 -5.75 -3.34
CA SER A 52 3.37 -4.96 -3.74
C SER A 52 2.48 -4.65 -2.54
N SER A 53 3.08 -4.58 -1.36
CA SER A 53 2.34 -4.29 -0.14
C SER A 53 2.89 -3.05 0.56
N ILE A 54 2.03 -2.36 1.30
CA ILE A 54 2.43 -1.16 2.01
C ILE A 54 2.84 -1.47 3.44
N TRP A 55 4.12 -1.23 3.75
CA TRP A 55 4.63 -1.49 5.09
C TRP A 55 5.10 -0.19 5.75
N HIS A 56 4.60 0.05 6.96
CA HIS A 56 4.96 1.25 7.70
C HIS A 56 6.44 1.22 8.09
N PRO A 57 6.97 2.39 8.49
CA PRO A 57 8.38 2.52 8.89
C PRO A 57 8.65 1.83 10.22
N ALA A 58 7.67 1.86 11.13
CA ALA A 58 7.82 1.24 12.43
C ALA A 58 7.29 -0.20 12.42
N CYS A 59 6.19 -0.41 11.71
CA CYS A 59 5.60 -1.74 11.61
C CYS A 59 6.56 -2.73 10.98
N ARG A 60 6.93 -2.48 9.72
CA ARG A 60 7.86 -3.35 9.00
C ARG A 60 8.93 -3.88 9.93
N GLN A 61 9.52 -2.99 10.72
CA GLN A 61 10.58 -3.37 11.66
C GLN A 61 10.16 -4.59 12.48
N ALA A 62 8.93 -4.58 12.97
CA ALA A 62 8.41 -5.68 13.76
C ALA A 62 8.14 -6.91 12.89
N ALA A 63 7.53 -6.68 11.73
CA ALA A 63 7.22 -7.76 10.81
C ALA A 63 8.45 -8.17 10.00
N ARG A 64 9.58 -8.32 10.69
CA ARG A 64 10.83 -8.71 10.03
C ARG A 64 11.15 -10.17 10.33
N THR A 65 11.21 -10.52 11.61
CA THR A 65 11.52 -11.88 12.02
C THR A 65 10.44 -12.44 12.94
N GLU A 66 9.19 -12.15 12.61
CA GLU A 66 8.05 -12.63 13.41
C GLU A 66 7.12 -13.50 12.56
N ASP A 67 6.79 -13.01 11.38
CA ASP A 67 5.91 -13.74 10.48
C ASP A 67 4.46 -13.68 10.96
N SER A 68 4.22 -14.23 12.14
CA SER A 68 2.87 -14.24 12.71
C SER A 68 2.18 -12.90 12.51
N GLY A 69 1.16 -12.89 11.66
CA GLY A 69 0.42 -11.67 11.38
C GLY A 69 -0.56 -11.82 10.26
N PRO A 70 -0.09 -11.66 9.01
CA PRO A 70 -0.93 -11.78 7.81
C PRO A 70 -1.37 -13.22 7.56
N SER A 71 -2.61 -13.53 7.92
CA SER A 71 -3.15 -14.87 7.73
C SER A 71 -3.00 -15.31 6.27
N SER A 72 -2.11 -16.26 6.03
CA SER A 72 -1.88 -16.77 4.69
C SER A 72 -1.81 -15.63 3.68
N GLY A 73 -0.62 -15.06 3.51
CA GLY A 73 -0.45 -13.97 2.56
C GLY A 73 0.21 -12.76 3.20
ZN ZN B . -9.52 1.93 -4.69
ZN ZN C . 1.36 0.01 10.08
N GLY A 1 -14.83 14.62 -21.00
CA GLY A 1 -13.40 14.75 -20.82
C GLY A 1 -12.86 13.87 -19.70
N SER A 2 -12.64 12.60 -20.01
CA SER A 2 -12.14 11.65 -19.02
C SER A 2 -10.64 11.44 -19.18
N SER A 3 -9.85 12.37 -18.62
CA SER A 3 -8.40 12.28 -18.71
C SER A 3 -7.84 11.34 -17.65
N GLY A 4 -7.84 10.05 -17.95
CA GLY A 4 -7.33 9.07 -17.01
C GLY A 4 -5.81 8.97 -17.03
N SER A 5 -5.20 9.17 -15.88
CA SER A 5 -3.75 9.11 -15.76
C SER A 5 -3.28 7.71 -15.39
N SER A 6 -4.08 7.03 -14.56
CA SER A 6 -3.75 5.68 -14.13
C SER A 6 -4.96 5.03 -13.44
N GLY A 7 -5.42 5.65 -12.36
CA GLY A 7 -6.56 5.10 -11.64
C GLY A 7 -6.16 4.04 -10.64
N CYS A 8 -6.82 4.05 -9.48
CA CYS A 8 -6.52 3.08 -8.43
C CYS A 8 -6.13 1.73 -9.04
N ASP A 9 -5.10 1.11 -8.47
CA ASP A 9 -4.62 -0.18 -8.94
C ASP A 9 -5.05 -1.30 -8.00
N SER A 10 -6.21 -1.13 -7.36
CA SER A 10 -6.73 -2.12 -6.43
C SER A 10 -8.22 -2.35 -6.66
N CYS A 11 -8.96 -1.27 -6.83
CA CYS A 11 -10.39 -1.35 -7.06
C CYS A 11 -10.74 -0.99 -8.50
N GLU A 12 -9.72 -0.65 -9.28
CA GLU A 12 -9.91 -0.30 -10.68
C GLU A 12 -10.89 0.88 -10.81
N LYS A 13 -10.65 1.92 -10.00
CA LYS A 13 -11.50 3.11 -10.02
C LYS A 13 -10.66 4.37 -9.98
N TYR A 14 -11.11 5.40 -10.68
CA TYR A 14 -10.40 6.68 -10.72
C TYR A 14 -10.31 7.29 -9.33
N ILE A 15 -9.26 8.08 -9.11
CA ILE A 15 -9.06 8.74 -7.82
C ILE A 15 -9.17 10.25 -7.95
N THR A 16 -10.27 10.80 -7.44
CA THR A 16 -10.50 12.24 -7.49
C THR A 16 -9.59 12.99 -6.52
N GLY A 17 -9.39 12.39 -5.34
CA GLY A 17 -8.54 13.00 -4.34
C GLY A 17 -7.08 12.71 -4.55
N ARG A 18 -6.35 12.49 -3.46
CA ARG A 18 -4.93 12.19 -3.53
C ARG A 18 -4.70 10.68 -3.62
N VAL A 19 -3.78 10.29 -4.49
CA VAL A 19 -3.46 8.86 -4.67
C VAL A 19 -2.20 8.48 -3.90
N LEU A 20 -2.22 7.29 -3.31
CA LEU A 20 -1.09 6.80 -2.54
C LEU A 20 -0.03 6.19 -3.45
N GLU A 21 1.01 6.97 -3.74
CA GLU A 21 2.09 6.51 -4.60
C GLU A 21 3.13 5.74 -3.80
N ALA A 22 3.10 4.41 -3.90
CA ALA A 22 4.04 3.57 -3.19
C ALA A 22 4.92 2.77 -4.17
N GLY A 23 6.10 3.31 -4.45
CA GLY A 23 7.01 2.64 -5.36
C GLY A 23 6.78 3.05 -6.80
N GLU A 24 5.60 2.72 -7.33
CA GLU A 24 5.26 3.05 -8.70
C GLU A 24 3.83 2.64 -9.02
N LYS A 25 2.92 2.93 -8.10
CA LYS A 25 1.51 2.60 -8.28
C LYS A 25 0.62 3.69 -7.70
N HIS A 26 -0.70 3.54 -7.88
CA HIS A 26 -1.65 4.50 -7.37
C HIS A 26 -2.84 3.81 -6.73
N TYR A 27 -3.16 4.20 -5.50
CA TYR A 27 -4.28 3.61 -4.77
C TYR A 27 -5.06 4.68 -4.00
N HIS A 28 -6.29 4.34 -3.62
CA HIS A 28 -7.13 5.27 -2.89
C HIS A 28 -6.60 5.48 -1.47
N PRO A 29 -7.04 6.58 -0.83
CA PRO A 29 -6.62 6.92 0.53
C PRO A 29 -7.20 5.96 1.57
N SER A 30 -7.86 4.91 1.10
CA SER A 30 -8.46 3.92 1.99
C SER A 30 -8.18 2.50 1.50
N CYS A 31 -8.13 2.34 0.19
CA CYS A 31 -7.87 1.04 -0.42
C CYS A 31 -6.54 0.47 0.08
N ALA A 32 -5.50 1.30 0.05
CA ALA A 32 -4.18 0.88 0.50
C ALA A 32 -4.00 1.14 1.99
N LEU A 33 -3.93 0.07 2.77
CA LEU A 33 -3.75 0.18 4.21
C LEU A 33 -2.67 -0.77 4.71
N CYS A 34 -1.84 -0.29 5.62
CA CYS A 34 -0.76 -1.10 6.19
C CYS A 34 -1.26 -2.49 6.54
N VAL A 35 -0.68 -3.50 5.90
CA VAL A 35 -1.06 -4.89 6.16
C VAL A 35 -0.85 -5.25 7.62
N ARG A 36 0.08 -4.58 8.28
CA ARG A 36 0.38 -4.84 9.68
C ARG A 36 -0.75 -4.33 10.57
N CYS A 37 -0.84 -3.01 10.70
CA CYS A 37 -1.88 -2.40 11.53
C CYS A 37 -3.10 -2.04 10.69
N GLY A 38 -2.87 -1.39 9.56
CA GLY A 38 -3.96 -1.00 8.69
C GLY A 38 -4.41 0.43 8.91
N GLN A 39 -3.44 1.31 9.17
CA GLN A 39 -3.74 2.72 9.42
C GLN A 39 -3.47 3.55 8.18
N MET A 40 -4.46 4.31 7.73
CA MET A 40 -4.33 5.15 6.56
C MET A 40 -3.04 5.98 6.62
N PHE A 41 -2.70 6.61 5.51
CA PHE A 41 -1.49 7.43 5.45
C PHE A 41 -1.82 8.84 4.97
N ALA A 42 -0.78 9.65 4.75
CA ALA A 42 -0.96 11.02 4.29
C ALA A 42 -0.82 11.11 2.77
N GLU A 43 -0.64 12.33 2.28
CA GLU A 43 -0.50 12.55 0.84
C GLU A 43 0.97 12.69 0.45
N GLY A 44 1.82 11.88 1.08
CA GLY A 44 3.24 11.93 0.80
C GLY A 44 4.08 11.33 1.91
N GLU A 45 3.67 10.16 2.39
CA GLU A 45 4.40 9.48 3.46
C GLU A 45 5.41 8.49 2.90
N GLU A 46 6.49 8.28 3.63
CA GLU A 46 7.53 7.34 3.20
C GLU A 46 7.41 6.02 3.94
N MET A 47 7.13 4.96 3.20
CA MET A 47 6.98 3.63 3.78
C MET A 47 7.69 2.58 2.93
N TYR A 48 8.19 1.53 3.58
CA TYR A 48 8.90 0.47 2.88
C TYR A 48 7.92 -0.43 2.12
N LEU A 49 8.38 -0.96 1.00
CA LEU A 49 7.55 -1.85 0.18
C LEU A 49 8.24 -3.17 -0.08
N GLN A 50 7.46 -4.26 -0.08
CA GLN A 50 8.01 -5.59 -0.31
C GLN A 50 7.06 -6.41 -1.18
N GLY A 51 7.49 -6.69 -2.41
CA GLY A 51 6.67 -7.47 -3.32
C GLY A 51 5.50 -6.67 -3.89
N SER A 52 4.55 -6.33 -3.03
CA SER A 52 3.37 -5.57 -3.45
C SER A 52 2.51 -5.20 -2.25
N SER A 53 3.15 -5.00 -1.10
CA SER A 53 2.43 -4.64 0.11
C SER A 53 3.05 -3.41 0.76
N ILE A 54 2.21 -2.60 1.40
CA ILE A 54 2.67 -1.38 2.05
C ILE A 54 2.97 -1.64 3.53
N TRP A 55 4.23 -1.42 3.91
CA TRP A 55 4.66 -1.62 5.29
C TRP A 55 5.09 -0.31 5.92
N HIS A 56 4.50 0.02 7.07
CA HIS A 56 4.84 1.24 7.78
C HIS A 56 6.32 1.29 8.13
N PRO A 57 6.81 2.48 8.49
CA PRO A 57 8.21 2.69 8.85
C PRO A 57 8.56 2.03 10.19
N ALA A 58 7.61 2.03 11.11
CA ALA A 58 7.81 1.44 12.42
C ALA A 58 7.34 -0.02 12.45
N CYS A 59 6.20 -0.28 11.81
CA CYS A 59 5.66 -1.63 11.76
C CYS A 59 6.65 -2.60 11.15
N ARG A 60 6.98 -2.38 9.89
CA ARG A 60 7.92 -3.24 9.17
C ARG A 60 9.05 -3.69 10.10
N GLN A 61 9.74 -2.73 10.70
CA GLN A 61 10.84 -3.03 11.60
C GLN A 61 10.53 -4.27 12.45
N ALA A 62 9.30 -4.33 12.96
CA ALA A 62 8.87 -5.44 13.78
C ALA A 62 8.54 -6.66 12.92
N ALA A 63 7.84 -6.43 11.81
CA ALA A 63 7.46 -7.51 10.91
C ALA A 63 8.62 -7.88 9.99
N ARG A 64 9.82 -7.95 10.55
CA ARG A 64 11.01 -8.30 9.79
C ARG A 64 11.47 -9.72 10.10
N THR A 65 12.10 -10.37 9.13
CA THR A 65 12.59 -11.73 9.31
C THR A 65 11.50 -12.63 9.88
N GLU A 66 10.25 -12.34 9.54
CA GLU A 66 9.12 -13.13 10.02
C GLU A 66 8.54 -13.99 8.91
N ASP A 67 7.92 -15.10 9.29
CA ASP A 67 7.31 -16.00 8.32
C ASP A 67 6.58 -17.14 9.02
N SER A 68 5.84 -16.81 10.07
CA SER A 68 5.10 -17.81 10.83
C SER A 68 4.07 -17.14 11.75
N GLY A 69 4.53 -16.17 12.54
CA GLY A 69 3.65 -15.47 13.44
C GLY A 69 3.68 -16.04 14.84
N PRO A 70 3.24 -15.24 15.83
CA PRO A 70 3.21 -15.66 17.23
C PRO A 70 2.16 -16.73 17.50
N SER A 71 2.61 -17.95 17.79
CA SER A 71 1.71 -19.06 18.06
C SER A 71 2.31 -20.02 19.08
N SER A 72 1.48 -20.90 19.61
CA SER A 72 1.92 -21.86 20.61
C SER A 72 2.74 -22.97 19.96
N GLY A 73 4.02 -22.70 19.75
CA GLY A 73 4.89 -23.69 19.14
C GLY A 73 6.16 -23.93 19.95
ZN ZN B . -9.38 2.20 -4.78
ZN ZN C . 1.33 -0.09 10.25
N GLY A 1 0.25 6.74 -15.46
CA GLY A 1 -0.16 5.35 -15.64
C GLY A 1 0.74 4.39 -14.90
N SER A 2 2.02 4.39 -15.23
CA SER A 2 2.98 3.50 -14.59
C SER A 2 2.71 2.05 -14.98
N SER A 3 1.63 1.49 -14.45
CA SER A 3 1.28 0.11 -14.73
C SER A 3 -0.24 -0.04 -14.87
N GLY A 4 -0.97 0.40 -13.86
CA GLY A 4 -2.42 0.31 -13.89
C GLY A 4 -3.03 1.20 -14.96
N SER A 5 -4.29 0.93 -15.29
CA SER A 5 -4.99 1.71 -16.29
C SER A 5 -6.40 2.08 -15.83
N SER A 6 -6.51 2.45 -14.55
CA SER A 6 -7.79 2.83 -13.98
C SER A 6 -7.60 3.52 -12.63
N GLY A 7 -6.60 4.39 -12.55
CA GLY A 7 -6.33 5.11 -11.32
C GLY A 7 -5.98 4.17 -10.18
N CYS A 8 -7.00 3.73 -9.45
CA CYS A 8 -6.79 2.82 -8.32
C CYS A 8 -6.66 1.38 -8.80
N ASP A 9 -5.46 0.83 -8.63
CA ASP A 9 -5.19 -0.55 -9.03
C ASP A 9 -5.62 -1.53 -7.95
N SER A 10 -6.66 -1.16 -7.21
CA SER A 10 -7.17 -2.01 -6.13
C SER A 10 -8.67 -2.26 -6.31
N CYS A 11 -9.41 -1.21 -6.61
CA CYS A 11 -10.85 -1.31 -6.80
C CYS A 11 -11.25 -0.82 -8.19
N GLU A 12 -10.29 -0.81 -9.11
CA GLU A 12 -10.55 -0.37 -10.47
C GLU A 12 -11.43 0.88 -10.48
N LYS A 13 -10.99 1.92 -9.79
CA LYS A 13 -11.74 3.17 -9.72
C LYS A 13 -10.80 4.36 -9.73
N TYR A 14 -11.10 5.34 -10.59
CA TYR A 14 -10.28 6.54 -10.71
C TYR A 14 -10.10 7.21 -9.35
N ILE A 15 -9.02 7.96 -9.20
CA ILE A 15 -8.73 8.66 -7.96
C ILE A 15 -8.85 10.17 -8.13
N THR A 16 -9.89 10.75 -7.54
CA THR A 16 -10.11 12.19 -7.64
C THR A 16 -9.13 12.95 -6.76
N GLY A 17 -8.89 12.44 -5.56
CA GLY A 17 -7.97 13.09 -4.64
C GLY A 17 -6.55 12.59 -4.80
N ARG A 18 -5.76 12.69 -3.73
CA ARG A 18 -4.37 12.26 -3.76
C ARG A 18 -4.28 10.75 -3.94
N VAL A 19 -3.21 10.30 -4.59
CA VAL A 19 -3.01 8.88 -4.83
C VAL A 19 -1.76 8.38 -4.12
N LEU A 20 -1.84 7.17 -3.57
CA LEU A 20 -0.70 6.57 -2.86
C LEU A 20 0.23 5.86 -3.83
N GLU A 21 1.26 6.58 -4.29
CA GLU A 21 2.21 6.01 -5.22
C GLU A 21 3.18 5.08 -4.50
N ALA A 22 3.15 3.80 -4.87
CA ALA A 22 4.02 2.80 -4.25
C ALA A 22 4.81 2.04 -5.31
N GLY A 23 6.06 2.42 -5.52
CA GLY A 23 6.89 1.75 -6.51
C GLY A 23 6.59 2.20 -7.92
N GLU A 24 5.54 1.63 -8.50
CA GLU A 24 5.14 1.97 -9.86
C GLU A 24 3.63 1.85 -10.03
N LYS A 25 2.89 2.00 -8.93
CA LYS A 25 1.44 1.91 -8.96
C LYS A 25 0.82 2.88 -7.96
N HIS A 26 -0.44 3.24 -8.20
CA HIS A 26 -1.15 4.16 -7.32
C HIS A 26 -2.45 3.52 -6.81
N TYR A 27 -2.90 3.96 -5.64
CA TYR A 27 -4.12 3.43 -5.05
C TYR A 27 -4.85 4.52 -4.28
N HIS A 28 -6.05 4.18 -3.78
CA HIS A 28 -6.85 5.12 -3.02
C HIS A 28 -6.27 5.35 -1.63
N PRO A 29 -6.65 6.46 -0.99
CA PRO A 29 -6.17 6.82 0.35
C PRO A 29 -6.74 5.90 1.43
N SER A 30 -7.68 5.04 1.04
CA SER A 30 -8.30 4.12 1.98
C SER A 30 -8.05 2.67 1.55
N CYS A 31 -8.01 2.44 0.23
CA CYS A 31 -7.77 1.11 -0.30
C CYS A 31 -6.41 0.59 0.11
N ALA A 32 -5.38 1.40 -0.07
CA ALA A 32 -4.02 1.03 0.28
C ALA A 32 -3.75 1.28 1.77
N LEU A 33 -3.88 0.23 2.57
CA LEU A 33 -3.65 0.33 4.01
C LEU A 33 -2.53 -0.59 4.46
N CYS A 34 -1.82 -0.19 5.51
CA CYS A 34 -0.71 -0.99 6.03
C CYS A 34 -1.18 -2.39 6.38
N VAL A 35 -0.62 -3.38 5.69
CA VAL A 35 -0.97 -4.77 5.93
C VAL A 35 -0.74 -5.16 7.39
N ARG A 36 0.25 -4.53 8.01
CA ARG A 36 0.57 -4.81 9.40
C ARG A 36 -0.57 -4.36 10.32
N CYS A 37 -0.72 -3.05 10.48
CA CYS A 37 -1.76 -2.49 11.32
C CYS A 37 -2.98 -2.09 10.49
N GLY A 38 -2.73 -1.39 9.38
CA GLY A 38 -3.82 -0.96 8.52
C GLY A 38 -4.27 0.46 8.82
N GLN A 39 -3.32 1.33 9.14
CA GLN A 39 -3.63 2.71 9.45
C GLN A 39 -3.42 3.60 8.23
N MET A 40 -4.48 4.31 7.83
CA MET A 40 -4.41 5.20 6.68
C MET A 40 -3.16 6.08 6.74
N PHE A 41 -2.66 6.46 5.57
CA PHE A 41 -1.46 7.29 5.49
C PHE A 41 -1.83 8.73 5.09
N ALA A 42 -0.90 9.41 4.44
CA ALA A 42 -1.12 10.78 4.01
C ALA A 42 -0.02 11.25 3.06
N GLU A 43 -0.16 12.46 2.54
CA GLU A 43 0.83 13.01 1.62
C GLU A 43 2.16 13.26 2.33
N GLY A 44 3.22 12.64 1.82
CA GLY A 44 4.53 12.80 2.42
C GLY A 44 4.91 11.64 3.31
N GLU A 45 3.91 11.02 3.94
CA GLU A 45 4.15 9.90 4.83
C GLU A 45 5.16 8.93 4.22
N GLU A 46 6.05 8.40 5.05
CA GLU A 46 7.07 7.47 4.60
C GLU A 46 6.74 6.04 5.03
N MET A 47 6.88 5.11 4.11
CA MET A 47 6.59 3.70 4.39
C MET A 47 7.39 2.79 3.46
N TYR A 48 7.90 1.69 4.01
CA TYR A 48 8.68 0.73 3.24
C TYR A 48 7.77 -0.14 2.38
N LEU A 49 8.00 -0.12 1.08
CA LEU A 49 7.20 -0.92 0.15
C LEU A 49 7.86 -2.27 -0.12
N GLN A 50 7.07 -3.33 -0.11
CA GLN A 50 7.57 -4.67 -0.36
C GLN A 50 6.58 -5.50 -1.17
N GLY A 51 7.02 -5.97 -2.33
CA GLY A 51 6.15 -6.77 -3.18
C GLY A 51 4.80 -6.11 -3.41
N SER A 52 4.80 -4.79 -3.56
CA SER A 52 3.57 -4.05 -3.77
C SER A 52 2.89 -3.71 -2.45
N SER A 53 3.11 -4.56 -1.45
CA SER A 53 2.52 -4.35 -0.13
C SER A 53 3.16 -3.16 0.57
N ILE A 54 2.34 -2.37 1.24
CA ILE A 54 2.82 -1.19 1.95
C ILE A 54 3.11 -1.51 3.41
N TRP A 55 4.30 -1.13 3.87
CA TRP A 55 4.69 -1.37 5.24
C TRP A 55 5.14 -0.08 5.93
N HIS A 56 4.63 0.16 7.12
CA HIS A 56 4.97 1.36 7.88
C HIS A 56 6.44 1.33 8.32
N PRO A 57 6.96 2.50 8.69
CA PRO A 57 8.36 2.63 9.13
C PRO A 57 8.59 1.98 10.49
N ALA A 58 7.57 2.00 11.34
CA ALA A 58 7.67 1.40 12.67
C ALA A 58 7.18 -0.03 12.66
N CYS A 59 6.18 -0.31 11.84
CA CYS A 59 5.62 -1.66 11.75
C CYS A 59 6.64 -2.63 11.16
N ARG A 60 7.04 -2.37 9.92
CA ARG A 60 8.01 -3.22 9.24
C ARG A 60 9.08 -3.72 10.21
N GLN A 61 9.65 -2.81 10.97
CA GLN A 61 10.68 -3.16 11.95
C GLN A 61 10.35 -4.48 12.63
N ALA A 62 9.10 -4.63 13.04
CA ALA A 62 8.66 -5.85 13.71
C ALA A 62 8.41 -6.97 12.71
N ALA A 63 7.76 -6.63 11.60
CA ALA A 63 7.46 -7.60 10.55
C ALA A 63 8.62 -7.72 9.57
N ARG A 64 9.84 -7.70 10.09
CA ARG A 64 11.03 -7.82 9.26
C ARG A 64 11.35 -9.27 8.96
N THR A 65 12.30 -9.49 8.06
CA THR A 65 12.70 -10.84 7.67
C THR A 65 11.48 -11.73 7.46
N GLU A 66 10.42 -11.15 6.93
CA GLU A 66 9.19 -11.90 6.68
C GLU A 66 9.01 -12.16 5.19
N ASP A 67 9.15 -13.42 4.80
CA ASP A 67 9.01 -13.81 3.40
C ASP A 67 9.06 -15.33 3.25
N SER A 68 7.94 -15.99 3.54
CA SER A 68 7.87 -17.44 3.44
C SER A 68 6.49 -17.88 2.98
N GLY A 69 6.28 -17.87 1.67
CA GLY A 69 5.00 -18.28 1.11
C GLY A 69 4.62 -17.48 -0.12
N PRO A 70 3.60 -16.61 0.02
CA PRO A 70 3.13 -15.77 -1.08
C PRO A 70 4.13 -14.69 -1.46
N SER A 71 3.89 -14.03 -2.59
CA SER A 71 4.77 -12.97 -3.07
C SER A 71 6.14 -13.54 -3.47
N SER A 72 6.11 -14.67 -4.17
CA SER A 72 7.33 -15.33 -4.62
C SER A 72 7.52 -15.15 -6.12
N GLY A 73 6.55 -15.64 -6.89
CA GLY A 73 6.63 -15.54 -8.34
C GLY A 73 5.42 -14.83 -8.93
ZN ZN B . -9.70 2.16 -4.60
ZN ZN C . 1.35 -0.07 10.12
N GLY A 1 3.18 -0.18 -24.75
CA GLY A 1 3.19 1.15 -24.15
C GLY A 1 2.11 1.32 -23.10
N SER A 2 1.08 2.08 -23.44
CA SER A 2 -0.02 2.33 -22.52
C SER A 2 0.49 2.94 -21.21
N SER A 3 0.71 4.25 -21.22
CA SER A 3 1.20 4.95 -20.04
C SER A 3 0.30 6.14 -19.70
N GLY A 4 -0.51 5.97 -18.65
CA GLY A 4 -1.41 7.04 -18.23
C GLY A 4 -2.72 6.51 -17.70
N SER A 5 -3.82 7.06 -18.19
CA SER A 5 -5.15 6.64 -17.76
C SER A 5 -5.46 7.18 -16.36
N SER A 6 -4.66 6.77 -15.38
CA SER A 6 -4.85 7.21 -14.00
C SER A 6 -6.08 6.54 -13.39
N GLY A 7 -5.96 6.14 -12.14
CA GLY A 7 -7.07 5.50 -11.45
C GLY A 7 -6.62 4.45 -10.45
N CYS A 8 -7.34 4.33 -9.34
CA CYS A 8 -6.99 3.37 -8.31
C CYS A 8 -6.61 2.02 -8.93
N ASP A 9 -5.35 1.63 -8.73
CA ASP A 9 -4.86 0.36 -9.26
C ASP A 9 -5.19 -0.79 -8.33
N SER A 10 -6.36 -0.71 -7.68
CA SER A 10 -6.80 -1.74 -6.76
C SER A 10 -8.25 -2.13 -7.04
N CYS A 11 -9.09 -1.13 -7.29
CA CYS A 11 -10.50 -1.37 -7.56
C CYS A 11 -10.90 -0.73 -8.89
N GLU A 12 -9.95 -0.64 -9.82
CA GLU A 12 -10.21 -0.05 -11.12
C GLU A 12 -11.19 1.11 -11.02
N LYS A 13 -10.87 2.08 -10.18
CA LYS A 13 -11.73 3.24 -9.98
C LYS A 13 -10.89 4.51 -9.81
N TYR A 14 -11.31 5.58 -10.46
CA TYR A 14 -10.60 6.86 -10.39
C TYR A 14 -10.59 7.38 -8.96
N ILE A 15 -9.56 8.18 -8.64
CA ILE A 15 -9.43 8.76 -7.31
C ILE A 15 -9.63 10.27 -7.34
N THR A 16 -10.68 10.73 -6.67
CA THR A 16 -10.98 12.15 -6.62
C THR A 16 -10.21 12.83 -5.49
N GLY A 17 -8.98 13.25 -5.79
CA GLY A 17 -8.16 13.92 -4.80
C GLY A 17 -6.77 13.33 -4.71
N ARG A 18 -6.26 13.19 -3.49
CA ARG A 18 -4.92 12.64 -3.28
C ARG A 18 -4.89 11.15 -3.56
N VAL A 19 -3.75 10.65 -4.02
CA VAL A 19 -3.59 9.24 -4.31
C VAL A 19 -2.31 8.68 -3.69
N LEU A 20 -2.39 7.43 -3.23
CA LEU A 20 -1.23 6.78 -2.61
C LEU A 20 -0.28 6.24 -3.67
N GLU A 21 0.86 6.91 -3.84
CA GLU A 21 1.85 6.49 -4.81
C GLU A 21 2.96 5.68 -4.15
N ALA A 22 3.04 4.41 -4.52
CA ALA A 22 4.05 3.51 -3.96
C ALA A 22 4.85 2.83 -5.07
N GLY A 23 6.00 3.42 -5.41
CA GLY A 23 6.84 2.86 -6.45
C GLY A 23 6.47 3.36 -7.83
N GLU A 24 5.33 2.90 -8.35
CA GLU A 24 4.87 3.32 -9.67
C GLU A 24 3.40 3.01 -9.86
N LYS A 25 2.68 2.90 -8.74
CA LYS A 25 1.25 2.60 -8.78
C LYS A 25 0.48 3.50 -7.81
N HIS A 26 -0.78 3.76 -8.13
CA HIS A 26 -1.62 4.61 -7.29
C HIS A 26 -2.78 3.81 -6.71
N TYR A 27 -3.19 4.15 -5.49
CA TYR A 27 -4.29 3.46 -4.83
C TYR A 27 -5.12 4.44 -4.00
N HIS A 28 -6.36 4.06 -3.72
CA HIS A 28 -7.26 4.89 -2.94
C HIS A 28 -6.71 5.10 -1.52
N PRO A 29 -7.19 6.16 -0.85
CA PRO A 29 -6.76 6.49 0.51
C PRO A 29 -7.28 5.49 1.54
N SER A 30 -8.02 4.49 1.07
CA SER A 30 -8.58 3.47 1.94
C SER A 30 -8.25 2.07 1.43
N CYS A 31 -8.17 1.94 0.11
CA CYS A 31 -7.86 0.65 -0.50
C CYS A 31 -6.49 0.16 -0.08
N ALA A 32 -5.53 1.08 0.00
CA ALA A 32 -4.17 0.73 0.41
C ALA A 32 -3.95 1.01 1.89
N LEU A 33 -3.98 -0.03 2.70
CA LEU A 33 -3.78 0.10 4.14
C LEU A 33 -2.66 -0.82 4.62
N CYS A 34 -1.87 -0.33 5.56
CA CYS A 34 -0.76 -1.11 6.12
C CYS A 34 -1.23 -2.50 6.51
N VAL A 35 -0.64 -3.52 5.89
CA VAL A 35 -0.99 -4.90 6.17
C VAL A 35 -0.78 -5.23 7.66
N ARG A 36 0.16 -4.52 8.28
CA ARG A 36 0.45 -4.73 9.69
C ARG A 36 -0.69 -4.22 10.57
N CYS A 37 -0.81 -2.90 10.67
CA CYS A 37 -1.86 -2.28 11.47
C CYS A 37 -3.06 -1.93 10.62
N GLY A 38 -2.82 -1.30 9.47
CA GLY A 38 -3.90 -0.92 8.58
C GLY A 38 -4.31 0.52 8.75
N GLN A 39 -3.33 1.38 9.05
CA GLN A 39 -3.61 2.80 9.24
C GLN A 39 -3.31 3.58 7.96
N MET A 40 -4.31 4.31 7.48
CA MET A 40 -4.15 5.10 6.27
C MET A 40 -2.89 5.95 6.33
N PHE A 41 -2.47 6.47 5.18
CA PHE A 41 -1.27 7.29 5.10
C PHE A 41 -1.59 8.67 4.51
N ALA A 42 -0.54 9.42 4.19
CA ALA A 42 -0.71 10.76 3.62
C ALA A 42 -0.62 10.71 2.10
N GLU A 43 -0.40 11.87 1.49
CA GLU A 43 -0.30 11.96 0.04
C GLU A 43 1.16 12.06 -0.40
N GLY A 44 2.03 11.33 0.29
CA GLY A 44 3.44 11.34 -0.04
C GLY A 44 4.31 10.86 1.11
N GLU A 45 3.90 9.78 1.75
CA GLU A 45 4.64 9.22 2.87
C GLU A 45 5.70 8.24 2.38
N GLU A 46 6.82 8.19 3.10
CA GLU A 46 7.91 7.30 2.74
C GLU A 46 7.97 6.09 3.68
N MET A 47 7.83 4.90 3.12
CA MET A 47 7.87 3.68 3.91
C MET A 47 8.45 2.53 3.10
N TYR A 48 8.75 1.42 3.77
CA TYR A 48 9.30 0.25 3.12
C TYR A 48 8.24 -0.49 2.31
N LEU A 49 8.66 -1.13 1.24
CA LEU A 49 7.74 -1.88 0.38
C LEU A 49 8.34 -3.22 -0.03
N GLN A 50 7.77 -4.30 0.50
CA GLN A 50 8.26 -5.64 0.18
C GLN A 50 7.29 -6.36 -0.75
N GLY A 51 7.81 -6.89 -1.85
CA GLY A 51 6.97 -7.60 -2.80
C GLY A 51 5.91 -6.70 -3.42
N SER A 52 4.81 -6.50 -2.70
CA SER A 52 3.71 -5.67 -3.19
C SER A 52 2.80 -5.26 -2.04
N SER A 53 3.38 -5.09 -0.85
CA SER A 53 2.61 -4.70 0.32
C SER A 53 3.19 -3.43 0.95
N ILE A 54 2.34 -2.67 1.61
CA ILE A 54 2.76 -1.44 2.26
C ILE A 54 3.10 -1.68 3.73
N TRP A 55 4.38 -1.55 4.06
CA TRP A 55 4.84 -1.76 5.43
C TRP A 55 5.30 -0.44 6.06
N HIS A 56 4.61 -0.02 7.11
CA HIS A 56 4.94 1.22 7.80
C HIS A 56 6.41 1.23 8.22
N PRO A 57 6.93 2.42 8.54
CA PRO A 57 8.33 2.59 8.96
C PRO A 57 8.59 2.00 10.34
N ALA A 58 7.58 2.05 11.21
CA ALA A 58 7.70 1.51 12.56
C ALA A 58 7.21 0.07 12.63
N CYS A 59 6.11 -0.21 11.93
CA CYS A 59 5.54 -1.55 11.91
C CYS A 59 6.56 -2.56 11.39
N ARG A 60 6.97 -2.39 10.14
CA ARG A 60 7.94 -3.29 9.53
C ARG A 60 9.00 -3.73 10.54
N GLN A 61 9.61 -2.76 11.20
CA GLN A 61 10.64 -3.03 12.19
C GLN A 61 10.29 -4.29 13.01
N ALA A 62 9.05 -4.35 13.46
CA ALA A 62 8.58 -5.48 14.25
C ALA A 62 8.44 -6.73 13.38
N ALA A 63 7.80 -6.56 12.23
CA ALA A 63 7.60 -7.68 11.30
C ALA A 63 8.75 -7.80 10.32
N ARG A 64 9.96 -7.60 10.82
CA ARG A 64 11.16 -7.68 9.98
C ARG A 64 11.46 -9.14 9.61
N THR A 65 11.40 -10.02 10.60
CA THR A 65 11.67 -11.43 10.39
C THR A 65 10.65 -12.31 11.11
N GLU A 66 9.49 -12.51 10.50
CA GLU A 66 8.44 -13.33 11.09
C GLU A 66 7.58 -13.97 10.02
N ASP A 67 7.21 -15.23 10.25
CA ASP A 67 6.38 -15.96 9.29
C ASP A 67 5.96 -17.31 9.86
N SER A 68 6.94 -18.14 10.19
CA SER A 68 6.68 -19.47 10.75
C SER A 68 7.98 -20.16 11.12
N GLY A 69 7.86 -21.37 11.68
CA GLY A 69 9.03 -22.13 12.07
C GLY A 69 9.28 -23.33 11.18
N PRO A 70 10.00 -23.11 10.08
CA PRO A 70 10.32 -24.17 9.13
C PRO A 70 11.31 -25.19 9.68
N SER A 71 11.61 -26.22 8.91
CA SER A 71 12.54 -27.25 9.32
C SER A 71 13.38 -27.74 8.15
N SER A 72 14.46 -28.46 8.47
CA SER A 72 15.36 -28.97 7.44
C SER A 72 16.20 -30.13 7.98
N GLY A 73 16.18 -31.25 7.28
CA GLY A 73 16.95 -32.40 7.70
C GLY A 73 18.43 -32.19 7.58
ZN ZN B . -9.81 1.81 -4.75
ZN ZN C . 1.32 -0.02 10.15
N GLY A 1 -2.45 -7.59 -21.18
CA GLY A 1 -3.81 -7.28 -21.60
C GLY A 1 -4.73 -7.00 -20.43
N SER A 2 -6.03 -6.95 -20.69
CA SER A 2 -7.02 -6.69 -19.66
C SER A 2 -6.50 -5.64 -18.67
N SER A 3 -6.52 -4.38 -19.08
CA SER A 3 -6.05 -3.28 -18.24
C SER A 3 -6.26 -1.95 -18.92
N GLY A 4 -6.08 -0.86 -18.17
CA GLY A 4 -6.26 0.47 -18.71
C GLY A 4 -6.87 1.43 -17.71
N SER A 5 -6.06 2.36 -17.21
CA SER A 5 -6.53 3.33 -16.23
C SER A 5 -5.36 4.13 -15.66
N SER A 6 -5.68 5.13 -14.85
CA SER A 6 -4.65 5.98 -14.24
C SER A 6 -5.10 6.46 -12.86
N GLY A 7 -5.66 5.55 -12.08
CA GLY A 7 -6.12 5.90 -10.75
C GLY A 7 -5.79 4.84 -9.72
N CYS A 8 -6.82 4.24 -9.12
CA CYS A 8 -6.64 3.21 -8.12
C CYS A 8 -6.53 1.83 -8.78
N ASP A 9 -5.57 1.04 -8.29
CA ASP A 9 -5.36 -0.31 -8.82
C ASP A 9 -6.08 -1.35 -7.98
N SER A 10 -6.35 -1.00 -6.72
CA SER A 10 -7.04 -1.91 -5.81
C SER A 10 -8.44 -2.25 -6.32
N CYS A 11 -9.23 -1.21 -6.56
CA CYS A 11 -10.59 -1.39 -7.05
C CYS A 11 -10.72 -0.93 -8.50
N GLU A 12 -9.58 -0.81 -9.18
CA GLU A 12 -9.56 -0.37 -10.57
C GLU A 12 -10.56 0.77 -10.80
N LYS A 13 -10.43 1.82 -9.99
CA LYS A 13 -11.32 2.98 -10.10
C LYS A 13 -10.52 4.27 -10.05
N TYR A 14 -10.93 5.24 -10.88
CA TYR A 14 -10.25 6.53 -10.93
C TYR A 14 -10.36 7.26 -9.60
N ILE A 15 -9.24 7.80 -9.13
CA ILE A 15 -9.21 8.52 -7.86
C ILE A 15 -9.36 10.03 -8.09
N THR A 16 -10.15 10.66 -7.25
CA THR A 16 -10.38 12.10 -7.35
C THR A 16 -9.67 12.86 -6.23
N GLY A 17 -8.53 13.47 -6.57
CA GLY A 17 -7.77 14.21 -5.58
C GLY A 17 -6.37 13.66 -5.40
N ARG A 18 -6.05 13.29 -4.16
CA ARG A 18 -4.73 12.75 -3.85
C ARG A 18 -4.74 11.23 -3.93
N VAL A 19 -3.60 10.65 -4.33
CA VAL A 19 -3.49 9.20 -4.44
C VAL A 19 -2.26 8.70 -3.68
N LEU A 20 -2.37 7.51 -3.10
CA LEU A 20 -1.27 6.91 -2.35
C LEU A 20 -0.26 6.27 -3.30
N GLU A 21 0.82 6.99 -3.57
CA GLU A 21 1.87 6.49 -4.46
C GLU A 21 2.80 5.53 -3.72
N ALA A 22 2.53 4.24 -3.87
CA ALA A 22 3.34 3.21 -3.22
C ALA A 22 4.34 2.61 -4.19
N GLY A 23 5.57 3.14 -4.17
CA GLY A 23 6.61 2.65 -5.05
C GLY A 23 6.40 3.08 -6.49
N GLU A 24 5.56 2.36 -7.21
CA GLU A 24 5.28 2.68 -8.61
C GLU A 24 3.81 2.40 -8.95
N LYS A 25 2.95 2.48 -7.94
CA LYS A 25 1.53 2.24 -8.13
C LYS A 25 0.71 3.28 -7.38
N HIS A 26 -0.58 3.39 -7.75
CA HIS A 26 -1.47 4.34 -7.11
C HIS A 26 -2.71 3.64 -6.56
N TYR A 27 -3.18 4.09 -5.40
CA TYR A 27 -4.35 3.51 -4.78
C TYR A 27 -5.19 4.56 -4.06
N HIS A 28 -6.41 4.20 -3.69
CA HIS A 28 -7.30 5.13 -3.01
C HIS A 28 -6.77 5.46 -1.61
N PRO A 29 -7.30 6.54 -1.02
CA PRO A 29 -6.90 6.98 0.32
C PRO A 29 -7.36 6.04 1.42
N SER A 30 -7.94 4.91 1.01
CA SER A 30 -8.43 3.91 1.96
C SER A 30 -8.12 2.50 1.48
N CYS A 31 -8.19 2.30 0.17
CA CYS A 31 -7.91 0.99 -0.42
C CYS A 31 -6.53 0.49 0.00
N ALA A 32 -5.55 1.38 -0.04
CA ALA A 32 -4.18 1.03 0.33
C ALA A 32 -3.96 1.23 1.82
N LEU A 33 -3.92 0.13 2.56
CA LEU A 33 -3.70 0.18 4.00
C LEU A 33 -2.55 -0.71 4.43
N CYS A 34 -1.85 -0.32 5.49
CA CYS A 34 -0.72 -1.09 5.99
C CYS A 34 -1.16 -2.49 6.41
N VAL A 35 -0.65 -3.50 5.71
CA VAL A 35 -0.98 -4.88 6.00
C VAL A 35 -0.79 -5.19 7.48
N ARG A 36 0.27 -4.63 8.07
CA ARG A 36 0.56 -4.85 9.48
C ARG A 36 -0.58 -4.36 10.36
N CYS A 37 -0.73 -3.04 10.45
CA CYS A 37 -1.78 -2.44 11.26
C CYS A 37 -2.98 -2.04 10.39
N GLY A 38 -2.68 -1.38 9.28
CA GLY A 38 -3.74 -0.94 8.38
C GLY A 38 -4.18 0.48 8.63
N GLN A 39 -3.23 1.32 9.02
CA GLN A 39 -3.52 2.73 9.29
C GLN A 39 -3.29 3.59 8.06
N MET A 40 -4.33 4.31 7.64
CA MET A 40 -4.23 5.17 6.47
C MET A 40 -2.98 6.04 6.54
N PHE A 41 -2.57 6.56 5.38
CA PHE A 41 -1.39 7.41 5.31
C PHE A 41 -1.74 8.79 4.77
N ALA A 42 -0.72 9.56 4.40
CA ALA A 42 -0.92 10.90 3.87
C ALA A 42 -0.68 10.93 2.37
N GLU A 43 -0.49 12.14 1.83
CA GLU A 43 -0.25 12.31 0.40
C GLU A 43 1.24 12.53 0.12
N GLY A 44 2.09 11.85 0.89
CA GLY A 44 3.52 11.98 0.71
C GLY A 44 4.30 11.51 1.91
N GLU A 45 3.91 10.36 2.46
CA GLU A 45 4.58 9.78 3.62
C GLU A 45 5.73 8.88 3.20
N GLU A 46 6.57 8.53 4.16
CA GLU A 46 7.73 7.67 3.89
C GLU A 46 7.51 6.28 4.48
N MET A 47 7.52 5.27 3.61
CA MET A 47 7.34 3.88 4.04
C MET A 47 8.07 2.92 3.12
N TYR A 48 8.35 1.72 3.63
CA TYR A 48 9.05 0.71 2.86
C TYR A 48 8.07 -0.14 2.05
N LEU A 49 8.52 -0.63 0.90
CA LEU A 49 7.68 -1.46 0.05
C LEU A 49 8.31 -2.85 -0.15
N GLN A 50 7.47 -3.87 -0.15
CA GLN A 50 7.94 -5.24 -0.33
C GLN A 50 7.03 -6.00 -1.29
N GLY A 51 7.55 -6.32 -2.47
CA GLY A 51 6.78 -7.04 -3.46
C GLY A 51 5.65 -6.21 -4.03
N SER A 52 4.63 -5.95 -3.21
CA SER A 52 3.48 -5.17 -3.64
C SER A 52 2.58 -4.83 -2.46
N SER A 53 3.18 -4.64 -1.29
CA SER A 53 2.43 -4.33 -0.08
C SER A 53 3.00 -3.09 0.60
N ILE A 54 2.14 -2.38 1.33
CA ILE A 54 2.57 -1.17 2.03
C ILE A 54 2.96 -1.49 3.47
N TRP A 55 4.24 -1.31 3.78
CA TRP A 55 4.74 -1.57 5.12
C TRP A 55 5.20 -0.28 5.79
N HIS A 56 4.64 0.02 6.96
CA HIS A 56 4.99 1.22 7.70
C HIS A 56 6.46 1.20 8.09
N PRO A 57 6.99 2.37 8.48
CA PRO A 57 8.39 2.51 8.89
C PRO A 57 8.67 1.85 10.23
N ALA A 58 7.68 1.87 11.12
CA ALA A 58 7.82 1.27 12.43
C ALA A 58 7.32 -0.17 12.43
N CYS A 59 6.21 -0.41 11.74
CA CYS A 59 5.63 -1.74 11.65
C CYS A 59 6.62 -2.74 11.05
N ARG A 60 7.00 -2.49 9.80
CA ARG A 60 7.94 -3.37 9.10
C ARG A 60 9.03 -3.86 10.06
N GLN A 61 9.74 -2.92 10.68
CA GLN A 61 10.80 -3.26 11.60
C GLN A 61 10.40 -4.44 12.48
N ALA A 62 9.15 -4.44 12.93
CA ALA A 62 8.65 -5.51 13.78
C ALA A 62 8.25 -6.73 12.94
N ALA A 63 7.67 -6.48 11.78
CA ALA A 63 7.24 -7.55 10.89
C ALA A 63 8.42 -8.43 10.49
N ARG A 64 9.62 -7.88 10.58
CA ARG A 64 10.83 -8.62 10.23
C ARG A 64 11.37 -9.38 11.43
N THR A 65 12.32 -10.28 11.18
CA THR A 65 12.92 -11.07 12.25
C THR A 65 11.87 -11.49 13.28
N GLU A 66 10.75 -12.01 12.79
CA GLU A 66 9.68 -12.45 13.67
C GLU A 66 9.68 -13.97 13.84
N ASP A 67 10.44 -14.46 14.80
CA ASP A 67 10.54 -15.89 15.05
C ASP A 67 10.59 -16.67 13.75
N SER A 68 11.49 -16.26 12.86
CA SER A 68 11.64 -16.93 11.57
C SER A 68 10.40 -16.74 10.71
N GLY A 69 10.60 -16.31 9.47
CA GLY A 69 9.48 -16.10 8.57
C GLY A 69 9.18 -17.31 7.71
N PRO A 70 7.97 -17.87 7.86
CA PRO A 70 7.54 -19.05 7.11
C PRO A 70 7.32 -18.75 5.63
N SER A 71 7.62 -17.51 5.24
CA SER A 71 7.45 -17.09 3.85
C SER A 71 7.64 -18.26 2.90
N SER A 72 8.73 -18.99 3.08
CA SER A 72 9.03 -20.15 2.23
C SER A 72 9.42 -19.70 0.83
N GLY A 73 10.53 -20.23 0.33
CA GLY A 73 11.00 -19.87 -1.00
C GLY A 73 12.29 -19.08 -0.97
ZN ZN B . -9.77 1.97 -4.76
ZN ZN C . 1.37 -0.09 10.05
N GLY A 1 -18.15 5.07 -13.26
CA GLY A 1 -18.93 6.15 -13.82
C GLY A 1 -18.28 7.50 -13.62
N SER A 2 -17.09 7.67 -14.16
CA SER A 2 -16.35 8.93 -14.03
C SER A 2 -15.15 8.96 -14.97
N SER A 3 -14.96 10.09 -15.65
CA SER A 3 -13.86 10.25 -16.58
C SER A 3 -12.55 9.75 -15.97
N GLY A 4 -11.87 8.87 -16.68
CA GLY A 4 -10.62 8.32 -16.19
C GLY A 4 -10.17 7.09 -16.97
N SER A 5 -8.89 6.78 -16.90
CA SER A 5 -8.34 5.63 -17.59
C SER A 5 -7.43 4.81 -16.68
N SER A 6 -6.56 5.49 -15.95
CA SER A 6 -5.63 4.84 -15.04
C SER A 6 -5.65 5.51 -13.67
N GLY A 7 -6.28 4.86 -12.70
CA GLY A 7 -6.36 5.41 -11.36
C GLY A 7 -5.99 4.39 -10.30
N CYS A 8 -6.92 4.16 -9.37
CA CYS A 8 -6.69 3.21 -8.29
C CYS A 8 -6.35 1.83 -8.85
N ASP A 9 -5.13 1.38 -8.60
CA ASP A 9 -4.68 0.07 -9.07
C ASP A 9 -5.11 -1.04 -8.10
N SER A 10 -6.31 -0.89 -7.56
CA SER A 10 -6.83 -1.88 -6.61
C SER A 10 -8.28 -2.23 -6.94
N CYS A 11 -9.09 -1.19 -7.19
CA CYS A 11 -10.49 -1.39 -7.51
C CYS A 11 -10.82 -0.81 -8.89
N GLU A 12 -9.82 -0.77 -9.76
CA GLU A 12 -9.99 -0.24 -11.10
C GLU A 12 -10.93 0.96 -11.10
N LYS A 13 -10.62 1.95 -10.26
CA LYS A 13 -11.44 3.15 -10.15
C LYS A 13 -10.57 4.39 -9.96
N TYR A 14 -10.96 5.49 -10.59
CA TYR A 14 -10.21 6.73 -10.49
C TYR A 14 -10.14 7.21 -9.05
N ILE A 15 -9.04 7.89 -8.70
CA ILE A 15 -8.86 8.41 -7.36
C ILE A 15 -9.29 9.87 -7.26
N THR A 16 -9.09 10.62 -8.34
CA THR A 16 -9.45 12.03 -8.38
C THR A 16 -8.89 12.78 -7.18
N GLY A 17 -7.79 13.49 -7.40
CA GLY A 17 -7.18 14.25 -6.33
C GLY A 17 -5.87 13.63 -5.86
N ARG A 18 -5.73 13.47 -4.55
CA ARG A 18 -4.52 12.89 -3.97
C ARG A 18 -4.55 11.37 -4.06
N VAL A 19 -3.37 10.77 -4.21
CA VAL A 19 -3.27 9.32 -4.29
C VAL A 19 -2.07 8.80 -3.51
N LEU A 20 -2.18 7.59 -2.99
CA LEU A 20 -1.11 6.97 -2.21
C LEU A 20 -0.03 6.41 -3.13
N GLU A 21 0.99 7.22 -3.39
CA GLU A 21 2.10 6.80 -4.25
C GLU A 21 3.12 5.97 -3.47
N ALA A 22 3.13 4.67 -3.73
CA ALA A 22 4.06 3.77 -3.06
C ALA A 22 4.96 3.07 -4.05
N GLY A 23 6.23 3.49 -4.09
CA GLY A 23 7.18 2.89 -5.00
C GLY A 23 7.00 3.37 -6.43
N GLU A 24 5.94 2.88 -7.09
CA GLU A 24 5.66 3.27 -8.46
C GLU A 24 4.21 2.97 -8.82
N LYS A 25 3.36 2.89 -7.80
CA LYS A 25 1.94 2.61 -8.00
C LYS A 25 1.08 3.64 -7.27
N HIS A 26 -0.24 3.51 -7.42
CA HIS A 26 -1.17 4.43 -6.77
C HIS A 26 -2.47 3.71 -6.40
N TYR A 27 -3.03 4.07 -5.26
CA TYR A 27 -4.26 3.45 -4.78
C TYR A 27 -5.10 4.46 -4.00
N HIS A 28 -6.35 4.10 -3.72
CA HIS A 28 -7.25 4.95 -2.97
C HIS A 28 -6.75 5.18 -1.56
N PRO A 29 -7.27 6.23 -0.90
CA PRO A 29 -6.88 6.56 0.48
C PRO A 29 -7.40 5.55 1.49
N SER A 30 -8.28 4.67 1.04
CA SER A 30 -8.86 3.65 1.91
C SER A 30 -8.47 2.25 1.44
N CYS A 31 -8.40 2.07 0.13
CA CYS A 31 -8.03 0.78 -0.45
C CYS A 31 -6.66 0.34 0.04
N ALA A 32 -5.71 1.26 0.05
CA ALA A 32 -4.36 0.96 0.50
C ALA A 32 -4.21 1.20 1.99
N LEU A 33 -3.90 0.13 2.73
CA LEU A 33 -3.73 0.22 4.18
C LEU A 33 -2.61 -0.69 4.65
N CYS A 34 -1.91 -0.27 5.69
CA CYS A 34 -0.80 -1.04 6.25
C CYS A 34 -1.27 -2.44 6.64
N VAL A 35 -0.75 -3.45 5.96
CA VAL A 35 -1.11 -4.84 6.23
C VAL A 35 -0.88 -5.18 7.71
N ARG A 36 0.06 -4.48 8.33
CA ARG A 36 0.38 -4.71 9.73
C ARG A 36 -0.74 -4.20 10.64
N CYS A 37 -0.84 -2.88 10.75
CA CYS A 37 -1.87 -2.26 11.58
C CYS A 37 -3.11 -1.93 10.75
N GLY A 38 -2.89 -1.37 9.57
CA GLY A 38 -4.01 -1.02 8.70
C GLY A 38 -4.43 0.43 8.87
N GLN A 39 -3.46 1.30 9.12
CA GLN A 39 -3.75 2.72 9.31
C GLN A 39 -3.44 3.51 8.04
N MET A 40 -4.39 4.34 7.61
CA MET A 40 -4.22 5.14 6.41
C MET A 40 -2.95 5.99 6.50
N PHE A 41 -2.56 6.59 5.38
CA PHE A 41 -1.36 7.43 5.34
C PHE A 41 -1.68 8.80 4.75
N ALA A 42 -0.65 9.47 4.26
CA ALA A 42 -0.82 10.80 3.67
C ALA A 42 -0.47 10.78 2.18
N GLU A 43 -0.26 11.97 1.62
CA GLU A 43 0.08 12.08 0.20
C GLU A 43 1.56 12.40 0.03
N GLY A 44 2.41 11.63 0.69
CA GLY A 44 3.84 11.85 0.60
C GLY A 44 4.62 10.90 1.48
N GLU A 45 4.05 10.54 2.62
CA GLU A 45 4.71 9.63 3.55
C GLU A 45 5.53 8.58 2.82
N GLU A 46 6.67 8.23 3.38
CA GLU A 46 7.55 7.23 2.77
C GLU A 46 7.58 5.95 3.61
N MET A 47 7.24 4.84 2.98
CA MET A 47 7.24 3.55 3.67
C MET A 47 7.88 2.47 2.80
N TYR A 48 8.15 1.32 3.41
CA TYR A 48 8.76 0.20 2.69
C TYR A 48 7.70 -0.62 1.95
N LEU A 49 8.10 -1.22 0.83
CA LEU A 49 7.20 -2.03 0.03
C LEU A 49 7.77 -3.43 -0.19
N GLN A 50 7.10 -4.43 0.38
CA GLN A 50 7.55 -5.81 0.24
C GLN A 50 6.45 -6.67 -0.37
N GLY A 51 6.85 -7.58 -1.27
CA GLY A 51 5.88 -8.45 -1.91
C GLY A 51 4.67 -7.70 -2.42
N SER A 52 4.86 -6.43 -2.76
CA SER A 52 3.77 -5.60 -3.25
C SER A 52 2.80 -5.24 -2.13
N SER A 53 3.35 -5.01 -0.94
CA SER A 53 2.53 -4.67 0.21
C SER A 53 3.05 -3.39 0.88
N ILE A 54 2.16 -2.70 1.59
CA ILE A 54 2.52 -1.46 2.27
C ILE A 54 2.92 -1.73 3.72
N TRP A 55 4.18 -1.48 4.03
CA TRP A 55 4.69 -1.69 5.38
C TRP A 55 5.16 -0.38 6.00
N HIS A 56 4.51 0.03 7.09
CA HIS A 56 4.86 1.27 7.77
C HIS A 56 6.34 1.28 8.13
N PRO A 57 6.86 2.48 8.46
CA PRO A 57 8.27 2.66 8.82
C PRO A 57 8.60 2.04 10.17
N ALA A 58 7.65 2.07 11.09
CA ALA A 58 7.83 1.50 12.41
C ALA A 58 7.36 0.05 12.48
N CYS A 59 6.21 -0.20 11.85
CA CYS A 59 5.64 -1.54 11.84
C CYS A 59 6.62 -2.54 11.26
N ARG A 60 7.04 -2.32 10.02
CA ARG A 60 7.98 -3.20 9.35
C ARG A 60 9.11 -3.61 10.29
N GLN A 61 9.77 -2.62 10.88
CA GLN A 61 10.87 -2.88 11.81
C GLN A 61 10.60 -4.13 12.63
N ALA A 62 9.36 -4.28 13.09
CA ALA A 62 8.97 -5.43 13.89
C ALA A 62 8.69 -6.65 13.00
N ALA A 63 7.93 -6.44 11.94
CA ALA A 63 7.58 -7.52 11.02
C ALA A 63 8.71 -7.75 10.01
N ARG A 64 9.94 -7.71 10.49
CA ARG A 64 11.11 -7.91 9.64
C ARG A 64 11.43 -9.39 9.51
N THR A 65 11.70 -10.03 10.65
CA THR A 65 12.03 -11.45 10.66
C THR A 65 10.81 -12.30 11.00
N GLU A 66 10.15 -11.97 12.10
CA GLU A 66 8.97 -12.70 12.53
C GLU A 66 8.15 -13.15 11.33
N ASP A 67 7.49 -14.31 11.46
CA ASP A 67 6.67 -14.85 10.39
C ASP A 67 5.21 -14.98 10.83
N SER A 68 4.98 -15.81 11.83
CA SER A 68 3.64 -16.03 12.36
C SER A 68 3.11 -14.78 13.03
N GLY A 69 1.83 -14.48 12.80
CA GLY A 69 1.22 -13.31 13.40
C GLY A 69 -0.24 -13.53 13.76
N PRO A 70 -1.13 -13.35 12.78
CA PRO A 70 -2.57 -13.53 12.96
C PRO A 70 -2.95 -14.99 13.17
N SER A 71 -3.09 -15.39 14.44
CA SER A 71 -3.45 -16.76 14.78
C SER A 71 -4.81 -17.12 14.18
N SER A 72 -4.97 -18.40 13.83
CA SER A 72 -6.22 -18.88 13.25
C SER A 72 -6.14 -20.37 12.97
N GLY A 73 -5.58 -21.12 13.92
CA GLY A 73 -5.46 -22.56 13.76
C GLY A 73 -6.70 -23.29 14.23
ZN ZN B . -9.76 1.86 -4.82
ZN ZN C . 1.34 0.01 10.27
N GLY A 1 -7.61 0.62 -25.75
CA GLY A 1 -8.66 1.54 -25.37
C GLY A 1 -8.43 2.16 -24.01
N SER A 2 -9.30 1.84 -23.05
CA SER A 2 -9.18 2.38 -21.70
C SER A 2 -10.17 1.70 -20.76
N SER A 3 -9.81 0.52 -20.28
CA SER A 3 -10.68 -0.23 -19.37
C SER A 3 -11.44 0.72 -18.44
N GLY A 4 -10.71 1.63 -17.81
CA GLY A 4 -11.33 2.58 -16.90
C GLY A 4 -10.32 3.50 -16.24
N SER A 5 -9.41 4.05 -17.04
CA SER A 5 -8.38 4.95 -16.52
C SER A 5 -7.48 4.22 -15.52
N SER A 6 -6.18 4.52 -15.59
CA SER A 6 -5.21 3.89 -14.70
C SER A 6 -5.10 4.65 -13.39
N GLY A 7 -6.07 4.44 -12.49
CA GLY A 7 -6.06 5.12 -11.22
C GLY A 7 -5.74 4.19 -10.06
N CYS A 8 -6.78 3.60 -9.48
CA CYS A 8 -6.61 2.69 -8.36
C CYS A 8 -6.40 1.26 -8.84
N ASP A 9 -5.32 0.63 -8.40
CA ASP A 9 -5.01 -0.74 -8.80
C ASP A 9 -5.46 -1.73 -7.73
N SER A 10 -6.64 -1.49 -7.17
CA SER A 10 -7.19 -2.35 -6.14
C SER A 10 -8.71 -2.52 -6.30
N CYS A 11 -9.39 -1.41 -6.54
CA CYS A 11 -10.83 -1.42 -6.72
C CYS A 11 -11.21 -1.07 -8.16
N GLU A 12 -10.20 -0.74 -8.96
CA GLU A 12 -10.43 -0.38 -10.36
C GLU A 12 -11.35 0.83 -10.46
N LYS A 13 -11.02 1.88 -9.73
CA LYS A 13 -11.82 3.10 -9.74
C LYS A 13 -10.93 4.34 -9.74
N TYR A 14 -11.16 5.24 -10.68
CA TYR A 14 -10.38 6.47 -10.79
C TYR A 14 -10.29 7.17 -9.44
N ILE A 15 -9.20 7.91 -9.25
CA ILE A 15 -8.99 8.64 -8.01
C ILE A 15 -9.07 10.15 -8.24
N THR A 16 -9.95 10.81 -7.47
CA THR A 16 -10.12 12.26 -7.59
C THR A 16 -9.21 13.00 -6.62
N GLY A 17 -9.17 12.54 -5.38
CA GLY A 17 -8.33 13.18 -4.37
C GLY A 17 -6.87 12.82 -4.53
N ARG A 18 -6.18 12.68 -3.40
CA ARG A 18 -4.76 12.33 -3.42
C ARG A 18 -4.57 10.82 -3.54
N VAL A 19 -3.65 10.41 -4.40
CA VAL A 19 -3.36 8.99 -4.61
C VAL A 19 -2.09 8.57 -3.87
N LEU A 20 -2.04 7.30 -3.49
CA LEU A 20 -0.87 6.77 -2.78
C LEU A 20 0.10 6.11 -3.75
N GLU A 21 1.17 6.83 -4.08
CA GLU A 21 2.18 6.32 -4.99
C GLU A 21 3.17 5.41 -4.27
N ALA A 22 3.02 4.10 -4.46
CA ALA A 22 3.89 3.13 -3.82
C ALA A 22 4.75 2.41 -4.86
N GLY A 23 5.97 2.89 -5.05
CA GLY A 23 6.87 2.27 -6.00
C GLY A 23 6.59 2.72 -7.42
N GLU A 24 5.57 2.13 -8.04
CA GLU A 24 5.21 2.47 -9.41
C GLU A 24 3.71 2.28 -9.64
N LYS A 25 2.95 2.21 -8.54
CA LYS A 25 1.51 2.03 -8.62
C LYS A 25 0.79 3.03 -7.72
N HIS A 26 -0.47 3.31 -8.05
CA HIS A 26 -1.27 4.25 -7.27
C HIS A 26 -2.42 3.53 -6.57
N TYR A 27 -2.90 4.11 -5.48
CA TYR A 27 -4.01 3.52 -4.72
C TYR A 27 -4.79 4.59 -3.99
N HIS A 28 -6.05 4.30 -3.68
CA HIS A 28 -6.91 5.24 -2.98
C HIS A 28 -6.38 5.51 -1.57
N PRO A 29 -6.81 6.64 -0.99
CA PRO A 29 -6.39 7.04 0.36
C PRO A 29 -6.98 6.14 1.44
N SER A 30 -7.78 5.17 1.02
CA SER A 30 -8.41 4.24 1.96
C SER A 30 -8.15 2.80 1.55
N CYS A 31 -8.06 2.56 0.24
CA CYS A 31 -7.81 1.23 -0.29
C CYS A 31 -6.47 0.68 0.21
N ALA A 32 -5.43 1.49 0.06
CA ALA A 32 -4.10 1.10 0.51
C ALA A 32 -3.94 1.26 2.01
N LEU A 33 -4.01 0.15 2.74
CA LEU A 33 -3.88 0.18 4.19
C LEU A 33 -2.77 -0.76 4.65
N CYS A 34 -1.83 -0.22 5.43
CA CYS A 34 -0.72 -1.00 5.93
C CYS A 34 -1.16 -2.43 6.27
N VAL A 35 -0.61 -3.39 5.54
CA VAL A 35 -0.95 -4.80 5.75
C VAL A 35 -0.78 -5.18 7.21
N ARG A 36 0.16 -4.53 7.89
CA ARG A 36 0.42 -4.80 9.30
C ARG A 36 -0.74 -4.33 10.17
N CYS A 37 -0.86 -3.03 10.34
CA CYS A 37 -1.92 -2.45 11.14
C CYS A 37 -3.12 -2.06 10.27
N GLY A 38 -2.84 -1.47 9.12
CA GLY A 38 -3.89 -1.06 8.20
C GLY A 38 -4.34 0.37 8.44
N GLN A 39 -3.40 1.21 8.86
CA GLN A 39 -3.71 2.61 9.12
C GLN A 39 -3.38 3.48 7.91
N MET A 40 -4.35 4.28 7.47
CA MET A 40 -4.16 5.15 6.32
C MET A 40 -2.91 6.02 6.49
N PHE A 41 -2.53 6.72 5.43
CA PHE A 41 -1.36 7.58 5.47
C PHE A 41 -1.70 8.99 4.99
N ALA A 42 -0.67 9.81 4.79
CA ALA A 42 -0.87 11.18 4.33
C ALA A 42 -0.58 11.30 2.84
N GLU A 43 -0.33 12.53 2.39
CA GLU A 43 -0.04 12.79 0.98
C GLU A 43 1.47 12.95 0.76
N GLY A 44 2.25 12.24 1.56
CA GLY A 44 3.70 12.32 1.42
C GLY A 44 4.43 11.70 2.60
N GLU A 45 3.93 10.55 3.06
CA GLU A 45 4.53 9.86 4.19
C GLU A 45 5.59 8.86 3.73
N GLU A 46 6.51 8.53 4.61
CA GLU A 46 7.58 7.58 4.29
C GLU A 46 7.21 6.17 4.74
N MET A 47 7.20 5.23 3.79
CA MET A 47 6.87 3.84 4.10
C MET A 47 7.71 2.89 3.25
N TYR A 48 8.13 1.79 3.86
CA TYR A 48 8.95 0.80 3.17
C TYR A 48 8.08 -0.09 2.27
N LEU A 49 8.60 -0.41 1.10
CA LEU A 49 7.87 -1.25 0.14
C LEU A 49 8.46 -2.65 0.10
N GLN A 50 7.58 -3.66 0.10
CA GLN A 50 8.02 -5.05 0.05
C GLN A 50 6.97 -5.93 -0.59
N GLY A 51 7.39 -6.79 -1.52
CA GLY A 51 6.48 -7.67 -2.20
C GLY A 51 5.24 -6.96 -2.70
N SER A 52 5.44 -5.78 -3.28
CA SER A 52 4.33 -4.99 -3.80
C SER A 52 3.31 -4.68 -2.70
N SER A 53 3.80 -4.63 -1.46
CA SER A 53 2.93 -4.35 -0.32
C SER A 53 3.40 -3.12 0.43
N ILE A 54 2.49 -2.47 1.15
CA ILE A 54 2.81 -1.28 1.92
C ILE A 54 3.16 -1.62 3.36
N TRP A 55 4.30 -1.14 3.82
CA TRP A 55 4.75 -1.40 5.18
C TRP A 55 5.15 -0.10 5.88
N HIS A 56 4.66 0.07 7.11
CA HIS A 56 4.97 1.27 7.88
C HIS A 56 6.43 1.26 8.33
N PRO A 57 6.92 2.44 8.76
CA PRO A 57 8.30 2.60 9.22
C PRO A 57 8.56 1.90 10.56
N ALA A 58 7.53 1.88 11.41
CA ALA A 58 7.65 1.24 12.71
C ALA A 58 7.17 -0.21 12.65
N CYS A 59 6.07 -0.43 11.95
CA CYS A 59 5.51 -1.78 11.81
C CYS A 59 6.53 -2.75 11.24
N ARG A 60 6.96 -2.50 10.01
CA ARG A 60 7.94 -3.35 9.35
C ARG A 60 8.99 -3.82 10.34
N GLN A 61 9.65 -2.88 11.01
CA GLN A 61 10.68 -3.20 11.98
C GLN A 61 10.35 -4.48 12.72
N ALA A 62 9.09 -4.63 13.12
CA ALA A 62 8.64 -5.81 13.83
C ALA A 62 8.38 -6.97 12.88
N ALA A 63 7.74 -6.67 11.75
CA ALA A 63 7.43 -7.68 10.75
C ALA A 63 8.54 -7.77 9.71
N ARG A 64 9.78 -7.65 10.15
CA ARG A 64 10.93 -7.72 9.26
C ARG A 64 11.13 -9.14 8.75
N THR A 65 11.00 -10.11 9.63
CA THR A 65 11.17 -11.51 9.27
C THR A 65 9.83 -12.24 9.24
N GLU A 66 9.24 -12.32 8.06
CA GLU A 66 7.94 -12.99 7.89
C GLU A 66 7.62 -13.18 6.41
N ASP A 67 6.80 -14.19 6.13
CA ASP A 67 6.41 -14.49 4.75
C ASP A 67 5.04 -13.90 4.44
N SER A 68 4.02 -14.37 5.13
CA SER A 68 2.66 -13.90 4.92
C SER A 68 1.69 -14.54 5.91
N GLY A 69 2.13 -14.65 7.16
CA GLY A 69 1.29 -15.24 8.19
C GLY A 69 1.17 -16.75 8.04
N PRO A 70 2.24 -17.47 8.43
CA PRO A 70 2.28 -18.93 8.35
C PRO A 70 1.34 -19.60 9.35
N SER A 71 0.65 -18.78 10.14
CA SER A 71 -0.29 -19.29 11.13
C SER A 71 -1.72 -19.30 10.58
N SER A 72 -2.20 -20.50 10.25
CA SER A 72 -3.55 -20.65 9.72
C SER A 72 -3.91 -22.12 9.59
N GLY A 73 -3.03 -22.89 8.96
CA GLY A 73 -3.27 -24.31 8.78
C GLY A 73 -2.22 -25.18 9.44
ZN ZN B . -9.56 2.18 -4.67
ZN ZN C . 1.30 -0.14 10.06
N GLY A 1 -16.10 9.47 -27.11
CA GLY A 1 -15.38 8.30 -26.66
C GLY A 1 -14.09 8.66 -25.96
N SER A 2 -14.13 8.73 -24.63
CA SER A 2 -12.95 9.07 -23.85
C SER A 2 -12.84 8.17 -22.61
N SER A 3 -13.95 8.00 -21.91
CA SER A 3 -13.97 7.17 -20.70
C SER A 3 -13.04 5.97 -20.86
N GLY A 4 -12.32 5.66 -19.79
CA GLY A 4 -11.40 4.54 -19.82
C GLY A 4 -11.20 3.91 -18.45
N SER A 5 -9.95 3.62 -18.12
CA SER A 5 -9.63 3.01 -16.83
C SER A 5 -8.16 3.25 -16.47
N SER A 6 -7.93 4.08 -15.46
CA SER A 6 -6.59 4.41 -15.02
C SER A 6 -6.61 5.18 -13.70
N GLY A 7 -6.21 4.50 -12.62
CA GLY A 7 -6.19 5.14 -11.32
C GLY A 7 -5.80 4.18 -10.21
N CYS A 8 -6.74 3.89 -9.32
CA CYS A 8 -6.48 2.99 -8.20
C CYS A 8 -6.24 1.57 -8.70
N ASP A 9 -5.03 1.07 -8.48
CA ASP A 9 -4.67 -0.28 -8.90
C ASP A 9 -5.08 -1.31 -7.85
N SER A 10 -6.26 -1.11 -7.27
CA SER A 10 -6.76 -2.02 -6.25
C SER A 10 -8.24 -2.32 -6.48
N CYS A 11 -9.01 -1.29 -6.80
CA CYS A 11 -10.43 -1.45 -7.05
C CYS A 11 -10.79 -1.05 -8.47
N GLU A 12 -9.77 -0.99 -9.33
CA GLU A 12 -9.97 -0.63 -10.73
C GLU A 12 -10.91 0.56 -10.85
N LYS A 13 -10.59 1.64 -10.13
CA LYS A 13 -11.41 2.85 -10.16
C LYS A 13 -10.53 4.09 -10.28
N TYR A 14 -11.17 5.25 -10.41
CA TYR A 14 -10.44 6.51 -10.53
C TYR A 14 -10.29 7.19 -9.18
N ILE A 15 -9.23 7.97 -9.02
CA ILE A 15 -8.97 8.67 -7.78
C ILE A 15 -9.08 10.18 -7.97
N THR A 16 -10.06 10.79 -7.31
CA THR A 16 -10.26 12.22 -7.41
C THR A 16 -9.31 12.99 -6.50
N GLY A 17 -9.20 12.55 -5.25
CA GLY A 17 -8.32 13.19 -4.30
C GLY A 17 -6.89 12.72 -4.43
N ARG A 18 -6.13 12.80 -3.34
CA ARG A 18 -4.74 12.38 -3.34
C ARG A 18 -4.62 10.87 -3.53
N VAL A 19 -3.57 10.44 -4.20
CA VAL A 19 -3.34 9.02 -4.45
C VAL A 19 -2.09 8.52 -3.74
N LEU A 20 -2.18 7.32 -3.17
CA LEU A 20 -1.05 6.73 -2.45
C LEU A 20 -0.08 6.07 -3.43
N GLU A 21 0.95 6.81 -3.82
CA GLU A 21 1.95 6.30 -4.75
C GLU A 21 2.92 5.35 -4.04
N ALA A 22 2.69 4.05 -4.20
CA ALA A 22 3.53 3.05 -3.57
C ALA A 22 4.43 2.37 -4.60
N GLY A 23 5.66 2.87 -4.72
CA GLY A 23 6.60 2.31 -5.67
C GLY A 23 6.37 2.82 -7.08
N GLU A 24 5.43 2.20 -7.79
CA GLU A 24 5.12 2.59 -9.16
C GLU A 24 3.63 2.45 -9.44
N LYS A 25 2.85 2.22 -8.39
CA LYS A 25 1.41 2.08 -8.51
C LYS A 25 0.68 3.05 -7.61
N HIS A 26 -0.56 3.38 -7.96
CA HIS A 26 -1.37 4.31 -7.18
C HIS A 26 -2.56 3.59 -6.56
N TYR A 27 -3.06 4.14 -5.46
CA TYR A 27 -4.20 3.55 -4.76
C TYR A 27 -5.02 4.62 -4.03
N HIS A 28 -6.24 4.27 -3.66
CA HIS A 28 -7.11 5.20 -2.94
C HIS A 28 -6.57 5.51 -1.56
N PRO A 29 -7.05 6.61 -0.97
CA PRO A 29 -6.62 7.04 0.38
C PRO A 29 -7.13 6.10 1.47
N SER A 30 -7.80 5.03 1.06
CA SER A 30 -8.34 4.06 2.01
C SER A 30 -8.03 2.63 1.56
N CYS A 31 -8.05 2.42 0.25
CA CYS A 31 -7.79 1.10 -0.32
C CYS A 31 -6.43 0.57 0.17
N ALA A 32 -5.43 1.44 0.17
CA ALA A 32 -4.10 1.06 0.61
C ALA A 32 -3.94 1.26 2.11
N LEU A 33 -3.96 0.16 2.86
CA LEU A 33 -3.82 0.21 4.30
C LEU A 33 -2.71 -0.72 4.79
N CYS A 34 -1.81 -0.20 5.61
CA CYS A 34 -0.71 -0.99 6.14
C CYS A 34 -1.18 -2.38 6.52
N VAL A 35 -0.71 -3.38 5.78
CA VAL A 35 -1.07 -4.77 6.05
C VAL A 35 -0.86 -5.12 7.51
N ARG A 36 0.20 -4.58 8.10
CA ARG A 36 0.51 -4.84 9.50
C ARG A 36 -0.60 -4.35 10.41
N CYS A 37 -0.71 -3.03 10.55
CA CYS A 37 -1.74 -2.43 11.39
C CYS A 37 -2.98 -2.08 10.57
N GLY A 38 -2.76 -1.40 9.45
CA GLY A 38 -3.86 -1.02 8.58
C GLY A 38 -4.29 0.42 8.81
N GLN A 39 -3.34 1.27 9.16
CA GLN A 39 -3.62 2.68 9.40
C GLN A 39 -3.34 3.52 8.16
N MET A 40 -4.32 4.31 7.76
CA MET A 40 -4.19 5.16 6.58
C MET A 40 -2.91 5.99 6.66
N PHE A 41 -2.65 6.76 5.60
CA PHE A 41 -1.46 7.60 5.54
C PHE A 41 -1.80 9.00 5.05
N ALA A 42 -0.81 9.70 4.51
CA ALA A 42 -1.01 11.04 4.00
C ALA A 42 -0.43 11.20 2.60
N GLU A 43 -0.20 12.43 2.19
CA GLU A 43 0.35 12.71 0.87
C GLU A 43 1.83 13.06 0.95
N GLY A 44 2.59 12.22 1.63
CA GLY A 44 4.02 12.46 1.78
C GLY A 44 4.71 11.40 2.62
N GLU A 45 4.00 10.90 3.62
CA GLU A 45 4.54 9.87 4.50
C GLU A 45 5.42 8.90 3.73
N GLU A 46 6.49 8.42 4.37
CA GLU A 46 7.40 7.49 3.74
C GLU A 46 7.15 6.06 4.22
N MET A 47 6.71 5.20 3.31
CA MET A 47 6.43 3.82 3.64
C MET A 47 7.25 2.87 2.76
N TYR A 48 7.84 1.85 3.39
CA TYR A 48 8.65 0.88 2.66
C TYR A 48 7.76 -0.08 1.86
N LEU A 49 8.16 -0.33 0.62
CA LEU A 49 7.40 -1.21 -0.26
C LEU A 49 7.99 -2.62 -0.24
N GLN A 50 7.12 -3.61 -0.10
CA GLN A 50 7.56 -5.01 -0.07
C GLN A 50 6.45 -5.94 -0.56
N GLY A 51 6.78 -6.75 -1.57
CA GLY A 51 5.80 -7.68 -2.12
C GLY A 51 4.53 -6.98 -2.56
N SER A 52 4.68 -5.78 -3.11
CA SER A 52 3.53 -5.01 -3.58
C SER A 52 2.61 -4.65 -2.41
N SER A 53 3.18 -4.58 -1.21
CA SER A 53 2.41 -4.25 -0.02
C SER A 53 3.00 -3.05 0.70
N ILE A 54 2.17 -2.34 1.46
CA ILE A 54 2.60 -1.17 2.20
C ILE A 54 3.02 -1.55 3.63
N TRP A 55 4.27 -1.25 3.96
CA TRP A 55 4.79 -1.55 5.30
C TRP A 55 5.30 -0.28 5.98
N HIS A 56 4.59 0.16 7.00
CA HIS A 56 4.97 1.36 7.74
C HIS A 56 6.45 1.30 8.14
N PRO A 57 7.02 2.47 8.47
CA PRO A 57 8.42 2.57 8.88
C PRO A 57 8.69 1.94 10.24
N ALA A 58 7.67 1.94 11.10
CA ALA A 58 7.80 1.36 12.43
C ALA A 58 7.33 -0.09 12.44
N CYS A 59 6.28 -0.38 11.68
CA CYS A 59 5.73 -1.72 11.60
C CYS A 59 6.71 -2.67 10.90
N ARG A 60 7.22 -2.23 9.76
CA ARG A 60 8.16 -3.03 8.98
C ARG A 60 9.20 -3.68 9.90
N GLN A 61 9.64 -2.93 10.90
CA GLN A 61 10.63 -3.42 11.86
C GLN A 61 10.13 -4.68 12.55
N ALA A 62 8.93 -4.60 13.11
CA ALA A 62 8.34 -5.73 13.82
C ALA A 62 7.99 -6.86 12.85
N ALA A 63 7.65 -6.49 11.62
CA ALA A 63 7.30 -7.47 10.60
C ALA A 63 8.53 -7.94 9.83
N ARG A 64 9.62 -8.19 10.57
CA ARG A 64 10.86 -8.64 9.96
C ARG A 64 11.18 -10.07 10.36
N THR A 65 11.12 -10.33 11.67
CA THR A 65 11.40 -11.66 12.19
C THR A 65 10.38 -12.07 13.25
N GLU A 66 9.11 -11.74 13.00
CA GLU A 66 8.04 -12.06 13.92
C GLU A 66 6.92 -12.83 13.23
N ASP A 67 6.21 -13.64 13.99
CA ASP A 67 5.11 -14.44 13.45
C ASP A 67 4.04 -14.70 14.50
N SER A 68 3.66 -13.65 15.23
CA SER A 68 2.66 -13.77 16.27
C SER A 68 3.01 -14.90 17.25
N GLY A 69 4.29 -14.99 17.59
CA GLY A 69 4.74 -16.02 18.50
C GLY A 69 5.57 -17.09 17.82
N PRO A 70 5.01 -18.29 17.68
CA PRO A 70 5.70 -19.41 17.04
C PRO A 70 5.86 -19.22 15.54
N SER A 71 7.10 -19.28 15.07
CA SER A 71 7.40 -19.10 13.65
C SER A 71 7.19 -20.40 12.88
N SER A 72 6.14 -21.13 13.23
CA SER A 72 5.83 -22.40 12.59
C SER A 72 4.33 -22.69 12.64
N GLY A 73 3.76 -22.61 13.84
CA GLY A 73 2.34 -22.87 14.01
C GLY A 73 1.84 -23.96 13.10
ZN ZN B . -9.50 2.05 -4.70
ZN ZN C . 1.46 -0.02 10.18
N GLY A 1 -8.16 9.71 -22.77
CA GLY A 1 -8.34 8.35 -23.24
C GLY A 1 -9.67 7.75 -22.82
N SER A 2 -9.98 6.58 -23.35
CA SER A 2 -11.24 5.91 -23.04
C SER A 2 -11.03 4.40 -22.91
N SER A 3 -11.42 3.85 -21.76
CA SER A 3 -11.27 2.42 -21.52
C SER A 3 -9.80 2.03 -21.46
N GLY A 4 -9.35 1.59 -20.29
CA GLY A 4 -7.97 1.20 -20.13
C GLY A 4 -7.57 1.08 -18.67
N SER A 5 -6.72 1.99 -18.21
CA SER A 5 -6.26 1.98 -16.83
C SER A 5 -5.66 3.32 -16.44
N SER A 6 -6.12 3.88 -15.33
CA SER A 6 -5.63 5.16 -14.85
C SER A 6 -6.30 5.55 -13.54
N GLY A 7 -5.77 5.05 -12.43
CA GLY A 7 -6.34 5.35 -11.13
C GLY A 7 -5.92 4.35 -10.07
N CYS A 8 -6.91 3.69 -9.47
CA CYS A 8 -6.64 2.70 -8.43
C CYS A 8 -6.28 1.36 -9.04
N ASP A 9 -5.55 0.54 -8.28
CA ASP A 9 -5.14 -0.78 -8.76
C ASP A 9 -5.84 -1.88 -7.96
N SER A 10 -6.26 -1.56 -6.74
CA SER A 10 -6.94 -2.52 -5.89
C SER A 10 -8.42 -2.62 -6.25
N CYS A 11 -9.05 -1.47 -6.45
CA CYS A 11 -10.47 -1.44 -6.81
C CYS A 11 -10.65 -1.08 -8.28
N GLU A 12 -9.59 -0.53 -8.88
CA GLU A 12 -9.63 -0.14 -10.29
C GLU A 12 -10.68 0.94 -10.52
N LYS A 13 -10.61 2.00 -9.72
CA LYS A 13 -11.55 3.11 -9.83
C LYS A 13 -10.81 4.45 -9.84
N TYR A 14 -11.09 5.26 -10.85
CA TYR A 14 -10.46 6.56 -10.98
C TYR A 14 -10.36 7.26 -9.61
N ILE A 15 -9.23 7.91 -9.38
CA ILE A 15 -9.01 8.61 -8.12
C ILE A 15 -8.98 10.13 -8.33
N THR A 16 -10.17 10.74 -8.29
CA THR A 16 -10.27 12.19 -8.48
C THR A 16 -9.33 12.94 -7.55
N GLY A 17 -9.19 12.45 -6.31
CA GLY A 17 -8.31 13.09 -5.36
C GLY A 17 -6.89 12.55 -5.43
N ARG A 18 -6.13 12.75 -4.36
CA ARG A 18 -4.75 12.30 -4.31
C ARG A 18 -4.68 10.77 -4.33
N VAL A 19 -3.56 10.24 -4.78
CA VAL A 19 -3.36 8.78 -4.84
C VAL A 19 -2.11 8.36 -4.10
N LEU A 20 -2.20 7.24 -3.39
CA LEU A 20 -1.07 6.73 -2.62
C LEU A 20 -0.06 6.04 -3.55
N GLU A 21 1.01 6.76 -3.88
CA GLU A 21 2.05 6.21 -4.75
C GLU A 21 3.07 5.42 -3.95
N ALA A 22 3.22 4.15 -4.30
CA ALA A 22 4.18 3.28 -3.61
C ALA A 22 5.01 2.49 -4.60
N GLY A 23 6.19 3.01 -4.92
CA GLY A 23 7.07 2.33 -5.86
C GLY A 23 6.76 2.68 -7.29
N GLU A 24 5.60 2.22 -7.77
CA GLU A 24 5.17 2.48 -9.14
C GLU A 24 3.70 2.14 -9.33
N LYS A 25 2.90 2.37 -8.29
CA LYS A 25 1.47 2.08 -8.34
C LYS A 25 0.67 3.25 -7.77
N HIS A 26 -0.65 3.12 -7.81
CA HIS A 26 -1.55 4.16 -7.30
C HIS A 26 -2.78 3.55 -6.65
N TYR A 27 -3.08 3.98 -5.43
CA TYR A 27 -4.24 3.47 -4.70
C TYR A 27 -4.99 4.61 -4.01
N HIS A 28 -6.21 4.32 -3.58
CA HIS A 28 -7.02 5.30 -2.89
C HIS A 28 -6.53 5.55 -1.48
N PRO A 29 -6.94 6.67 -0.88
CA PRO A 29 -6.55 7.04 0.49
C PRO A 29 -7.19 6.14 1.54
N SER A 30 -7.87 5.09 1.07
CA SER A 30 -8.53 4.15 1.98
C SER A 30 -8.28 2.72 1.53
N CYS A 31 -8.22 2.51 0.22
CA CYS A 31 -7.99 1.19 -0.33
C CYS A 31 -6.66 0.61 0.15
N ALA A 32 -5.62 1.44 0.11
CA ALA A 32 -4.30 1.02 0.54
C ALA A 32 -4.11 1.26 2.04
N LEU A 33 -4.07 0.18 2.81
CA LEU A 33 -3.90 0.28 4.25
C LEU A 33 -2.79 -0.66 4.73
N CYS A 34 -1.87 -0.12 5.52
CA CYS A 34 -0.76 -0.91 6.05
C CYS A 34 -1.21 -2.32 6.39
N VAL A 35 -0.73 -3.29 5.63
CA VAL A 35 -1.08 -4.69 5.84
C VAL A 35 -0.87 -5.09 7.31
N ARG A 36 0.15 -4.49 7.92
CA ARG A 36 0.47 -4.79 9.32
C ARG A 36 -0.65 -4.33 10.24
N CYS A 37 -0.75 -3.01 10.44
CA CYS A 37 -1.78 -2.44 11.29
C CYS A 37 -3.02 -2.07 10.49
N GLY A 38 -2.81 -1.42 9.35
CA GLY A 38 -3.92 -1.02 8.51
C GLY A 38 -4.33 0.42 8.72
N GLN A 39 -3.37 1.27 9.08
CA GLN A 39 -3.63 2.67 9.32
C GLN A 39 -3.40 3.49 8.05
N MET A 40 -4.37 4.35 7.73
CA MET A 40 -4.27 5.18 6.53
C MET A 40 -3.01 6.04 6.58
N PHE A 41 -2.68 6.65 5.44
CA PHE A 41 -1.50 7.50 5.34
C PHE A 41 -1.87 8.89 4.84
N ALA A 42 -0.85 9.67 4.49
CA ALA A 42 -1.07 11.03 3.99
C ALA A 42 -0.88 11.08 2.48
N GLU A 43 -0.65 12.29 1.96
CA GLU A 43 -0.44 12.49 0.54
C GLU A 43 1.03 12.65 0.20
N GLY A 44 1.89 11.92 0.93
CA GLY A 44 3.31 12.01 0.71
C GLY A 44 4.12 11.52 1.89
N GLU A 45 3.67 10.42 2.50
CA GLU A 45 4.36 9.85 3.64
C GLU A 45 5.53 8.99 3.21
N GLU A 46 6.55 8.89 4.07
CA GLU A 46 7.74 8.10 3.77
C GLU A 46 7.69 6.77 4.50
N MET A 47 7.64 5.68 3.74
CA MET A 47 7.60 4.33 4.31
C MET A 47 8.21 3.32 3.36
N TYR A 48 8.55 2.15 3.89
CA TYR A 48 9.14 1.09 3.08
C TYR A 48 8.08 0.38 2.25
N LEU A 49 8.47 -0.09 1.06
CA LEU A 49 7.56 -0.78 0.17
C LEU A 49 8.15 -2.12 -0.28
N GLN A 50 7.29 -3.13 -0.38
CA GLN A 50 7.73 -4.45 -0.81
C GLN A 50 6.71 -5.08 -1.75
N GLY A 51 7.19 -5.55 -2.91
CA GLY A 51 6.31 -6.16 -3.88
C GLY A 51 5.14 -5.27 -4.26
N SER A 52 4.04 -5.37 -3.50
CA SER A 52 2.85 -4.58 -3.77
C SER A 52 2.08 -4.31 -2.48
N SER A 53 2.81 -4.23 -1.37
CA SER A 53 2.20 -3.98 -0.07
C SER A 53 2.87 -2.80 0.63
N ILE A 54 2.06 -2.03 1.36
CA ILE A 54 2.57 -0.86 2.08
C ILE A 54 2.94 -1.23 3.52
N TRP A 55 4.23 -1.10 3.84
CA TRP A 55 4.71 -1.41 5.18
C TRP A 55 5.20 -0.16 5.88
N HIS A 56 4.65 0.11 7.06
CA HIS A 56 5.03 1.29 7.84
C HIS A 56 6.50 1.22 8.25
N PRO A 57 7.05 2.36 8.66
CA PRO A 57 8.46 2.45 9.09
C PRO A 57 8.70 1.74 10.41
N ALA A 58 7.71 1.77 11.30
CA ALA A 58 7.82 1.12 12.60
C ALA A 58 7.27 -0.30 12.55
N CYS A 59 6.21 -0.50 11.78
CA CYS A 59 5.58 -1.81 11.65
C CYS A 59 6.55 -2.81 10.99
N ARG A 60 6.94 -2.51 9.76
CA ARG A 60 7.85 -3.38 9.03
C ARG A 60 8.91 -3.97 9.95
N GLN A 61 9.57 -3.12 10.72
CA GLN A 61 10.60 -3.55 11.64
C GLN A 61 10.16 -4.80 12.40
N ALA A 62 8.96 -4.76 12.96
CA ALA A 62 8.42 -5.89 13.71
C ALA A 62 8.17 -7.08 12.79
N ALA A 63 7.70 -6.79 11.57
CA ALA A 63 7.41 -7.84 10.60
C ALA A 63 8.67 -8.23 9.83
N ARG A 64 9.79 -8.30 10.54
CA ARG A 64 11.06 -8.66 9.92
C ARG A 64 11.27 -10.17 9.95
N THR A 65 10.79 -10.81 11.01
CA THR A 65 10.92 -12.26 11.16
C THR A 65 9.55 -12.95 11.10
N GLU A 66 9.18 -13.39 9.89
CA GLU A 66 7.90 -14.06 9.70
C GLU A 66 7.91 -14.87 8.41
N ASP A 67 7.74 -16.19 8.54
CA ASP A 67 7.73 -17.07 7.39
C ASP A 67 8.93 -16.81 6.48
N SER A 68 10.07 -16.57 7.10
CA SER A 68 11.30 -16.29 6.35
C SER A 68 11.88 -17.58 5.77
N GLY A 69 12.07 -17.60 4.45
CA GLY A 69 12.61 -18.76 3.80
C GLY A 69 12.43 -18.73 2.29
N PRO A 70 13.55 -18.79 1.55
CA PRO A 70 13.53 -18.77 0.08
C PRO A 70 12.94 -20.03 -0.52
N SER A 71 11.73 -19.91 -1.07
CA SER A 71 11.05 -21.05 -1.67
C SER A 71 11.29 -21.10 -3.18
N SER A 72 12.52 -20.81 -3.58
CA SER A 72 12.88 -20.81 -4.99
C SER A 72 13.26 -22.21 -5.46
N GLY A 73 12.78 -22.58 -6.64
CA GLY A 73 13.07 -23.90 -7.19
C GLY A 73 13.22 -23.88 -8.69
ZN ZN B . -9.53 2.34 -4.73
ZN ZN C . 1.38 0.03 10.11
#